data_7DOK
#
_entry.id   7DOK
#
_cell.length_a   1.00
_cell.length_b   1.00
_cell.length_c   1.00
_cell.angle_alpha   90.00
_cell.angle_beta   90.00
_cell.angle_gamma   90.00
#
_symmetry.space_group_name_H-M   'P 1'
#
loop_
_entity.id
_entity.type
_entity.pdbx_description
1 polymer "RNA (5'-R(P*GP*CP*UP*AP*UP*GP*UP*GP*AP*GP*AP*UP*UP*AP*AP*GP*UP*UP*AP*U)-3')"
2 polymer "RNA (5'-R(P*CP*CP*CP*UP*AP*UP*AP*AP*CP*UP*UP*AP*AP*UP*CP*UP*CP*AP*CP*AP*UP*AP*GP*C)-3')"
3 polymer 'RNA-directed RNA polymerase'
4 polymer 'Non-structural protein 8'
5 polymer 'Non-structural protein 7'
6 non-polymer '[(2R)-4-(2-azanyl-6-oxidanylidene-3H-purin-9-yl)-2-(hydroxymethyl)butyl] dihydrogen phosphate'
7 non-polymer 'MAGNESIUM ION'
8 non-polymer 'ZINC ION'
9 non-polymer 'PYROPHOSPHATE 2-'
10 water water
#
loop_
_entity_poly.entity_id
_entity_poly.type
_entity_poly.pdbx_seq_one_letter_code
_entity_poly.pdbx_strand_id
1 'polyribonucleotide' GCUAUGUGAGAUUAAGUUAU P
2 'polyribonucleotide' CCCUAUAACUUAAUCUCACAUAGC T
3 'polypeptide(L)'
;MSADAQSFLNRVCGVSAARLTPCGTGTSTDVVYRAFDIYNDKVAGFAKFLKTNCCRFQEKDEDDNLIDSYFVVKRHTFSN
YQHEETIYNLLKDCPAVAKHDFFKFRIDGDMVPHISRQRLTKYTMADLVYALRHFDEGNCDTLKEILVTYNCCDDDYFNK
KDWYDFVENPDILRVYANLGERVRQALLKTVQFCDAMRNAGIVGVLTLDNQDLNGNWYDFGDFIQTTPGSGVPVVDSYYS
LLMPILTLTRALTAESHVDTDLTKPYIKWDLLKYDFTEERLKLFDRYFKYWDQTYHPNCVNCLDDRCILHCANFNVLFST
VFPPTSFGPLVRKIFVDGVPFVVSTGYHFRELGVVHNQDVNLHSSRLSFKELLVYAADPAMHAASGNLLLDKRTTCFSVA
ALTNNVAFQTVKPGNFNKDFYDFAVSKGFFKEGSSVELKHFFFAQDGNAAISDYDYYRYNLPTMCDIRQLLFVVEVVDKY
FDCYDGGCINANQVIVNNLDKSAGFPFNKWGKARLYYDSMSYEDQDALFAYTKRNVIPTITQMNLKYAISAKNRARTVAG
VSICSTMTNRQFHQKLLKSIAATRGATVVIGTSKFYGGWHNMLKTVYSDVENPHLMGWDYPKCDRAMPNMLRIMASLVLA
RKHTTCCSLSHRFYRLANECAQVLSEMVMCGGSLYVKPGGTSSGDATTAYANSVFNICQAVTANVNALLSTDGNKIADKY
VRNLQHRLYECLYRNRDVDTDFVNEFYAYLRKHFSMMILSDDAVVCFNSTYASQGLVASIKNFKSVLYYQNNVFMSEAKC
WTETDLTKGPHEFCSQHTMLVKQGDDYVYLPYPDPSRILGAGCFVDDIVKTDGTLMIERFVSLAIDAYPLTKHPNQEYAD
VFHLYLQYIRKLHDELTGHMLDMYSVMLTNDNTSRYWEPEFYEAMYTPHTVLQGGSENLYFQG
;
A
4 'polypeptide(L)'
;MAIASEFSSLPSYAAFATAQEAYEQAVANGDSEVVLKKLKKSLNVAKSEFDRDAAMQRKLEKMADQAMTQMYKQARSEDK
RAKVTSAMQTMLFTMLRKLDNDALNNIINNARDGCVPLNIIPLTTAAKLMVVIPDYNTYKNTCDGTTFTYASALWEIQQV
VDADSKIVQLSEISMDNSPNLAWPLIVTALRANSAVKLQ
;
B,G
5 'polypeptide(L)'
;MSKMSDVKCTSVVLLSVLQQLRVESSSKLWAQCVQLHNDILLAKDTTEAFEKMVSLLSVLLSMQGAVDINKLCEEMLDNR
ATLQ
;
C
#
# COMPACT_ATOMS: atom_id res chain seq x y z
N GLN C 6 -16.44 -17.26 -58.56
CA GLN C 6 -17.78 -17.67 -58.16
C GLN C 6 -17.88 -19.19 -58.11
N SER C 7 -17.11 -19.85 -58.98
CA SER C 7 -17.08 -21.31 -58.97
C SER C 7 -16.26 -21.84 -57.80
N PHE C 8 -15.43 -20.96 -57.22
CA PHE C 8 -14.60 -21.34 -56.05
C PHE C 8 -15.43 -21.10 -54.76
N LEU C 9 -16.34 -20.13 -54.81
CA LEU C 9 -17.16 -19.79 -53.65
C LEU C 9 -18.19 -20.88 -53.36
N ASN C 10 -18.83 -21.42 -54.40
CA ASN C 10 -19.82 -22.47 -54.17
C ASN C 10 -19.14 -23.80 -53.86
N ARG C 11 -17.91 -23.97 -54.34
CA ARG C 11 -17.16 -25.21 -54.03
C ARG C 11 -16.92 -25.21 -52.52
N VAL C 12 -16.59 -24.04 -51.97
CA VAL C 12 -16.28 -23.87 -50.51
C VAL C 12 -17.55 -24.08 -49.66
N CYS C 13 -18.73 -23.76 -50.20
CA CYS C 13 -19.98 -23.95 -49.43
C CYS C 13 -20.15 -25.43 -49.09
N GLY C 14 -19.88 -26.32 -50.04
CA GLY C 14 -19.97 -27.78 -49.78
C GLY C 14 -21.39 -28.29 -49.69
N VAL C 15 -21.57 -29.49 -49.12
CA VAL C 15 -22.90 -30.12 -48.95
C VAL C 15 -23.75 -29.23 -48.03
N SER C 16 -23.15 -28.70 -46.96
CA SER C 16 -23.88 -27.82 -46.02
C SER C 16 -24.31 -26.54 -46.75
N ALA C 17 -25.52 -26.05 -46.47
CA ALA C 17 -26.05 -24.85 -47.14
C ALA C 17 -25.71 -23.59 -46.33
N ALA C 18 -25.04 -22.63 -46.96
CA ALA C 18 -24.65 -21.37 -46.27
C ALA C 18 -24.45 -20.25 -47.30
N ARG C 19 -24.52 -18.99 -46.86
CA ARG C 19 -24.34 -17.80 -47.74
C ARG C 19 -22.95 -17.25 -47.47
N LEU C 20 -22.14 -17.02 -48.51
CA LEU C 20 -20.75 -16.53 -48.27
C LEU C 20 -20.47 -15.22 -49.00
N THR C 21 -19.44 -14.52 -48.52
CA THR C 21 -18.92 -13.28 -49.05
C THR C 21 -17.39 -13.33 -48.97
N PRO C 22 -16.68 -13.21 -50.09
CA PRO C 22 -15.21 -13.36 -50.08
C PRO C 22 -14.54 -12.14 -49.46
N CYS C 23 -13.82 -12.37 -48.34
CA CYS C 23 -13.06 -11.30 -47.71
C CYS C 23 -11.88 -10.88 -48.58
N GLY C 24 -11.12 -11.86 -49.08
CA GLY C 24 -10.08 -11.57 -50.04
C GLY C 24 -10.64 -11.33 -51.43
N THR C 25 -9.80 -10.79 -52.30
CA THR C 25 -10.20 -10.49 -53.67
C THR C 25 -9.88 -11.67 -54.59
N GLY C 26 -10.79 -11.93 -55.53
CA GLY C 26 -10.57 -12.95 -56.54
C GLY C 26 -10.54 -14.35 -55.95
N THR C 27 -9.63 -15.16 -56.50
CA THR C 27 -9.39 -16.54 -56.00
C THR C 27 -8.08 -16.53 -55.22
N SER C 28 -7.55 -15.33 -54.92
CA SER C 28 -6.30 -15.23 -54.20
C SER C 28 -6.55 -15.17 -52.69
N THR C 29 -5.46 -15.33 -51.93
CA THR C 29 -5.57 -15.31 -50.45
C THR C 29 -5.47 -13.87 -49.94
N ASP C 30 -5.71 -13.68 -48.66
CA ASP C 30 -5.65 -12.40 -47.98
C ASP C 30 -4.73 -12.51 -46.78
N VAL C 31 -3.99 -11.43 -46.52
CA VAL C 31 -3.08 -11.38 -45.37
C VAL C 31 -3.81 -10.74 -44.20
N VAL C 32 -3.69 -11.37 -43.04
CA VAL C 32 -4.24 -10.87 -41.79
C VAL C 32 -3.12 -10.78 -40.76
N TYR C 33 -3.26 -9.86 -39.81
CA TYR C 33 -2.25 -9.71 -38.77
C TYR C 33 -2.74 -10.34 -37.48
N ARG C 34 -2.33 -11.59 -37.24
CA ARG C 34 -2.77 -12.32 -36.07
C ARG C 34 -1.57 -12.64 -35.20
N ALA C 35 -1.86 -13.12 -33.99
CA ALA C 35 -0.84 -13.47 -33.02
C ALA C 35 -0.68 -14.99 -32.99
N PHE C 36 0.56 -15.45 -32.95
CA PHE C 36 0.84 -16.87 -33.04
C PHE C 36 1.81 -17.28 -31.95
N ASP C 37 1.54 -18.43 -31.35
CA ASP C 37 2.47 -19.12 -30.47
C ASP C 37 3.30 -20.06 -31.33
N ILE C 38 4.51 -19.66 -31.66
CA ILE C 38 5.34 -20.37 -32.61
C ILE C 38 6.58 -20.90 -31.90
N TYR C 39 7.12 -22.00 -32.39
CA TYR C 39 8.38 -22.56 -31.92
C TYR C 39 8.93 -23.47 -33.02
N ASN C 40 10.05 -23.05 -33.60
CA ASN C 40 10.66 -23.79 -34.69
C ASN C 40 12.11 -24.10 -34.33
N ASP C 41 12.85 -24.55 -35.33
CA ASP C 41 14.30 -24.69 -35.17
C ASP C 41 14.98 -23.34 -35.28
N LYS C 42 14.31 -22.36 -35.90
CA LYS C 42 14.95 -21.08 -36.19
C LYS C 42 14.28 -19.93 -35.44
N VAL C 43 12.99 -20.06 -35.13
CA VAL C 43 12.22 -18.95 -34.57
C VAL C 43 11.33 -19.48 -33.46
N ALA C 44 11.07 -18.62 -32.47
CA ALA C 44 10.20 -18.97 -31.36
C ALA C 44 9.56 -17.71 -30.82
N GLY C 45 8.54 -17.89 -29.99
CA GLY C 45 7.94 -16.81 -29.24
C GLY C 45 6.46 -16.64 -29.52
N PHE C 46 5.83 -15.83 -28.68
CA PHE C 46 4.41 -15.49 -28.78
C PHE C 46 4.31 -14.08 -29.36
N ALA C 47 4.26 -13.98 -30.67
CA ALA C 47 4.36 -12.69 -31.34
C ALA C 47 3.26 -12.55 -32.36
N LYS C 48 3.21 -11.37 -32.99
CA LYS C 48 2.26 -11.12 -34.06
C LYS C 48 2.95 -11.22 -35.41
N PHE C 49 2.59 -12.25 -36.19
CA PHE C 49 3.13 -12.46 -37.52
C PHE C 49 2.04 -12.22 -38.55
N LEU C 50 2.45 -12.04 -39.80
CA LEU C 50 1.52 -11.94 -40.90
C LEU C 50 1.16 -13.33 -41.41
N LYS C 51 -0.13 -13.59 -41.55
CA LYS C 51 -0.65 -14.89 -41.95
C LYS C 51 -0.98 -14.84 -43.44
N THR C 52 -0.32 -15.70 -44.22
CA THR C 52 -0.39 -15.67 -45.68
C THR C 52 -0.98 -16.97 -46.22
N ASN C 53 -1.04 -18.06 -45.38
CA ASN C 53 -1.39 -19.38 -45.91
C ASN C 53 -2.85 -19.46 -46.35
N CYS C 54 -3.74 -18.77 -45.67
CA CYS C 54 -5.16 -19.10 -45.74
C CYS C 54 -5.96 -17.99 -46.42
N CYS C 55 -7.19 -18.34 -46.82
CA CYS C 55 -8.16 -17.43 -47.39
C CYS C 55 -9.51 -17.64 -46.71
N ARG C 56 -10.09 -16.57 -46.19
CA ARG C 56 -11.26 -16.65 -45.31
C ARG C 56 -12.48 -16.04 -45.98
N PHE C 57 -13.62 -16.68 -45.79
CA PHE C 57 -14.88 -16.29 -46.41
C PHE C 57 -15.89 -15.94 -45.33
N GLN C 58 -16.44 -14.73 -45.40
CA GLN C 58 -17.42 -14.28 -44.43
C GLN C 58 -18.81 -14.86 -44.71
N GLU C 59 -19.46 -15.39 -43.68
CA GLU C 59 -20.82 -15.91 -43.78
C GLU C 59 -21.79 -14.83 -43.31
N LYS C 60 -22.97 -14.80 -43.91
CA LYS C 60 -24.00 -13.81 -43.58
C LYS C 60 -25.34 -14.51 -43.44
N ASP C 61 -26.20 -13.97 -42.57
CA ASP C 61 -27.48 -14.60 -42.27
C ASP C 61 -28.52 -14.34 -43.37
N GLU C 62 -29.68 -14.97 -43.26
CA GLU C 62 -30.75 -14.77 -44.23
C GLU C 62 -31.47 -13.44 -44.08
N ASP C 63 -31.13 -12.65 -43.06
CA ASP C 63 -31.53 -11.26 -42.98
C ASP C 63 -30.38 -10.32 -43.35
N ASP C 64 -29.29 -10.86 -43.89
CA ASP C 64 -28.26 -10.13 -44.63
C ASP C 64 -27.50 -9.11 -43.78
N ASN C 65 -26.95 -9.59 -42.67
CA ASN C 65 -25.87 -8.89 -41.98
C ASN C 65 -24.79 -9.89 -41.65
N LEU C 66 -23.55 -9.41 -41.56
CA LEU C 66 -22.41 -10.31 -41.54
C LEU C 66 -22.24 -10.88 -40.14
N ILE C 67 -22.15 -12.19 -40.04
CA ILE C 67 -22.11 -12.88 -38.75
C ILE C 67 -20.71 -13.45 -38.51
N ASP C 68 -20.51 -13.98 -37.30
CA ASP C 68 -19.20 -14.38 -36.81
C ASP C 68 -18.67 -15.64 -37.48
N SER C 69 -19.51 -16.37 -38.22
CA SER C 69 -19.05 -17.61 -38.85
C SER C 69 -18.17 -17.28 -40.05
N TYR C 70 -17.03 -17.96 -40.14
CA TYR C 70 -16.08 -17.78 -41.22
C TYR C 70 -15.79 -19.11 -41.88
N PHE C 71 -15.55 -19.10 -43.18
CA PHE C 71 -15.09 -20.25 -43.92
C PHE C 71 -13.68 -19.97 -44.41
N VAL C 72 -12.70 -20.61 -43.79
CA VAL C 72 -11.30 -20.32 -44.04
C VAL C 72 -10.64 -21.52 -44.73
N VAL C 73 -10.18 -21.31 -45.96
CA VAL C 73 -9.58 -22.36 -46.77
C VAL C 73 -8.07 -22.22 -46.70
N LYS C 74 -7.38 -23.34 -46.67
CA LYS C 74 -5.93 -23.35 -46.47
C LYS C 74 -5.25 -23.87 -47.73
N ARG C 75 -4.49 -23.01 -48.38
CA ARG C 75 -3.76 -23.35 -49.59
C ARG C 75 -2.32 -23.67 -49.21
N HIS C 76 -1.98 -24.95 -49.18
CA HIS C 76 -0.69 -25.39 -48.67
C HIS C 76 -0.07 -26.38 -49.65
N THR C 77 0.97 -27.07 -49.21
CA THR C 77 1.64 -28.06 -50.04
C THR C 77 0.81 -29.32 -50.18
N PHE C 78 1.25 -30.19 -51.08
CA PHE C 78 0.47 -31.38 -51.43
C PHE C 78 0.58 -32.45 -50.36
N SER C 79 1.75 -32.59 -49.74
CA SER C 79 1.94 -33.66 -48.75
C SER C 79 1.31 -33.29 -47.43
N ASN C 80 1.09 -32.00 -47.17
CA ASN C 80 0.37 -31.60 -45.97
C ASN C 80 -1.11 -31.97 -46.08
N TYR C 81 -1.61 -32.09 -47.31
CA TYR C 81 -3.02 -32.41 -47.52
C TYR C 81 -3.34 -33.85 -47.14
N GLN C 82 -2.50 -34.79 -47.60
CA GLN C 82 -2.71 -36.22 -47.29
C GLN C 82 -2.60 -36.45 -45.78
N HIS C 83 -1.57 -35.86 -45.15
CA HIS C 83 -1.33 -36.02 -43.70
C HIS C 83 -2.45 -35.39 -42.85
N GLU C 84 -2.87 -34.18 -43.21
CA GLU C 84 -3.94 -33.48 -42.43
C GLU C 84 -5.26 -34.24 -42.57
N GLU C 85 -5.56 -34.72 -43.78
CA GLU C 85 -6.82 -35.45 -44.06
C GLU C 85 -6.86 -36.73 -43.23
N THR C 86 -5.73 -37.44 -43.14
CA THR C 86 -5.66 -38.71 -42.37
C THR C 86 -5.92 -38.46 -40.88
N ILE C 87 -5.30 -37.43 -40.31
CA ILE C 87 -5.46 -37.11 -38.86
C ILE C 87 -6.92 -36.70 -38.57
N TYR C 88 -7.51 -35.90 -39.46
CA TYR C 88 -8.89 -35.44 -39.29
C TYR C 88 -9.85 -36.62 -39.28
N ASN C 89 -9.59 -37.66 -40.08
CA ASN C 89 -10.49 -38.81 -40.14
C ASN C 89 -10.40 -39.67 -38.89
N LEU C 90 -9.36 -39.49 -38.07
CA LEU C 90 -9.29 -40.22 -36.81
C LEU C 90 -9.89 -39.42 -35.66
N LEU C 91 -10.15 -38.14 -35.86
CA LEU C 91 -10.69 -37.28 -34.81
C LEU C 91 -12.06 -36.72 -35.18
N LYS C 92 -12.58 -37.09 -36.35
CA LYS C 92 -13.82 -36.47 -36.88
C LYS C 92 -15.00 -36.67 -35.92
N ASP C 93 -15.05 -37.81 -35.24
CA ASP C 93 -16.16 -38.13 -34.31
C ASP C 93 -16.15 -37.17 -33.10
N CYS C 94 -15.04 -36.51 -32.79
CA CYS C 94 -15.01 -35.71 -31.58
C CYS C 94 -15.78 -34.41 -31.79
N PRO C 95 -16.54 -33.94 -30.81
CA PRO C 95 -17.22 -32.63 -30.98
C PRO C 95 -16.31 -31.44 -30.72
N ALA C 96 -15.05 -31.66 -30.35
CA ALA C 96 -14.15 -30.55 -30.09
C ALA C 96 -13.48 -30.06 -31.37
N VAL C 97 -13.33 -30.94 -32.36
CA VAL C 97 -12.70 -30.55 -33.61
C VAL C 97 -13.71 -29.79 -34.47
N ALA C 98 -13.21 -28.84 -35.25
CA ALA C 98 -14.05 -28.15 -36.21
C ALA C 98 -14.32 -29.05 -37.41
N LYS C 99 -15.28 -28.63 -38.23
CA LYS C 99 -15.62 -29.37 -39.43
C LYS C 99 -14.61 -29.05 -40.53
N HIS C 100 -14.08 -30.08 -41.18
CA HIS C 100 -13.11 -29.92 -42.26
C HIS C 100 -13.68 -30.54 -43.53
N ASP C 101 -13.62 -29.76 -44.61
CA ASP C 101 -14.04 -30.28 -45.94
C ASP C 101 -12.80 -30.19 -46.84
N PHE C 102 -12.24 -31.33 -47.22
CA PHE C 102 -11.07 -31.37 -48.07
C PHE C 102 -11.51 -31.48 -49.53
N PHE C 103 -10.84 -30.75 -50.42
CA PHE C 103 -11.09 -30.86 -51.85
C PHE C 103 -9.88 -30.34 -52.60
N LYS C 104 -9.91 -30.52 -53.91
CA LYS C 104 -8.93 -29.94 -54.84
C LYS C 104 -9.69 -29.14 -55.89
N PHE C 105 -9.29 -27.89 -56.09
CA PHE C 105 -9.94 -26.99 -57.03
C PHE C 105 -8.90 -26.39 -57.95
N ARG C 106 -9.21 -26.32 -59.23
CA ARG C 106 -8.27 -25.82 -60.22
C ARG C 106 -8.14 -24.31 -60.12
N ILE C 107 -6.90 -23.85 -59.95
CA ILE C 107 -6.67 -22.38 -59.81
C ILE C 107 -6.13 -21.82 -61.13
N ASP C 108 -4.95 -22.26 -61.55
CA ASP C 108 -4.30 -21.70 -62.73
C ASP C 108 -4.00 -22.79 -63.76
N GLY C 109 -4.95 -23.71 -63.94
CA GLY C 109 -4.71 -24.91 -64.71
C GLY C 109 -4.24 -26.09 -63.89
N ASP C 110 -3.70 -25.86 -62.69
CA ASP C 110 -3.25 -26.91 -61.81
C ASP C 110 -4.27 -27.12 -60.71
N MET C 111 -4.48 -28.39 -60.33
CA MET C 111 -5.42 -28.66 -59.21
C MET C 111 -4.63 -28.37 -57.93
N VAL C 112 -5.12 -27.43 -57.11
CA VAL C 112 -4.41 -27.08 -55.84
C VAL C 112 -5.24 -27.61 -54.68
N PRO C 113 -4.69 -28.47 -53.80
CA PRO C 113 -5.46 -28.99 -52.68
C PRO C 113 -5.82 -27.87 -51.70
N HIS C 114 -7.09 -27.83 -51.30
CA HIS C 114 -7.57 -26.85 -50.34
C HIS C 114 -8.17 -27.56 -49.13
N ILE C 115 -7.89 -27.04 -47.94
CA ILE C 115 -8.50 -27.51 -46.70
C ILE C 115 -9.40 -26.41 -46.17
N SER C 116 -10.70 -26.58 -46.33
CA SER C 116 -11.67 -25.60 -45.88
C SER C 116 -12.10 -25.94 -44.46
N ARG C 117 -11.75 -25.07 -43.51
CA ARG C 117 -12.22 -25.18 -42.14
C ARG C 117 -13.45 -24.29 -42.01
N GLN C 118 -14.53 -24.84 -41.49
CA GLN C 118 -15.83 -24.18 -41.55
C GLN C 118 -16.29 -23.73 -40.17
N ARG C 119 -17.06 -22.64 -40.16
CA ARG C 119 -17.76 -22.10 -38.99
C ARG C 119 -16.79 -21.66 -37.90
N LEU C 120 -15.73 -20.98 -38.32
CA LEU C 120 -14.75 -20.42 -37.40
C LEU C 120 -15.07 -18.97 -37.08
N THR C 121 -14.54 -18.51 -35.96
CA THR C 121 -14.67 -17.11 -35.61
C THR C 121 -13.58 -16.30 -36.29
N LYS C 122 -13.60 -15.03 -36.14
CA LYS C 122 -12.58 -14.18 -36.74
C LYS C 122 -11.26 -14.31 -36.00
N TYR C 123 -11.30 -14.36 -34.68
CA TYR C 123 -10.11 -14.35 -33.85
C TYR C 123 -9.99 -15.68 -33.11
N THR C 124 -8.76 -16.09 -32.85
CA THR C 124 -8.49 -17.31 -32.12
C THR C 124 -8.34 -17.00 -30.63
N MET C 125 -7.99 -18.02 -29.85
CA MET C 125 -7.72 -17.81 -28.44
C MET C 125 -6.38 -17.08 -28.25
N ALA C 126 -5.46 -17.26 -29.20
CA ALA C 126 -4.17 -16.57 -29.12
C ALA C 126 -4.33 -15.07 -29.31
N ASP C 127 -5.33 -14.66 -30.10
CA ASP C 127 -5.58 -13.22 -30.28
C ASP C 127 -6.11 -12.61 -29.00
N LEU C 128 -6.96 -13.33 -28.28
CA LEU C 128 -7.48 -12.84 -27.00
C LEU C 128 -6.38 -12.77 -25.95
N VAL C 129 -5.57 -13.83 -25.86
CA VAL C 129 -4.50 -13.88 -24.86
C VAL C 129 -3.42 -12.84 -25.17
N TYR C 130 -3.15 -12.58 -26.44
CA TYR C 130 -2.19 -11.53 -26.79
C TYR C 130 -2.77 -10.16 -26.55
N ALA C 131 -4.07 -9.96 -26.80
CA ALA C 131 -4.65 -8.64 -26.64
C ALA C 131 -4.79 -8.27 -25.17
N LEU C 132 -4.87 -9.29 -24.30
CA LEU C 132 -4.98 -8.99 -22.87
C LEU C 132 -3.62 -9.02 -22.18
N ARG C 133 -2.65 -9.74 -22.74
CA ARG C 133 -1.35 -9.84 -22.08
C ARG C 133 -0.38 -8.80 -22.60
N HIS C 134 -0.69 -8.18 -23.73
CA HIS C 134 0.12 -7.13 -24.31
C HIS C 134 -0.68 -5.85 -24.50
N PHE C 135 -1.38 -5.44 -23.46
CA PHE C 135 -2.33 -4.33 -23.55
C PHE C 135 -1.61 -3.00 -23.76
N ASP C 136 -2.08 -2.25 -24.75
CA ASP C 136 -1.62 -0.90 -25.02
C ASP C 136 -2.83 -0.10 -25.46
N GLU C 137 -3.19 0.92 -24.66
CA GLU C 137 -4.31 1.77 -25.01
C GLU C 137 -3.94 2.65 -26.19
N GLY C 138 -4.90 2.87 -27.09
CA GLY C 138 -4.62 3.46 -28.37
C GLY C 138 -4.23 2.46 -29.44
N ASN C 139 -3.95 1.22 -29.06
CA ASN C 139 -3.62 0.13 -29.97
C ASN C 139 -4.32 -1.14 -29.54
N CYS C 140 -5.59 -1.04 -29.18
CA CYS C 140 -6.35 -2.15 -28.58
C CYS C 140 -7.60 -2.47 -29.38
N ASP C 141 -7.47 -2.55 -30.70
CA ASP C 141 -8.65 -2.70 -31.55
C ASP C 141 -9.14 -4.16 -31.58
N THR C 142 -8.23 -5.11 -31.38
CA THR C 142 -8.64 -6.52 -31.35
C THR C 142 -9.45 -6.83 -30.11
N LEU C 143 -9.04 -6.28 -28.96
CA LEU C 143 -9.79 -6.46 -27.72
C LEU C 143 -11.16 -5.79 -27.80
N LYS C 144 -11.22 -4.58 -28.37
CA LYS C 144 -12.49 -3.90 -28.58
C LYS C 144 -13.41 -4.68 -29.50
N GLU C 145 -12.84 -5.28 -30.55
CA GLU C 145 -13.64 -6.06 -31.49
C GLU C 145 -14.19 -7.33 -30.85
N ILE C 146 -13.38 -8.01 -30.03
CA ILE C 146 -13.87 -9.20 -29.32
C ILE C 146 -14.94 -8.82 -28.31
N LEU C 147 -14.77 -7.69 -27.62
CA LEU C 147 -15.71 -7.30 -26.57
C LEU C 147 -17.04 -6.85 -27.16
N VAL C 148 -16.99 -6.21 -28.33
CA VAL C 148 -18.23 -5.85 -29.07
C VAL C 148 -18.87 -7.11 -29.66
N THR C 149 -18.06 -8.08 -30.09
CA THR C 149 -18.57 -9.24 -30.83
C THR C 149 -19.31 -10.19 -29.90
N TYR C 150 -18.79 -10.41 -28.70
CA TYR C 150 -19.40 -11.39 -27.81
C TYR C 150 -20.21 -10.75 -26.68
N ASN C 151 -20.81 -9.58 -26.93
CA ASN C 151 -21.85 -8.97 -26.11
C ASN C 151 -21.38 -8.64 -24.69
N CYS C 152 -20.08 -8.40 -24.53
CA CYS C 152 -19.57 -7.97 -23.23
C CYS C 152 -19.89 -6.51 -22.98
N CYS C 153 -19.81 -5.71 -24.00
CA CYS C 153 -20.15 -4.30 -23.97
C CYS C 153 -20.27 -3.81 -25.39
N ASP C 154 -21.19 -2.89 -25.62
CA ASP C 154 -21.33 -2.32 -26.95
C ASP C 154 -20.29 -1.21 -27.16
N ASP C 155 -20.34 -0.59 -28.34
CA ASP C 155 -19.19 0.17 -28.82
C ASP C 155 -19.03 1.50 -28.11
N ASP C 156 -20.14 2.07 -27.61
CA ASP C 156 -20.04 3.37 -26.95
C ASP C 156 -19.61 3.24 -25.49
N TYR C 157 -19.58 2.03 -24.95
CA TYR C 157 -18.86 1.83 -23.66
C TYR C 157 -17.41 2.27 -23.82
N PHE C 158 -16.81 2.01 -24.97
CA PHE C 158 -15.39 2.38 -25.26
C PHE C 158 -15.17 3.90 -25.31
N ASN C 159 -16.22 4.67 -25.64
CA ASN C 159 -16.11 6.15 -25.74
C ASN C 159 -15.69 6.75 -24.40
N LYS C 160 -16.19 6.20 -23.30
CA LYS C 160 -15.89 6.72 -21.94
C LYS C 160 -14.38 6.66 -21.70
N LYS C 161 -13.83 7.73 -21.13
CA LYS C 161 -12.37 7.85 -20.83
C LYS C 161 -11.97 6.85 -19.75
N ASP C 162 -10.78 6.25 -19.90
CA ASP C 162 -10.21 5.27 -18.93
C ASP C 162 -11.16 4.09 -18.72
N TRP C 163 -11.79 3.58 -19.79
CA TRP C 163 -12.69 2.43 -19.65
C TRP C 163 -11.92 1.18 -19.23
N TYR C 164 -10.61 1.16 -19.49
CA TYR C 164 -9.79 -0.02 -19.28
C TYR C 164 -9.15 -0.04 -17.90
N ASP C 165 -9.18 1.09 -17.20
CA ASP C 165 -8.47 1.22 -15.94
C ASP C 165 -9.20 0.49 -14.83
N PHE C 166 -8.48 -0.38 -14.12
CA PHE C 166 -9.10 -1.14 -13.03
C PHE C 166 -9.35 -0.26 -11.81
N VAL C 167 -8.70 0.89 -11.75
CA VAL C 167 -8.83 1.77 -10.60
C VAL C 167 -9.84 2.88 -10.90
N GLU C 168 -9.77 3.45 -12.11
CA GLU C 168 -10.67 4.54 -12.46
C GLU C 168 -12.01 4.01 -12.97
N ASN C 169 -12.09 2.72 -13.27
CA ASN C 169 -13.32 2.12 -13.79
C ASN C 169 -13.40 0.65 -13.38
N PRO C 170 -13.89 0.30 -12.19
CA PRO C 170 -13.98 -1.11 -11.81
C PRO C 170 -15.10 -1.89 -12.49
N ASP C 171 -15.86 -1.29 -13.40
CA ASP C 171 -16.84 -2.02 -14.21
C ASP C 171 -16.17 -2.82 -15.33
N ILE C 172 -14.89 -2.57 -15.59
CA ILE C 172 -14.18 -3.31 -16.61
C ILE C 172 -13.95 -4.74 -16.16
N LEU C 173 -14.01 -4.99 -14.85
CA LEU C 173 -13.96 -6.37 -14.37
C LEU C 173 -15.22 -7.12 -14.73
N ARG C 174 -16.37 -6.45 -14.70
CA ARG C 174 -17.62 -7.07 -15.14
C ARG C 174 -17.62 -7.30 -16.64
N VAL C 175 -17.13 -6.32 -17.39
CA VAL C 175 -17.00 -6.45 -18.85
C VAL C 175 -16.08 -7.61 -19.22
N TYR C 176 -14.95 -7.74 -18.54
CA TYR C 176 -14.04 -8.85 -18.80
C TYR C 176 -14.59 -10.17 -18.29
N ALA C 177 -15.40 -10.14 -17.23
CA ALA C 177 -15.96 -11.36 -16.69
C ALA C 177 -17.12 -11.86 -17.53
N ASN C 178 -17.59 -11.06 -18.48
CA ASN C 178 -18.57 -11.55 -19.45
C ASN C 178 -17.96 -12.56 -20.43
N LEU C 179 -16.63 -12.60 -20.51
CA LEU C 179 -15.92 -13.54 -21.41
C LEU C 179 -15.56 -14.82 -20.65
N GLY C 180 -15.85 -14.86 -19.35
CA GLY C 180 -15.50 -16.03 -18.52
C GLY C 180 -16.20 -17.30 -18.96
N GLU C 181 -17.50 -17.21 -19.27
CA GLU C 181 -18.26 -18.41 -19.69
C GLU C 181 -17.68 -18.96 -21.00
N ARG C 182 -17.36 -18.08 -21.95
CA ARG C 182 -16.81 -18.51 -23.27
C ARG C 182 -15.45 -19.20 -23.05
N VAL C 183 -14.61 -18.62 -22.18
CA VAL C 183 -13.26 -19.19 -21.89
C VAL C 183 -13.42 -20.57 -21.25
N ARG C 184 -14.38 -20.71 -20.33
CA ARG C 184 -14.60 -22.00 -19.62
C ARG C 184 -15.00 -23.08 -20.65
N GLN C 185 -15.83 -22.71 -21.62
CA GLN C 185 -16.28 -23.66 -22.67
C GLN C 185 -15.06 -24.11 -23.48
N ALA C 186 -14.16 -23.19 -23.79
CA ALA C 186 -12.94 -23.51 -24.57
C ALA C 186 -12.09 -24.52 -23.81
N LEU C 187 -11.97 -24.35 -22.49
CA LEU C 187 -11.16 -25.29 -21.66
C LEU C 187 -11.77 -26.70 -21.73
N LEU C 188 -13.10 -26.78 -21.63
CA LEU C 188 -13.80 -28.11 -21.68
C LEU C 188 -13.54 -28.75 -23.04
N LYS C 189 -13.63 -27.96 -24.12
CA LYS C 189 -13.41 -28.47 -25.49
C LYS C 189 -11.96 -28.97 -25.62
N THR C 190 -11.02 -28.22 -25.04
CA THR C 190 -9.58 -28.61 -25.10
C THR C 190 -9.39 -29.96 -24.42
N VAL C 191 -10.05 -30.16 -23.27
CA VAL C 191 -9.95 -31.46 -22.53
C VAL C 191 -10.52 -32.56 -23.42
N GLN C 192 -11.65 -32.28 -24.08
CA GLN C 192 -12.30 -33.27 -24.99
C GLN C 192 -11.34 -33.59 -26.13
N PHE C 193 -10.67 -32.57 -26.69
CA PHE C 193 -9.75 -32.79 -27.79
C PHE C 193 -8.51 -33.58 -27.34
N CYS C 194 -8.07 -33.35 -26.10
CA CYS C 194 -6.93 -34.10 -25.57
C CYS C 194 -7.29 -35.56 -25.34
N ASP C 195 -8.51 -35.82 -24.85
CA ASP C 195 -8.96 -37.20 -24.69
C ASP C 195 -9.11 -37.90 -26.04
N ALA C 196 -9.56 -37.17 -27.06
CA ALA C 196 -9.66 -37.75 -28.40
C ALA C 196 -8.29 -38.00 -29.00
N MET C 197 -7.32 -37.14 -28.72
CA MET C 197 -5.95 -37.36 -29.19
C MET C 197 -5.32 -38.56 -28.50
N ARG C 198 -5.65 -38.77 -27.23
CA ARG C 198 -5.11 -39.93 -26.52
C ARG C 198 -5.74 -41.22 -27.04
N ASN C 199 -7.05 -41.20 -27.30
CA ASN C 199 -7.73 -42.44 -27.70
C ASN C 199 -7.39 -42.80 -29.15
N ALA C 200 -7.03 -41.80 -29.94
CA ALA C 200 -6.70 -42.01 -31.37
C ALA C 200 -5.19 -42.17 -31.55
N GLY C 201 -4.45 -42.32 -30.44
CA GLY C 201 -2.99 -42.49 -30.52
C GLY C 201 -2.33 -41.36 -31.30
N ILE C 202 -2.68 -40.11 -31.00
CA ILE C 202 -2.08 -38.95 -31.71
C ILE C 202 -1.30 -38.11 -30.70
N VAL C 203 -0.04 -37.79 -31.02
CA VAL C 203 0.81 -36.92 -30.14
C VAL C 203 0.94 -35.55 -30.82
N GLY C 204 1.32 -34.51 -30.08
CA GLY C 204 1.44 -33.20 -30.69
C GLY C 204 1.29 -32.11 -29.66
N VAL C 205 1.76 -30.92 -30.05
CA VAL C 205 1.69 -29.74 -29.19
C VAL C 205 0.38 -29.01 -29.50
N LEU C 206 -0.35 -28.66 -28.44
CA LEU C 206 -1.51 -27.81 -28.61
C LEU C 206 -1.11 -26.36 -28.36
N THR C 207 -1.46 -25.48 -29.30
CA THR C 207 -1.14 -24.08 -29.20
C THR C 207 -2.43 -23.27 -29.27
N LEU C 208 -2.34 -22.01 -28.86
CA LEU C 208 -3.54 -21.19 -28.71
C LEU C 208 -4.08 -20.73 -30.05
N ASP C 209 -3.23 -20.66 -31.08
CA ASP C 209 -3.68 -20.12 -32.36
C ASP C 209 -4.32 -21.19 -33.23
N ASN C 210 -4.44 -22.43 -32.77
CA ASN C 210 -5.15 -23.46 -33.48
C ASN C 210 -6.54 -23.70 -32.92
N GLN C 211 -6.99 -22.86 -32.00
CA GLN C 211 -8.31 -22.96 -31.40
C GLN C 211 -8.99 -21.61 -31.49
N ASP C 212 -10.19 -21.59 -32.08
CA ASP C 212 -10.93 -20.35 -32.22
C ASP C 212 -11.77 -20.10 -30.97
N LEU C 213 -12.46 -18.97 -30.94
CA LEU C 213 -13.14 -18.51 -29.74
C LEU C 213 -14.44 -19.26 -29.46
N ASN C 214 -14.86 -20.17 -30.32
CA ASN C 214 -15.90 -21.12 -29.97
C ASN C 214 -15.34 -22.37 -29.31
N GLY C 215 -14.02 -22.50 -29.28
CA GLY C 215 -13.37 -23.64 -28.68
C GLY C 215 -13.09 -24.80 -29.62
N ASN C 216 -13.20 -24.60 -30.94
CA ASN C 216 -13.01 -25.68 -31.88
C ASN C 216 -11.57 -25.72 -32.36
N TRP C 217 -11.09 -26.93 -32.65
CA TRP C 217 -9.68 -27.18 -32.92
C TRP C 217 -9.46 -27.53 -34.38
N TYR C 218 -8.26 -27.23 -34.86
CA TYR C 218 -7.87 -27.50 -36.24
C TYR C 218 -6.34 -27.52 -36.32
N ASP C 219 -5.81 -27.44 -37.55
CA ASP C 219 -4.36 -27.38 -37.84
C ASP C 219 -3.60 -28.60 -37.33
N PHE C 220 -3.85 -29.75 -37.96
CA PHE C 220 -3.10 -30.97 -37.66
C PHE C 220 -1.91 -31.09 -38.61
N GLY C 221 -1.02 -30.10 -38.52
CA GLY C 221 0.15 -30.07 -39.38
C GLY C 221 1.32 -30.85 -38.80
N ASP C 222 1.63 -30.58 -37.53
CA ASP C 222 2.76 -31.23 -36.87
C ASP C 222 2.37 -32.50 -36.14
N PHE C 223 1.07 -32.87 -36.22
CA PHE C 223 0.59 -34.08 -35.51
C PHE C 223 1.16 -35.35 -36.18
N ILE C 224 1.63 -36.30 -35.37
CA ILE C 224 2.16 -37.60 -35.88
C ILE C 224 1.45 -38.75 -35.17
N GLN C 225 1.03 -39.77 -35.93
CA GLN C 225 0.28 -40.94 -35.40
C GLN C 225 1.18 -41.86 -34.56
N THR C 226 0.54 -42.65 -33.68
CA THR C 226 1.22 -43.63 -32.80
C THR C 226 0.20 -44.70 -32.36
N THR C 227 0.66 -45.73 -31.66
CA THR C 227 -0.22 -46.83 -31.16
C THR C 227 -1.49 -46.24 -30.52
N PRO C 228 -2.71 -46.65 -30.93
CA PRO C 228 -3.94 -46.12 -30.36
C PRO C 228 -4.00 -46.38 -28.85
N GLY C 229 -4.52 -45.41 -28.08
CA GLY C 229 -4.58 -45.54 -26.65
C GLY C 229 -3.35 -45.06 -25.92
N SER C 230 -2.32 -44.67 -26.66
CA SER C 230 -1.05 -44.18 -26.05
C SER C 230 -0.58 -42.91 -26.76
N GLY C 231 -1.40 -41.85 -26.71
CA GLY C 231 -1.04 -40.56 -27.33
C GLY C 231 -0.87 -39.48 -26.29
N VAL C 232 0.27 -38.78 -26.30
CA VAL C 232 0.52 -37.69 -25.30
C VAL C 232 0.52 -36.35 -26.03
N PRO C 233 -0.39 -35.41 -25.69
CA PRO C 233 -0.41 -34.08 -26.31
C PRO C 233 0.24 -33.09 -25.33
N VAL C 234 1.14 -32.24 -25.82
CA VAL C 234 1.85 -31.25 -24.96
C VAL C 234 0.94 -30.01 -24.80
N VAL C 235 0.53 -29.71 -23.57
CA VAL C 235 -0.38 -28.56 -23.29
C VAL C 235 0.28 -27.57 -22.32
N ASP C 236 1.57 -27.72 -22.03
CA ASP C 236 2.28 -26.83 -21.08
C ASP C 236 2.20 -25.36 -21.53
N SER C 237 2.49 -25.11 -22.80
CA SER C 237 2.50 -23.76 -23.36
C SER C 237 1.10 -23.18 -23.46
N TYR C 238 0.12 -24.00 -23.86
CA TYR C 238 -1.26 -23.58 -24.00
C TYR C 238 -1.84 -23.11 -22.67
N TYR C 239 -1.79 -23.98 -21.66
CA TYR C 239 -2.37 -23.68 -20.37
C TYR C 239 -1.62 -22.56 -19.66
N SER C 240 -0.28 -22.55 -19.76
CA SER C 240 0.48 -21.54 -19.04
C SER C 240 0.34 -20.17 -19.68
N LEU C 241 0.20 -20.11 -21.00
CA LEU C 241 -0.08 -18.83 -21.64
C LEU C 241 -1.49 -18.36 -21.34
N LEU C 242 -2.43 -19.29 -21.19
CA LEU C 242 -3.81 -18.94 -20.92
C LEU C 242 -4.07 -18.57 -19.46
N MET C 243 -3.18 -18.94 -18.54
CA MET C 243 -3.45 -18.82 -17.09
C MET C 243 -3.82 -17.45 -16.53
N PRO C 244 -3.26 -16.29 -16.98
CA PRO C 244 -3.79 -15.03 -16.44
C PRO C 244 -5.19 -14.69 -16.89
N ILE C 245 -5.59 -15.21 -18.05
CA ILE C 245 -6.91 -14.91 -18.62
C ILE C 245 -8.00 -15.60 -17.82
N LEU C 246 -7.65 -16.71 -17.15
CA LEU C 246 -8.63 -17.48 -16.40
C LEU C 246 -9.13 -16.72 -15.18
N THR C 247 -8.28 -15.87 -14.60
CA THR C 247 -8.73 -15.08 -13.46
C THR C 247 -9.11 -13.67 -13.87
N LEU C 248 -8.56 -13.17 -14.98
CA LEU C 248 -8.96 -11.85 -15.44
C LEU C 248 -10.39 -11.88 -15.98
N THR C 249 -10.78 -12.98 -16.63
CA THR C 249 -12.13 -13.11 -17.13
C THR C 249 -13.02 -13.94 -16.21
N ARG C 250 -12.47 -14.45 -15.10
CA ARG C 250 -13.19 -15.23 -14.08
C ARG C 250 -13.94 -16.41 -14.70
N ALA C 251 -13.18 -17.32 -15.28
CA ALA C 251 -13.78 -18.36 -16.11
C ALA C 251 -14.53 -19.41 -15.30
N LEU C 252 -14.09 -19.66 -14.07
CA LEU C 252 -14.69 -20.69 -13.25
C LEU C 252 -15.81 -20.16 -12.36
N THR C 253 -16.48 -19.07 -12.75
CA THR C 253 -17.54 -18.53 -11.93
C THR C 253 -18.79 -19.39 -11.99
N ALA C 254 -18.92 -20.22 -13.01
CA ALA C 254 -20.07 -21.11 -13.11
C ALA C 254 -19.95 -22.29 -12.18
N GLU C 255 -18.75 -22.54 -11.65
CA GLU C 255 -18.52 -23.72 -10.82
C GLU C 255 -19.14 -23.58 -9.44
N SER C 256 -19.46 -22.34 -9.04
CA SER C 256 -20.08 -22.14 -7.73
C SER C 256 -21.59 -22.30 -7.81
N HIS C 257 -22.13 -22.53 -9.01
CA HIS C 257 -23.56 -22.74 -9.16
C HIS C 257 -23.90 -24.22 -9.14
N VAL C 258 -25.20 -24.52 -9.07
CA VAL C 258 -25.66 -25.90 -9.12
C VAL C 258 -25.53 -26.39 -10.56
N ASP C 259 -24.93 -27.58 -10.71
CA ASP C 259 -24.73 -28.29 -11.98
C ASP C 259 -23.88 -27.52 -12.98
N THR C 260 -23.12 -26.51 -12.50
CA THR C 260 -22.32 -25.60 -13.31
C THR C 260 -23.13 -24.96 -14.44
N ASP C 261 -24.19 -24.25 -14.05
CA ASP C 261 -25.04 -23.55 -15.00
C ASP C 261 -25.37 -22.18 -14.44
N LEU C 262 -25.26 -21.14 -15.27
CA LEU C 262 -25.35 -19.77 -14.79
C LEU C 262 -26.77 -19.36 -14.43
N THR C 263 -27.77 -20.15 -14.79
CA THR C 263 -29.15 -19.83 -14.44
C THR C 263 -29.55 -20.40 -13.09
N LYS C 264 -28.88 -21.47 -12.65
CA LYS C 264 -29.20 -22.10 -11.39
C LYS C 264 -28.74 -21.23 -10.22
N PRO C 265 -29.31 -21.44 -9.02
CA PRO C 265 -28.79 -20.73 -7.85
C PRO C 265 -27.42 -21.24 -7.39
N TYR C 266 -26.84 -20.59 -6.40
CA TYR C 266 -25.51 -20.97 -5.93
C TYR C 266 -25.59 -22.23 -5.09
N ILE C 267 -24.46 -22.90 -4.98
CA ILE C 267 -24.33 -24.03 -4.06
C ILE C 267 -24.29 -23.49 -2.64
N LYS C 268 -25.07 -24.10 -1.75
CA LYS C 268 -25.03 -23.74 -0.35
C LYS C 268 -24.20 -24.79 0.38
N TRP C 269 -22.93 -24.47 0.62
CA TRP C 269 -22.06 -25.38 1.32
C TRP C 269 -22.37 -25.37 2.81
N ASP C 270 -21.91 -26.40 3.51
CA ASP C 270 -21.96 -26.40 4.96
C ASP C 270 -21.02 -25.34 5.49
N LEU C 271 -21.49 -24.56 6.47
CA LEU C 271 -20.68 -23.49 7.02
C LEU C 271 -19.52 -24.04 7.84
N LEU C 272 -19.65 -25.26 8.37
CA LEU C 272 -18.59 -25.86 9.15
C LEU C 272 -17.48 -26.41 8.25
N LYS C 273 -17.74 -26.51 6.96
CA LYS C 273 -16.81 -27.18 6.06
C LYS C 273 -15.68 -26.24 5.67
N TYR C 274 -14.45 -26.75 5.74
CA TYR C 274 -13.28 -25.97 5.37
C TYR C 274 -12.29 -26.70 4.48
N ASP C 275 -12.44 -28.01 4.26
CA ASP C 275 -11.34 -28.78 3.70
C ASP C 275 -11.22 -28.55 2.19
N PHE C 276 -12.24 -28.95 1.43
CA PHE C 276 -12.35 -28.73 -0.02
C PHE C 276 -11.19 -29.33 -0.80
N THR C 277 -10.60 -30.42 -0.30
CA THR C 277 -9.48 -31.05 -1.00
C THR C 277 -9.97 -31.84 -2.21
N GLU C 278 -11.02 -32.64 -2.04
CA GLU C 278 -11.56 -33.42 -3.14
C GLU C 278 -12.22 -32.53 -4.18
N GLU C 279 -12.75 -31.38 -3.76
CA GLU C 279 -13.31 -30.42 -4.71
C GLU C 279 -12.23 -29.79 -5.56
N ARG C 280 -11.08 -29.48 -4.96
CA ARG C 280 -9.94 -28.97 -5.72
C ARG C 280 -9.40 -30.02 -6.68
N LEU C 281 -9.37 -31.27 -6.24
CA LEU C 281 -8.92 -32.36 -7.10
C LEU C 281 -9.87 -32.58 -8.27
N LYS C 282 -11.19 -32.44 -8.03
CA LYS C 282 -12.16 -32.58 -9.11
C LYS C 282 -12.08 -31.42 -10.09
N LEU C 283 -11.82 -30.21 -9.58
CA LEU C 283 -11.64 -29.06 -10.47
C LEU C 283 -10.41 -29.22 -11.35
N PHE C 284 -9.30 -29.71 -10.76
CA PHE C 284 -8.10 -29.97 -11.54
C PHE C 284 -8.32 -31.08 -12.55
N ASP C 285 -9.03 -32.15 -12.15
CA ASP C 285 -9.28 -33.27 -13.04
C ASP C 285 -10.20 -32.88 -14.19
N ARG C 286 -11.11 -31.93 -13.95
CA ARG C 286 -12.00 -31.50 -15.02
C ARG C 286 -11.29 -30.57 -16.00
N TYR C 287 -10.57 -29.57 -15.49
CA TYR C 287 -10.09 -28.52 -16.38
C TYR C 287 -8.66 -28.69 -16.86
N PHE C 288 -7.78 -29.28 -16.06
CA PHE C 288 -6.36 -29.37 -16.37
C PHE C 288 -5.92 -30.83 -16.31
N LYS C 289 -6.67 -31.68 -17.00
CA LYS C 289 -6.50 -33.12 -16.89
C LYS C 289 -5.17 -33.59 -17.46
N TYR C 290 -4.73 -32.94 -18.53
CA TYR C 290 -3.47 -33.35 -19.22
C TYR C 290 -2.26 -32.53 -18.77
N TRP C 291 -2.32 -31.96 -17.57
CA TRP C 291 -1.16 -31.21 -17.03
C TRP C 291 -0.28 -32.25 -16.33
N ASP C 292 0.90 -32.51 -16.87
CA ASP C 292 1.82 -33.57 -16.38
C ASP C 292 2.33 -33.32 -14.96
N GLN C 293 2.64 -32.08 -14.60
CA GLN C 293 3.19 -31.81 -13.24
C GLN C 293 2.14 -32.17 -12.18
N THR C 294 2.58 -32.82 -11.10
CA THR C 294 1.68 -33.24 -9.99
C THR C 294 1.16 -32.00 -9.25
N TYR C 295 -0.13 -32.00 -8.91
CA TYR C 295 -0.75 -30.90 -8.20
C TYR C 295 -1.10 -31.34 -6.80
N HIS C 296 -0.58 -30.63 -5.80
CA HIS C 296 -0.91 -30.87 -4.40
C HIS C 296 -1.91 -29.83 -3.94
N PRO C 297 -3.11 -30.21 -3.53
CA PRO C 297 -4.08 -29.20 -3.06
C PRO C 297 -3.65 -28.52 -1.78
N ASN C 298 -2.98 -29.25 -0.90
CA ASN C 298 -2.38 -28.69 0.29
C ASN C 298 -0.89 -28.59 0.07
N CYS C 299 -0.35 -27.37 0.18
CA CYS C 299 1.06 -27.14 -0.11
C CYS C 299 1.99 -27.57 1.02
N VAL C 300 1.47 -28.21 2.07
CA VAL C 300 2.33 -28.82 3.08
C VAL C 300 3.00 -30.07 2.51
N ASN C 301 2.41 -30.66 1.46
CA ASN C 301 2.95 -31.85 0.82
C ASN C 301 3.81 -31.54 -0.39
N CYS C 302 4.24 -30.31 -0.58
CA CYS C 302 5.05 -29.99 -1.75
C CYS C 302 6.50 -30.37 -1.53
N LEU C 303 7.30 -30.30 -2.60
CA LEU C 303 8.64 -30.88 -2.56
C LEU C 303 9.73 -29.83 -2.42
N ASP C 304 9.52 -28.66 -3.01
CA ASP C 304 10.42 -27.53 -2.80
C ASP C 304 9.59 -26.25 -2.91
N ASP C 305 10.29 -25.12 -3.09
CA ASP C 305 9.57 -23.86 -3.23
C ASP C 305 9.04 -23.68 -4.65
N ARG C 306 9.68 -24.33 -5.63
CA ARG C 306 9.17 -24.29 -7.01
C ARG C 306 7.84 -25.03 -7.11
N CYS C 307 7.73 -26.17 -6.44
CA CYS C 307 6.46 -26.88 -6.39
C CYS C 307 5.42 -26.12 -5.57
N ILE C 308 5.85 -25.42 -4.52
CA ILE C 308 4.95 -24.59 -3.73
C ILE C 308 4.35 -23.49 -4.59
N LEU C 309 5.16 -22.87 -5.43
CA LEU C 309 4.65 -21.84 -6.34
C LEU C 309 3.71 -22.42 -7.38
N HIS C 310 4.08 -23.57 -7.96
CA HIS C 310 3.26 -24.20 -8.98
C HIS C 310 1.90 -24.64 -8.44
N CYS C 311 1.84 -25.11 -7.20
CA CYS C 311 0.57 -25.55 -6.64
C CYS C 311 -0.25 -24.42 -6.05
N ALA C 312 0.42 -23.38 -5.54
CA ALA C 312 -0.30 -22.22 -5.05
C ALA C 312 -0.93 -21.44 -6.19
N ASN C 313 -0.33 -21.50 -7.39
CA ASN C 313 -0.94 -20.87 -8.56
C ASN C 313 -2.26 -21.54 -8.95
N PHE C 314 -2.38 -22.85 -8.72
CA PHE C 314 -3.65 -23.51 -8.98
C PHE C 314 -4.63 -23.28 -7.84
N ASN C 315 -4.10 -23.11 -6.63
CA ASN C 315 -4.96 -22.85 -5.48
C ASN C 315 -5.62 -21.48 -5.55
N VAL C 316 -4.93 -20.47 -6.10
CA VAL C 316 -5.55 -19.15 -6.18
C VAL C 316 -6.67 -19.13 -7.22
N LEU C 317 -6.61 -20.01 -8.21
CA LEU C 317 -7.71 -20.13 -9.16
C LEU C 317 -8.87 -20.90 -8.54
N PHE C 318 -8.57 -22.02 -7.89
CA PHE C 318 -9.66 -22.86 -7.39
C PHE C 318 -10.28 -22.31 -6.12
N SER C 319 -9.64 -21.34 -5.47
CA SER C 319 -10.19 -20.80 -4.23
C SER C 319 -11.25 -19.73 -4.51
N THR C 320 -11.37 -19.30 -5.76
CA THR C 320 -12.40 -18.32 -6.11
C THR C 320 -13.78 -18.97 -6.15
N VAL C 321 -13.82 -20.31 -6.18
CA VAL C 321 -15.08 -21.04 -6.24
C VAL C 321 -15.68 -21.19 -4.85
N PHE C 322 -14.83 -21.35 -3.84
CA PHE C 322 -15.27 -21.78 -2.52
C PHE C 322 -15.70 -20.58 -1.68
N PRO C 323 -16.56 -20.78 -0.67
CA PRO C 323 -17.11 -19.64 0.07
C PRO C 323 -16.05 -19.00 0.95
N PRO C 324 -16.13 -17.68 1.14
CA PRO C 324 -15.06 -16.98 1.88
C PRO C 324 -15.08 -17.19 3.38
N THR C 325 -16.13 -17.80 3.93
CA THR C 325 -16.14 -18.07 5.36
C THR C 325 -15.33 -19.30 5.72
N SER C 326 -14.87 -20.06 4.72
CA SER C 326 -14.12 -21.27 5.00
C SER C 326 -12.65 -20.98 5.21
N PHE C 327 -12.18 -19.84 4.73
CA PHE C 327 -10.76 -19.52 4.81
C PHE C 327 -10.46 -18.78 6.11
N GLY C 328 -9.22 -18.93 6.57
CA GLY C 328 -8.80 -18.27 7.79
C GLY C 328 -8.40 -19.24 8.86
N PRO C 329 -8.37 -18.78 10.11
CA PRO C 329 -7.97 -19.66 11.22
C PRO C 329 -9.00 -20.74 11.48
N LEU C 330 -8.50 -21.95 11.77
CA LEU C 330 -9.35 -23.09 12.08
C LEU C 330 -9.24 -23.35 13.57
N VAL C 331 -10.34 -23.15 14.29
CA VAL C 331 -10.33 -23.10 15.74
C VAL C 331 -10.83 -24.43 16.29
N ARG C 332 -10.44 -24.73 17.53
CA ARG C 332 -10.83 -26.02 18.18
C ARG C 332 -10.99 -25.80 19.69
N LYS C 333 -11.76 -26.67 20.35
CA LYS C 333 -11.96 -26.55 21.82
C LYS C 333 -10.73 -27.10 22.54
N ILE C 334 -10.11 -26.27 23.38
CA ILE C 334 -8.89 -26.64 24.14
C ILE C 334 -9.22 -26.49 25.63
N PHE C 335 -8.89 -27.49 26.44
CA PHE C 335 -9.24 -27.38 27.87
C PHE C 335 -8.03 -27.02 28.74
N VAL C 336 -8.01 -25.77 29.20
CA VAL C 336 -7.00 -25.30 30.15
C VAL C 336 -7.69 -25.18 31.50
N ASP C 337 -7.10 -25.81 32.52
CA ASP C 337 -7.59 -25.84 33.91
C ASP C 337 -8.99 -26.46 34.03
N GLY C 338 -9.37 -27.32 33.08
CA GLY C 338 -10.73 -27.80 33.02
C GLY C 338 -11.72 -26.81 32.44
N VAL C 339 -11.26 -25.65 32.00
CA VAL C 339 -12.11 -24.60 31.42
C VAL C 339 -11.90 -24.61 29.92
N PRO C 340 -12.96 -24.65 29.10
CA PRO C 340 -12.77 -24.71 27.66
C PRO C 340 -12.32 -23.37 27.08
N PHE C 341 -11.34 -23.42 26.18
CA PHE C 341 -10.89 -22.26 25.42
C PHE C 341 -11.28 -22.45 23.97
N VAL C 342 -11.15 -21.39 23.18
CA VAL C 342 -11.22 -21.47 21.74
C VAL C 342 -9.91 -20.89 21.19
N VAL C 343 -9.03 -21.79 20.75
CA VAL C 343 -7.70 -21.39 20.21
C VAL C 343 -7.61 -21.85 18.76
N SER C 344 -6.78 -21.20 17.95
CA SER C 344 -6.67 -21.61 16.53
C SER C 344 -5.58 -22.67 16.37
N THR C 345 -5.98 -23.89 16.02
CA THR C 345 -5.07 -25.00 15.82
C THR C 345 -4.87 -25.35 14.35
N GLY C 346 -4.86 -24.37 13.47
CA GLY C 346 -4.72 -24.62 12.05
C GLY C 346 -5.00 -23.35 11.29
N TYR C 347 -5.02 -23.49 9.97
CA TYR C 347 -5.31 -22.38 9.05
C TYR C 347 -5.63 -22.93 7.69
N HIS C 348 -6.68 -22.39 7.06
CA HIS C 348 -7.04 -22.74 5.69
C HIS C 348 -6.71 -21.55 4.80
N PHE C 349 -5.67 -21.68 4.00
CA PHE C 349 -5.16 -20.60 3.18
C PHE C 349 -5.84 -20.62 1.83
N ARG C 350 -5.99 -19.44 1.22
CA ARG C 350 -6.45 -19.37 -0.16
C ARG C 350 -5.39 -19.87 -1.11
N GLU C 351 -4.12 -19.77 -0.72
CA GLU C 351 -3.00 -20.09 -1.57
C GLU C 351 -2.31 -21.40 -1.21
N LEU C 352 -2.26 -21.76 0.07
CA LEU C 352 -1.48 -22.88 0.53
C LEU C 352 -2.34 -24.06 0.99
N GLY C 353 -3.65 -24.00 0.82
CA GLY C 353 -4.48 -25.10 1.23
C GLY C 353 -4.67 -25.14 2.73
N VAL C 354 -4.90 -26.35 3.23
CA VAL C 354 -5.15 -26.55 4.65
C VAL C 354 -3.84 -26.88 5.36
N VAL C 355 -3.54 -26.12 6.41
CA VAL C 355 -2.34 -26.30 7.20
C VAL C 355 -2.76 -26.56 8.63
N HIS C 356 -2.25 -27.64 9.23
CA HIS C 356 -2.62 -28.06 10.57
C HIS C 356 -1.44 -27.90 11.51
N ASN C 357 -1.68 -27.28 12.67
CA ASN C 357 -0.65 -27.14 13.67
C ASN C 357 -0.33 -28.49 14.30
N GLN C 358 0.97 -28.77 14.47
CA GLN C 358 1.37 -30.07 14.98
C GLN C 358 1.33 -30.12 16.50
N ASP C 359 1.93 -29.13 17.16
CA ASP C 359 2.05 -29.14 18.62
C ASP C 359 0.79 -28.53 19.24
N VAL C 360 -0.29 -29.31 19.28
CA VAL C 360 -1.47 -28.94 20.04
C VAL C 360 -1.62 -29.91 21.20
N ASN C 361 -2.25 -29.44 22.27
CA ASN C 361 -2.56 -30.28 23.47
C ASN C 361 -4.03 -30.06 23.83
N LEU C 362 -4.83 -31.12 23.89
CA LEU C 362 -6.27 -30.97 24.21
C LEU C 362 -6.44 -30.40 25.62
N HIS C 363 -5.65 -30.88 26.59
CA HIS C 363 -5.76 -30.41 28.00
C HIS C 363 -4.40 -29.89 28.50
N SER C 364 -4.40 -28.70 29.11
CA SER C 364 -3.16 -28.09 29.66
C SER C 364 -3.38 -27.78 31.15
N SER C 365 -2.50 -28.30 32.02
CA SER C 365 -2.60 -28.05 33.48
C SER C 365 -2.46 -26.55 33.79
N ARG C 366 -1.58 -25.87 33.06
CA ARG C 366 -1.34 -24.42 33.23
C ARG C 366 -0.85 -23.84 31.89
N LEU C 367 -0.69 -22.51 31.82
CA LEU C 367 -0.23 -21.87 30.56
C LEU C 367 1.12 -21.16 30.78
N SER C 368 2.12 -21.52 29.98
CA SER C 368 3.47 -20.89 30.04
C SER C 368 3.42 -19.50 29.42
N PHE C 369 4.34 -18.61 29.81
CA PHE C 369 4.35 -17.27 29.24
C PHE C 369 4.27 -17.31 27.73
N LYS C 370 4.85 -18.35 27.12
CA LYS C 370 4.77 -18.48 25.67
C LYS C 370 3.38 -18.91 25.24
N GLU C 371 2.73 -19.79 26.02
CA GLU C 371 1.37 -20.21 25.69
C GLU C 371 0.38 -19.07 25.88
N LEU C 372 0.55 -18.28 26.94
CA LEU C 372 -0.26 -17.09 27.11
C LEU C 372 -0.01 -16.07 26.01
N LEU C 373 1.24 -16.01 25.53
CA LEU C 373 1.60 -15.03 24.51
C LEU C 373 0.98 -15.38 23.17
N VAL C 374 0.89 -16.67 22.86
CA VAL C 374 0.32 -17.06 21.56
C VAL C 374 -1.19 -17.22 21.67
N TYR C 375 -1.74 -17.31 22.89
CA TYR C 375 -3.19 -17.32 23.01
C TYR C 375 -3.75 -15.90 23.04
N ALA C 376 -2.96 -14.94 23.51
CA ALA C 376 -3.41 -13.56 23.49
C ALA C 376 -3.30 -12.97 22.08
N ALA C 377 -2.28 -13.38 21.33
CA ALA C 377 -2.11 -12.85 19.98
C ALA C 377 -3.09 -13.49 19.01
N ASP C 378 -3.66 -14.62 19.38
CA ASP C 378 -4.60 -15.35 18.54
C ASP C 378 -5.88 -14.54 18.35
N PRO C 379 -6.39 -14.40 17.12
CA PRO C 379 -7.67 -13.73 16.92
C PRO C 379 -8.88 -14.57 17.28
N ALA C 380 -8.68 -15.82 17.67
CA ALA C 380 -9.80 -16.73 17.94
C ALA C 380 -10.58 -16.31 19.18
N MET C 381 -9.87 -15.95 20.24
CA MET C 381 -10.56 -15.57 21.48
C MET C 381 -11.21 -14.20 21.34
N HIS C 382 -10.61 -13.30 20.57
CA HIS C 382 -11.19 -11.98 20.38
C HIS C 382 -12.40 -12.03 19.45
N ALA C 383 -12.36 -12.90 18.44
CA ALA C 383 -13.48 -12.98 17.50
C ALA C 383 -14.61 -13.84 18.04
N ALA C 384 -14.29 -14.80 18.90
CA ALA C 384 -15.31 -15.72 19.40
C ALA C 384 -16.11 -15.11 20.54
N SER C 385 -15.65 -13.97 21.06
CA SER C 385 -16.40 -13.30 22.13
C SER C 385 -16.99 -12.00 21.65
N GLY C 386 -16.56 -11.51 20.49
CA GLY C 386 -17.07 -10.25 19.99
C GLY C 386 -18.44 -10.39 19.36
N ASN C 387 -19.06 -9.25 19.09
CA ASN C 387 -20.35 -9.23 18.43
C ASN C 387 -20.17 -9.52 16.95
N LEU C 388 -21.26 -9.95 16.31
CA LEU C 388 -21.24 -10.07 14.86
C LEU C 388 -21.28 -8.69 14.23
N LEU C 389 -20.52 -8.51 13.15
CA LEU C 389 -20.45 -7.21 12.50
C LEU C 389 -20.80 -7.33 11.04
N LEU C 390 -21.66 -6.45 10.57
CA LEU C 390 -21.96 -6.26 9.16
C LEU C 390 -21.68 -4.81 8.83
N ASP C 391 -20.56 -4.57 8.14
CA ASP C 391 -20.11 -3.22 7.81
C ASP C 391 -20.41 -2.97 6.34
N LYS C 392 -21.35 -2.08 6.08
CA LYS C 392 -21.71 -1.71 4.71
C LYS C 392 -20.87 -0.56 4.17
N ARG C 393 -19.96 -0.01 4.97
CA ARG C 393 -19.09 1.04 4.47
C ARG C 393 -18.03 0.46 3.55
N THR C 394 -17.66 -0.80 3.75
CA THR C 394 -16.61 -1.45 3.00
C THR C 394 -17.17 -2.64 2.24
N THR C 395 -16.43 -3.08 1.23
CA THR C 395 -16.76 -4.32 0.54
C THR C 395 -15.97 -5.51 1.05
N CYS C 396 -14.95 -5.27 1.88
CA CYS C 396 -14.14 -6.34 2.40
C CYS C 396 -14.87 -7.10 3.50
N PHE C 397 -14.45 -8.34 3.72
CA PHE C 397 -15.14 -9.22 4.65
C PHE C 397 -14.88 -8.79 6.09
N SER C 398 -15.95 -8.54 6.82
CA SER C 398 -15.89 -8.11 8.20
C SER C 398 -16.20 -9.28 9.12
N VAL C 399 -15.38 -9.48 10.14
CA VAL C 399 -15.49 -10.65 11.00
C VAL C 399 -16.31 -10.35 12.24
N ALA C 400 -15.82 -9.46 13.10
CA ALA C 400 -16.45 -9.27 14.38
C ALA C 400 -16.17 -7.87 14.90
N ALA C 401 -17.06 -7.39 15.74
CA ALA C 401 -16.89 -6.15 16.47
C ALA C 401 -16.47 -6.48 17.89
N LEU C 402 -15.32 -5.98 18.30
CA LEU C 402 -14.84 -6.24 19.65
C LEU C 402 -15.55 -5.35 20.67
N THR C 403 -15.71 -4.07 20.33
CA THR C 403 -16.26 -3.07 21.22
C THR C 403 -17.76 -2.95 20.93
N ASN C 404 -18.53 -2.49 21.92
CA ASN C 404 -19.94 -2.18 21.67
C ASN C 404 -20.10 -0.92 20.84
N ASN C 405 -19.05 -0.11 20.74
CA ASN C 405 -19.09 1.09 19.92
C ASN C 405 -18.16 0.94 18.71
N VAL C 406 -18.34 1.82 17.74
CA VAL C 406 -17.45 1.93 16.60
C VAL C 406 -16.61 3.18 16.80
N ALA C 407 -15.29 3.03 16.69
CA ALA C 407 -14.41 4.17 16.90
C ALA C 407 -14.19 4.93 15.60
N PHE C 408 -14.26 6.27 15.69
CA PHE C 408 -14.08 7.17 14.56
C PHE C 408 -12.95 8.14 14.92
N GLN C 409 -11.73 7.82 14.49
CA GLN C 409 -10.61 8.70 14.77
C GLN C 409 -10.37 9.64 13.60
N THR C 410 -9.98 10.88 13.93
CA THR C 410 -9.74 11.91 12.94
C THR C 410 -8.25 12.26 12.93
N VAL C 411 -7.85 13.00 11.90
CA VAL C 411 -6.50 13.54 11.81
C VAL C 411 -6.57 15.04 12.01
N LYS C 412 -5.82 15.55 12.98
CA LYS C 412 -5.81 16.97 13.27
C LYS C 412 -5.06 17.73 12.18
N PRO C 413 -5.31 19.03 12.04
CA PRO C 413 -4.48 19.82 11.13
C PRO C 413 -3.11 20.09 11.71
N GLY C 414 -2.20 20.56 10.87
CA GLY C 414 -0.85 20.84 11.33
C GLY C 414 -0.79 22.15 12.09
N ASN C 415 0.27 22.29 12.89
CA ASN C 415 0.48 23.53 13.62
C ASN C 415 1.35 24.46 12.82
N PHE C 416 0.96 25.73 12.77
CA PHE C 416 1.57 26.71 11.88
C PHE C 416 2.70 27.43 12.60
N ASN C 417 3.88 27.42 11.99
CA ASN C 417 5.05 28.14 12.48
C ASN C 417 5.04 29.53 11.86
N LYS C 418 4.51 30.50 12.60
CA LYS C 418 4.29 31.82 12.03
C LYS C 418 5.58 32.61 11.92
N ASP C 419 6.51 32.39 12.86
CA ASP C 419 7.75 33.15 12.90
C ASP C 419 8.62 32.85 11.67
N PHE C 420 8.73 31.57 11.30
CA PHE C 420 9.51 31.23 10.12
C PHE C 420 8.83 31.72 8.85
N TYR C 421 7.50 31.76 8.86
CA TYR C 421 6.78 32.19 7.66
C TYR C 421 6.92 33.69 7.43
N ASP C 422 6.79 34.51 8.47
CA ASP C 422 6.91 35.94 8.23
C ASP C 422 8.38 36.35 8.10
N PHE C 423 9.30 35.55 8.65
CA PHE C 423 10.72 35.75 8.34
C PHE C 423 11.00 35.43 6.88
N ALA C 424 10.34 34.41 6.34
CA ALA C 424 10.54 34.05 4.94
C ALA C 424 9.94 35.10 4.00
N VAL C 425 8.79 35.64 4.36
CA VAL C 425 8.16 36.61 3.46
C VAL C 425 8.79 37.98 3.63
N SER C 426 9.52 38.20 4.73
CA SER C 426 10.30 39.44 4.83
C SER C 426 11.57 39.34 4.01
N LYS C 427 12.04 38.12 3.72
CA LYS C 427 13.26 37.96 2.95
C LYS C 427 12.99 37.96 1.44
N GLY C 428 11.72 38.02 1.04
CA GLY C 428 11.38 38.05 -0.37
C GLY C 428 10.71 36.80 -0.89
N PHE C 429 10.41 35.80 -0.07
CA PHE C 429 9.82 34.57 -0.57
C PHE C 429 8.31 34.74 -0.75
N PHE C 430 7.71 33.73 -1.41
CA PHE C 430 6.27 33.58 -1.58
C PHE C 430 5.65 34.77 -2.30
N LYS C 431 6.36 35.30 -3.27
CA LYS C 431 5.80 36.35 -4.11
C LYS C 431 4.92 35.73 -5.19
N GLU C 432 4.31 36.60 -6.00
CA GLU C 432 3.47 36.14 -7.09
C GLU C 432 4.33 35.70 -8.26
N GLY C 433 3.91 34.65 -8.95
CA GLY C 433 4.66 34.13 -10.07
C GLY C 433 5.95 33.43 -9.71
N SER C 434 6.18 33.13 -8.44
CA SER C 434 7.40 32.50 -8.00
C SER C 434 7.41 31.02 -8.39
N SER C 435 8.61 30.49 -8.63
CA SER C 435 8.72 29.06 -8.92
C SER C 435 8.59 28.23 -7.66
N VAL C 436 8.74 28.86 -6.50
CA VAL C 436 8.61 28.18 -5.22
C VAL C 436 7.24 28.51 -4.64
N GLU C 437 6.39 27.48 -4.55
CA GLU C 437 5.07 27.59 -3.97
C GLU C 437 5.07 26.86 -2.63
N LEU C 438 3.94 26.92 -1.94
CA LEU C 438 3.69 26.01 -0.84
C LEU C 438 2.72 24.93 -1.32
N LYS C 439 3.15 23.67 -1.26
CA LYS C 439 2.32 22.58 -1.75
C LYS C 439 2.26 21.39 -0.80
N HIS C 440 3.07 21.35 0.25
CA HIS C 440 3.07 20.26 1.21
C HIS C 440 2.48 20.77 2.52
N PHE C 441 1.31 20.25 2.89
CA PHE C 441 0.62 20.64 4.10
C PHE C 441 0.20 19.40 4.86
N PHE C 442 -0.11 19.58 6.13
CA PHE C 442 -0.84 18.56 6.86
C PHE C 442 -2.32 18.65 6.51
N PHE C 443 -2.83 17.63 5.85
CA PHE C 443 -4.23 17.57 5.47
C PHE C 443 -5.01 16.89 6.59
N ALA C 444 -6.07 17.54 7.05
CA ALA C 444 -6.91 16.94 8.08
C ALA C 444 -7.87 15.94 7.48
N GLN C 445 -8.29 14.99 8.31
CA GLN C 445 -9.18 13.92 7.87
C GLN C 445 -10.34 13.81 8.84
N ASP C 446 -11.51 13.42 8.34
CA ASP C 446 -12.66 13.25 9.20
C ASP C 446 -12.69 11.85 9.80
N GLY C 447 -13.81 11.53 10.46
CA GLY C 447 -13.89 10.28 11.20
C GLY C 447 -14.06 9.07 10.31
N ASN C 448 -14.50 9.27 9.08
CA ASN C 448 -14.68 8.18 8.13
C ASN C 448 -13.43 7.88 7.33
N ALA C 449 -12.26 8.32 7.78
CA ALA C 449 -11.07 8.26 6.93
C ALA C 449 -10.38 6.92 7.04
N ALA C 450 -10.40 6.30 8.22
CA ALA C 450 -9.66 5.06 8.43
C ALA C 450 -10.31 3.89 7.69
N ILE C 451 -11.64 3.88 7.63
CA ILE C 451 -12.32 2.76 6.99
C ILE C 451 -12.44 2.98 5.50
N SER C 452 -12.23 4.21 5.04
CA SER C 452 -12.23 4.47 3.61
C SER C 452 -10.84 4.22 3.03
N ASP C 453 -9.81 4.28 3.88
CA ASP C 453 -8.49 3.83 3.47
C ASP C 453 -8.44 2.31 3.37
N TYR C 454 -9.14 1.62 4.26
CA TYR C 454 -9.22 0.16 4.22
C TYR C 454 -9.99 -0.36 3.03
N ASP C 455 -10.89 0.43 2.47
CA ASP C 455 -11.63 0.02 1.27
C ASP C 455 -10.82 0.18 -0.01
N TYR C 456 -9.52 0.40 0.07
CA TYR C 456 -8.66 0.36 -1.10
C TYR C 456 -8.07 -1.02 -1.33
N TYR C 457 -8.32 -1.96 -0.43
CA TYR C 457 -8.02 -3.37 -0.64
C TYR C 457 -9.01 -4.05 -1.56
N ARG C 458 -9.98 -3.31 -2.11
CA ARG C 458 -10.78 -3.81 -3.22
C ARG C 458 -9.98 -3.82 -4.52
N TYR C 459 -8.82 -3.16 -4.53
CA TYR C 459 -7.96 -3.20 -5.70
C TYR C 459 -7.14 -4.48 -5.74
N ASN C 460 -7.10 -5.21 -4.64
CA ASN C 460 -6.49 -6.54 -4.66
C ASN C 460 -7.48 -7.56 -5.19
N LEU C 461 -7.11 -8.20 -6.30
CA LEU C 461 -7.90 -9.24 -6.92
C LEU C 461 -7.09 -10.53 -6.93
N PRO C 462 -7.75 -11.68 -6.88
CA PRO C 462 -7.03 -12.95 -7.04
C PRO C 462 -6.51 -13.10 -8.46
N THR C 463 -5.21 -13.37 -8.57
CA THR C 463 -4.51 -13.34 -9.85
C THR C 463 -3.74 -14.64 -10.04
N MET C 464 -4.14 -15.41 -11.05
CA MET C 464 -3.37 -16.55 -11.49
C MET C 464 -2.24 -16.08 -12.40
N CYS C 465 -1.06 -16.63 -12.21
CA CYS C 465 0.11 -16.23 -12.97
C CYS C 465 0.44 -17.26 -14.04
N ASP C 466 1.14 -16.78 -15.06
CA ASP C 466 1.83 -17.66 -16.01
C ASP C 466 2.91 -18.39 -15.22
N ILE C 467 2.71 -19.67 -14.94
CA ILE C 467 3.52 -20.35 -13.94
C ILE C 467 4.90 -20.69 -14.49
N ARG C 468 4.99 -20.94 -15.80
CA ARG C 468 6.27 -21.30 -16.40
C ARG C 468 7.21 -20.11 -16.43
N GLN C 469 6.71 -18.94 -16.84
CA GLN C 469 7.58 -17.79 -16.84
C GLN C 469 7.84 -17.29 -15.42
N LEU C 470 6.93 -17.58 -14.49
CA LEU C 470 7.18 -17.19 -13.11
C LEU C 470 8.26 -18.05 -12.49
N LEU C 471 8.25 -19.34 -12.81
CA LEU C 471 9.28 -20.28 -12.32
C LEU C 471 10.64 -19.88 -12.91
N PHE C 472 10.68 -19.55 -14.20
CA PHE C 472 11.96 -19.10 -14.82
C PHE C 472 12.36 -17.75 -14.22
N VAL C 473 11.38 -16.85 -14.06
CA VAL C 473 11.63 -15.47 -13.54
C VAL C 473 12.15 -15.56 -12.10
N VAL C 474 11.60 -16.45 -11.27
CA VAL C 474 12.06 -16.57 -9.86
C VAL C 474 13.53 -16.99 -9.81
N GLU C 475 13.97 -17.86 -10.73
CA GLU C 475 15.39 -18.31 -10.78
C GLU C 475 16.29 -17.12 -11.11
N VAL C 476 15.89 -16.29 -12.10
CA VAL C 476 16.68 -15.09 -12.52
C VAL C 476 16.74 -14.07 -11.38
N VAL C 477 15.61 -13.89 -10.69
CA VAL C 477 15.50 -12.91 -9.56
C VAL C 477 16.44 -13.35 -8.42
N ASP C 478 16.54 -14.66 -8.20
CA ASP C 478 17.41 -15.24 -7.13
C ASP C 478 18.88 -14.88 -7.36
N LYS C 479 19.32 -14.80 -8.61
CA LYS C 479 20.74 -14.47 -8.94
C LYS C 479 21.07 -13.07 -8.39
N TYR C 480 20.15 -12.12 -8.53
CA TYR C 480 20.34 -10.73 -8.03
C TYR C 480 20.68 -10.71 -6.54
N PHE C 481 20.09 -11.63 -5.77
CA PHE C 481 20.27 -11.68 -4.29
C PHE C 481 21.24 -12.81 -3.88
N ASP C 482 22.13 -13.25 -4.77
CA ASP C 482 22.98 -14.38 -4.40
C ASP C 482 24.26 -13.90 -3.70
N CYS C 483 24.53 -12.60 -3.76
CA CYS C 483 25.73 -12.07 -3.10
C CYS C 483 25.57 -12.05 -1.59
N TYR C 484 24.34 -11.94 -1.11
CA TYR C 484 24.09 -11.77 0.32
C TYR C 484 24.09 -13.12 1.04
N ASP C 485 24.25 -13.06 2.36
CA ASP C 485 24.26 -14.24 3.22
C ASP C 485 23.15 -14.11 4.25
N GLY C 486 22.50 -15.22 4.55
CA GLY C 486 21.37 -15.21 5.45
C GLY C 486 21.25 -16.51 6.22
N GLY C 487 20.14 -16.65 6.92
CA GLY C 487 19.92 -17.79 7.78
C GLY C 487 19.38 -17.34 9.12
N CYS C 488 19.11 -18.31 9.97
CA CYS C 488 18.53 -18.02 11.27
C CYS C 488 19.61 -17.61 12.26
N ILE C 489 19.23 -16.73 13.20
CA ILE C 489 20.11 -16.30 14.27
C ILE C 489 19.37 -16.52 15.58
N ASN C 490 20.13 -16.56 16.68
CA ASN C 490 19.52 -16.71 17.98
C ASN C 490 18.99 -15.38 18.48
N ALA C 491 18.33 -15.43 19.64
CA ALA C 491 17.66 -14.25 20.16
C ALA C 491 18.66 -13.22 20.70
N ASN C 492 19.86 -13.67 21.07
CA ASN C 492 20.85 -12.72 21.60
C ASN C 492 21.56 -11.98 20.48
N GLN C 493 21.44 -12.47 19.24
CA GLN C 493 22.06 -11.78 18.11
C GLN C 493 21.11 -10.80 17.45
N VAL C 494 19.90 -10.64 18.02
CA VAL C 494 18.90 -9.76 17.42
C VAL C 494 19.18 -8.32 17.83
N ILE C 495 19.17 -7.42 16.85
CA ILE C 495 19.38 -5.99 17.06
C ILE C 495 18.07 -5.26 16.77
N VAL C 496 17.48 -4.69 17.80
CA VAL C 496 16.23 -3.94 17.67
C VAL C 496 16.57 -2.46 17.65
N ASN C 497 16.03 -1.72 16.67
CA ASN C 497 16.32 -0.31 16.54
C ASN C 497 15.62 0.50 17.61
N ASN C 498 14.33 0.25 17.82
CA ASN C 498 13.52 0.97 18.78
C ASN C 498 12.76 -0.01 19.64
N LEU C 499 12.94 0.09 20.96
CA LEU C 499 12.26 -0.74 21.92
C LEU C 499 11.11 -0.02 22.62
N ASP C 500 10.92 1.27 22.36
CA ASP C 500 9.83 2.01 22.95
C ASP C 500 8.72 2.29 21.96
N LYS C 501 8.65 1.55 20.86
CA LYS C 501 7.53 1.64 19.94
C LYS C 501 6.40 0.72 20.39
N SER C 502 5.38 0.65 19.56
CA SER C 502 4.18 -0.10 19.91
C SER C 502 4.41 -1.61 19.85
N ALA C 503 3.61 -2.34 20.59
CA ALA C 503 3.67 -3.79 20.60
C ALA C 503 2.53 -4.43 19.81
N GLY C 504 1.63 -3.64 19.25
CA GLY C 504 0.52 -4.19 18.49
C GLY C 504 -0.63 -4.59 19.38
N PHE C 505 -1.67 -5.10 18.74
CA PHE C 505 -2.87 -5.52 19.45
C PHE C 505 -2.77 -7.01 19.77
N PRO C 506 -3.17 -7.46 20.97
CA PRO C 506 -3.67 -6.72 22.12
C PRO C 506 -2.58 -6.32 23.09
N PHE C 507 -1.34 -6.35 22.61
CA PHE C 507 -0.20 -6.16 23.49
C PHE C 507 0.04 -4.70 23.80
N ASN C 508 -0.64 -3.79 23.11
CA ASN C 508 -0.47 -2.37 23.40
C ASN C 508 -1.27 -1.96 24.63
N LYS C 509 -2.10 -2.85 25.16
CA LYS C 509 -2.86 -2.55 26.36
C LYS C 509 -1.99 -2.56 27.59
N TRP C 510 -0.87 -3.29 27.54
CA TRP C 510 -0.10 -3.53 28.75
C TRP C 510 1.25 -2.82 28.71
N GLY C 511 1.80 -2.57 27.52
CA GLY C 511 3.01 -1.79 27.44
C GLY C 511 3.61 -1.82 26.05
N LYS C 512 4.88 -1.43 25.98
CA LYS C 512 5.59 -1.29 24.73
C LYS C 512 6.36 -2.57 24.41
N ALA C 513 7.22 -2.50 23.39
CA ALA C 513 7.98 -3.68 22.99
C ALA C 513 9.09 -3.99 23.99
N ARG C 514 9.51 -2.99 24.77
CA ARG C 514 10.51 -3.21 25.81
C ARG C 514 9.99 -4.14 26.89
N LEU C 515 8.68 -4.09 27.15
CA LEU C 515 8.06 -4.93 28.16
C LEU C 515 8.11 -6.40 27.77
N TYR C 516 7.95 -6.68 26.47
CA TYR C 516 7.95 -8.07 26.03
C TYR C 516 9.35 -8.55 25.71
N TYR C 517 10.29 -7.63 25.51
CA TYR C 517 11.67 -8.06 25.34
C TYR C 517 12.38 -8.20 26.69
N ASP C 518 11.81 -7.61 27.74
CA ASP C 518 12.38 -7.79 29.07
C ASP C 518 11.68 -8.91 29.84
N SER C 519 10.40 -9.14 29.56
CA SER C 519 9.68 -10.19 30.26
C SER C 519 10.05 -11.57 29.73
N MET C 520 10.56 -11.62 28.49
CA MET C 520 10.89 -12.89 27.86
C MET C 520 12.40 -13.12 27.88
N SER C 521 12.81 -14.28 28.37
CA SER C 521 14.21 -14.69 28.32
C SER C 521 14.60 -15.05 26.90
N TYR C 522 15.91 -15.29 26.72
CA TYR C 522 16.40 -15.73 25.42
C TYR C 522 15.94 -17.16 25.13
N GLU C 523 15.81 -17.98 26.17
CA GLU C 523 15.28 -19.32 26.02
C GLU C 523 13.82 -19.28 25.59
N ASP C 524 13.06 -18.31 26.11
CA ASP C 524 11.65 -18.17 25.73
C ASP C 524 11.51 -17.72 24.29
N GLN C 525 12.37 -16.81 23.84
CA GLN C 525 12.28 -16.34 22.46
C GLN C 525 12.73 -17.42 21.48
N ASP C 526 13.73 -18.21 21.85
CA ASP C 526 14.12 -19.32 20.99
C ASP C 526 13.06 -20.42 20.97
N ALA C 527 12.37 -20.62 22.10
CA ALA C 527 11.29 -21.60 22.12
C ALA C 527 10.09 -21.12 21.31
N LEU C 528 9.85 -19.81 21.30
CA LEU C 528 8.78 -19.26 20.47
C LEU C 528 9.11 -19.37 18.98
N PHE C 529 10.37 -19.15 18.62
CA PHE C 529 10.78 -19.30 17.22
C PHE C 529 10.71 -20.76 16.77
N ALA C 530 11.09 -21.68 17.67
CA ALA C 530 10.95 -23.10 17.35
C ALA C 530 9.49 -23.53 17.32
N TYR C 531 8.63 -22.80 18.05
CA TYR C 531 7.20 -23.08 17.96
C TYR C 531 6.62 -22.61 16.63
N THR C 532 7.10 -21.48 16.12
CA THR C 532 6.61 -21.01 14.82
C THR C 532 7.18 -21.83 13.68
N LYS C 533 8.26 -22.57 13.91
CA LYS C 533 8.79 -23.44 12.86
C LYS C 533 7.95 -24.71 12.71
N ARG C 534 7.00 -24.94 13.61
CA ARG C 534 6.18 -26.14 13.57
C ARG C 534 4.68 -25.84 13.60
N ASN C 535 4.28 -24.60 13.86
CA ASN C 535 2.88 -24.25 13.99
C ASN C 535 2.64 -22.90 13.32
N VAL C 536 1.37 -22.57 13.15
CA VAL C 536 0.95 -21.31 12.56
C VAL C 536 0.25 -20.50 13.63
N ILE C 537 0.75 -19.29 13.90
CA ILE C 537 0.12 -18.36 14.82
C ILE C 537 -0.47 -17.22 14.00
N PRO C 538 -1.79 -17.20 13.79
CA PRO C 538 -2.40 -15.99 13.22
C PRO C 538 -2.36 -14.87 14.23
N THR C 539 -2.11 -13.66 13.74
CA THR C 539 -2.01 -12.48 14.60
C THR C 539 -2.98 -11.43 14.08
N ILE C 540 -3.13 -10.37 14.88
CA ILE C 540 -3.98 -9.25 14.56
C ILE C 540 -3.10 -8.04 14.28
N THR C 541 -3.30 -7.44 13.11
CA THR C 541 -2.57 -6.22 12.69
C THR C 541 -3.50 -5.02 12.93
N GLN C 542 -3.00 -3.95 13.55
CA GLN C 542 -3.83 -2.76 13.86
C GLN C 542 -3.51 -1.64 12.87
N MET C 543 -4.54 -1.04 12.25
CA MET C 543 -4.35 0.04 11.26
C MET C 543 -4.50 1.41 11.96
N ASN C 544 -3.48 2.27 11.81
CA ASN C 544 -3.49 3.61 12.44
C ASN C 544 -3.24 4.68 11.38
N LEU C 545 -4.04 5.75 11.38
CA LEU C 545 -3.83 6.86 10.41
C LEU C 545 -2.50 7.54 10.72
N LYS C 546 -1.76 7.96 9.70
CA LYS C 546 -0.44 8.61 9.89
C LYS C 546 -0.58 10.13 9.83
N TYR C 547 -0.05 10.83 10.83
CA TYR C 547 -0.10 12.31 10.91
C TYR C 547 1.20 12.87 10.31
N ALA C 548 1.30 12.93 8.98
CA ALA C 548 2.54 13.42 8.32
C ALA C 548 2.22 14.41 7.19
N ILE C 549 3.17 15.29 6.87
CA ILE C 549 3.01 16.31 5.80
C ILE C 549 3.00 15.60 4.44
N SER C 550 2.16 16.08 3.51
CA SER C 550 2.04 15.48 2.19
C SER C 550 1.52 16.53 1.21
N ALA C 551 1.67 16.23 -0.07
CA ALA C 551 1.14 17.09 -1.13
C ALA C 551 -0.19 16.61 -1.67
N LYS C 552 -0.76 15.55 -1.09
CA LYS C 552 -2.02 14.98 -1.55
C LYS C 552 -2.98 14.85 -0.36
N ASN C 553 -4.26 15.08 -0.62
CA ASN C 553 -5.26 15.08 0.45
C ASN C 553 -5.73 13.69 0.84
N ARG C 554 -5.10 12.64 0.34
CA ARG C 554 -5.47 11.29 0.72
C ARG C 554 -4.90 10.95 2.09
N ALA C 555 -5.68 10.25 2.90
CA ALA C 555 -5.19 9.75 4.17
C ALA C 555 -4.22 8.61 3.93
N ARG C 556 -3.31 8.41 4.88
CA ARG C 556 -2.35 7.31 4.83
C ARG C 556 -2.44 6.53 6.13
N THR C 557 -2.64 5.22 6.01
CA THR C 557 -2.66 4.34 7.17
C THR C 557 -1.35 3.58 7.24
N VAL C 558 -0.99 3.14 8.44
CA VAL C 558 0.17 2.32 8.67
C VAL C 558 -0.23 1.09 9.48
N ALA C 559 0.17 -0.07 9.00
CA ALA C 559 -0.18 -1.34 9.62
C ALA C 559 0.74 -1.59 10.80
N GLY C 560 0.17 -1.96 11.94
CA GLY C 560 0.97 -2.29 13.09
C GLY C 560 0.93 -3.76 13.43
N VAL C 561 2.01 -4.48 13.16
CA VAL C 561 2.07 -5.90 13.43
C VAL C 561 2.38 -6.13 14.91
N SER C 562 1.82 -7.21 15.46
CA SER C 562 1.99 -7.52 16.88
C SER C 562 3.43 -7.96 17.17
N ILE C 563 3.73 -8.09 18.46
CA ILE C 563 5.10 -8.29 18.89
C ILE C 563 5.52 -9.74 18.70
N CYS C 564 4.56 -10.66 18.59
CA CYS C 564 4.89 -12.07 18.40
C CYS C 564 5.44 -12.32 17.01
N SER C 565 4.71 -11.86 15.99
CA SER C 565 5.14 -11.98 14.60
C SER C 565 6.42 -11.21 14.34
N THR C 566 6.53 -10.00 14.92
CA THR C 566 7.72 -9.19 14.75
C THR C 566 8.94 -9.86 15.38
N MET C 567 8.76 -10.40 16.59
CA MET C 567 9.84 -11.04 17.32
C MET C 567 10.34 -12.29 16.62
N THR C 568 9.44 -13.07 16.01
CA THR C 568 9.89 -14.28 15.33
C THR C 568 10.45 -13.97 13.94
N ASN C 569 9.87 -12.99 13.26
CA ASN C 569 10.34 -12.65 11.91
C ASN C 569 11.69 -11.97 11.95
N ARG C 570 12.03 -11.33 13.07
CA ARG C 570 13.37 -10.79 13.23
C ARG C 570 14.42 -11.89 13.26
N GLN C 571 14.18 -12.94 14.04
CA GLN C 571 15.11 -14.06 14.11
C GLN C 571 15.17 -14.82 12.78
N PHE C 572 14.07 -14.80 12.02
CA PHE C 572 14.13 -15.49 10.73
C PHE C 572 14.88 -14.68 9.67
N HIS C 573 14.68 -13.36 9.63
CA HIS C 573 15.10 -12.60 8.46
C HIS C 573 16.26 -11.62 8.68
N GLN C 574 16.56 -11.31 9.94
CA GLN C 574 17.53 -10.22 10.25
C GLN C 574 18.92 -10.46 9.67
N LYS C 575 19.42 -11.70 9.67
CA LYS C 575 20.78 -11.88 9.12
C LYS C 575 20.81 -11.44 7.65
N LEU C 576 19.81 -11.85 6.86
CA LEU C 576 19.73 -11.49 5.42
C LEU C 576 19.47 -9.98 5.24
N LEU C 577 18.56 -9.41 6.02
CA LEU C 577 18.21 -7.97 5.89
C LEU C 577 19.42 -7.10 6.20
N LYS C 578 20.16 -7.42 7.25
CA LYS C 578 21.38 -6.65 7.62
C LYS C 578 22.41 -6.80 6.50
N SER C 579 22.53 -8.01 5.93
CA SER C 579 23.50 -8.29 4.85
C SER C 579 23.18 -7.42 3.62
N ILE C 580 21.89 -7.31 3.28
CA ILE C 580 21.47 -6.50 2.09
C ILE C 580 21.81 -5.02 2.35
N ALA C 581 21.54 -4.53 3.55
CA ALA C 581 21.82 -3.12 3.92
C ALA C 581 23.33 -2.85 3.89
N ALA C 582 24.13 -3.77 4.41
CA ALA C 582 25.61 -3.63 4.50
C ALA C 582 26.25 -3.57 3.11
N THR C 583 25.75 -4.38 2.17
CA THR C 583 26.33 -4.46 0.79
C THR C 583 26.21 -3.12 0.07
N ARG C 584 27.27 -2.72 -0.65
CA ARG C 584 27.31 -1.48 -1.46
C ARG C 584 27.64 -1.87 -2.90
N GLY C 585 27.18 -1.09 -3.88
CA GLY C 585 27.45 -1.41 -5.27
C GLY C 585 26.58 -2.48 -5.88
N ALA C 586 25.49 -2.87 -5.21
CA ALA C 586 24.61 -3.90 -5.71
C ALA C 586 23.42 -3.27 -6.45
N THR C 587 22.45 -4.13 -6.79
CA THR C 587 21.21 -3.65 -7.48
C THR C 587 20.31 -3.01 -6.43
N VAL C 588 19.97 -3.75 -5.38
CA VAL C 588 19.15 -3.21 -4.29
C VAL C 588 20.03 -2.30 -3.46
N VAL C 589 19.65 -1.00 -3.43
CA VAL C 589 20.47 0.04 -2.76
C VAL C 589 19.94 0.43 -1.37
N ILE C 590 19.17 -0.44 -0.72
CA ILE C 590 18.73 -0.15 0.65
C ILE C 590 19.94 -0.17 1.56
N GLY C 591 20.06 0.87 2.39
CA GLY C 591 21.17 0.98 3.31
C GLY C 591 22.31 1.83 2.83
N THR C 592 22.23 2.36 1.62
CA THR C 592 23.28 3.22 1.08
C THR C 592 22.90 4.67 1.33
N SER C 593 23.79 5.40 1.99
CA SER C 593 23.55 6.81 2.29
C SER C 593 23.69 7.65 1.02
N LYS C 594 22.93 8.75 0.96
CA LYS C 594 23.09 9.67 -0.16
C LYS C 594 24.16 10.70 0.13
N PHE C 595 24.57 10.83 1.38
CA PHE C 595 25.59 11.79 1.75
C PHE C 595 26.97 11.20 1.49
N TYR C 596 27.98 12.09 1.56
CA TYR C 596 29.41 11.77 1.40
C TYR C 596 29.69 11.12 0.05
N GLY C 597 28.98 11.54 -0.98
CA GLY C 597 29.20 11.02 -2.31
C GLY C 597 28.51 9.72 -2.62
N GLY C 598 27.52 9.30 -1.83
CA GLY C 598 26.85 8.05 -2.10
C GLY C 598 25.91 8.11 -3.28
N TRP C 599 25.35 9.30 -3.53
CA TRP C 599 24.46 9.49 -4.68
C TRP C 599 25.24 9.39 -5.99
N HIS C 600 26.44 9.97 -6.03
CA HIS C 600 27.28 9.90 -7.22
C HIS C 600 27.76 8.48 -7.46
N ASN C 601 28.09 7.75 -6.39
CA ASN C 601 28.54 6.37 -6.54
C ASN C 601 27.40 5.47 -6.98
N MET C 602 26.19 5.75 -6.51
CA MET C 602 25.00 4.96 -6.92
C MET C 602 24.72 5.22 -8.41
N LEU C 603 24.76 6.49 -8.83
CA LEU C 603 24.51 6.85 -10.25
C LEU C 603 25.60 6.25 -11.15
N LYS C 604 26.86 6.31 -10.72
CA LYS C 604 27.94 5.70 -11.53
C LYS C 604 27.72 4.19 -11.63
N THR C 605 27.33 3.55 -10.52
CA THR C 605 27.09 2.08 -10.51
C THR C 605 25.92 1.71 -11.43
N VAL C 606 24.81 2.47 -11.39
CA VAL C 606 23.62 2.15 -12.22
C VAL C 606 23.92 2.37 -13.72
N TYR C 607 24.77 3.35 -14.05
CA TYR C 607 25.16 3.56 -15.47
C TYR C 607 26.00 2.36 -15.94
N SER C 608 26.95 1.93 -15.10
CA SER C 608 27.82 0.78 -15.42
C SER C 608 28.45 0.97 -16.80
N ASP C 609 28.31 -0.03 -17.67
CA ASP C 609 28.88 0.03 -19.04
C ASP C 609 27.78 -0.33 -20.06
N VAL C 610 26.85 0.61 -20.29
CA VAL C 610 25.74 0.41 -21.27
C VAL C 610 26.13 1.16 -22.55
N GLU C 611 26.09 0.48 -23.69
CA GLU C 611 26.54 1.02 -25.00
C GLU C 611 25.73 2.24 -25.49
N ASN C 612 24.40 2.22 -25.38
CA ASN C 612 23.62 3.33 -25.91
C ASN C 612 22.64 3.78 -24.83
N PRO C 613 23.15 4.44 -23.79
CA PRO C 613 22.39 4.51 -22.53
C PRO C 613 21.32 5.59 -22.52
N HIS C 614 20.10 5.18 -22.18
CA HIS C 614 19.05 6.10 -21.78
C HIS C 614 18.69 5.76 -20.35
N LEU C 615 17.88 6.60 -19.73
CA LEU C 615 17.41 6.38 -18.37
C LEU C 615 15.89 6.28 -18.37
N MET C 616 15.36 5.51 -17.44
CA MET C 616 13.94 5.22 -17.38
C MET C 616 13.53 4.95 -15.95
N GLY C 617 12.38 5.46 -15.56
CA GLY C 617 11.83 5.18 -14.25
C GLY C 617 10.34 5.08 -14.36
N TRP C 618 9.75 4.12 -13.67
CA TRP C 618 8.33 3.85 -13.79
C TRP C 618 7.67 4.04 -12.44
N ASP C 619 6.39 3.67 -12.39
CA ASP C 619 5.56 3.86 -11.22
C ASP C 619 4.73 2.62 -10.99
N TYR C 620 4.41 2.35 -9.73
CA TYR C 620 3.44 1.32 -9.40
C TYR C 620 2.19 1.98 -8.85
N PRO C 621 1.09 2.01 -9.60
CA PRO C 621 -0.13 2.59 -9.06
C PRO C 621 -0.77 1.66 -8.05
N LYS C 622 -1.03 2.18 -6.85
CA LYS C 622 -1.59 1.45 -5.71
C LYS C 622 -0.77 0.20 -5.39
N CYS C 623 0.48 0.43 -4.96
CA CYS C 623 1.46 -0.65 -4.96
C CYS C 623 1.18 -1.67 -3.86
N ASP C 624 1.06 -1.19 -2.63
CA ASP C 624 0.79 -2.12 -1.52
C ASP C 624 -0.63 -2.71 -1.61
N ARG C 625 -1.61 -1.93 -2.09
CA ARG C 625 -2.98 -2.41 -2.11
C ARG C 625 -3.18 -3.52 -3.14
N ALA C 626 -2.60 -3.35 -4.32
CA ALA C 626 -2.91 -4.21 -5.45
C ALA C 626 -1.85 -5.25 -5.75
N MET C 627 -0.90 -5.47 -4.85
CA MET C 627 0.14 -6.44 -5.10
C MET C 627 -0.42 -7.86 -4.91
N PRO C 628 -0.31 -8.72 -5.92
CA PRO C 628 -0.96 -10.03 -5.84
C PRO C 628 -0.23 -10.98 -4.90
N ASN C 629 -0.99 -11.95 -4.37
CA ASN C 629 -0.48 -12.82 -3.33
C ASN C 629 0.55 -13.80 -3.86
N MET C 630 0.51 -14.09 -5.16
CA MET C 630 1.50 -14.98 -5.76
C MET C 630 2.87 -14.33 -5.78
N LEU C 631 2.93 -13.03 -6.08
CA LEU C 631 4.20 -12.32 -6.07
C LEU C 631 4.70 -12.09 -4.66
N ARG C 632 3.80 -11.95 -3.69
CA ARG C 632 4.22 -11.82 -2.30
C ARG C 632 4.77 -13.13 -1.75
N ILE C 633 4.16 -14.27 -2.13
CA ILE C 633 4.67 -15.57 -1.74
C ILE C 633 5.99 -15.86 -2.45
N MET C 634 6.11 -15.42 -3.70
CA MET C 634 7.36 -15.50 -4.44
C MET C 634 8.47 -14.72 -3.75
N ALA C 635 8.17 -13.52 -3.25
CA ALA C 635 9.17 -12.71 -2.56
C ALA C 635 9.56 -13.34 -1.23
N SER C 636 8.60 -13.93 -0.53
CA SER C 636 8.92 -14.65 0.70
C SER C 636 9.79 -15.87 0.45
N LEU C 637 9.58 -16.55 -0.69
CA LEU C 637 10.38 -17.73 -0.98
C LEU C 637 11.79 -17.34 -1.43
N VAL C 638 11.92 -16.21 -2.13
CA VAL C 638 13.23 -15.71 -2.51
C VAL C 638 14.03 -15.31 -1.27
N LEU C 639 13.38 -14.64 -0.31
CA LEU C 639 14.10 -14.29 0.92
C LEU C 639 14.33 -15.50 1.82
N ALA C 640 13.53 -16.55 1.68
CA ALA C 640 13.70 -17.76 2.47
C ALA C 640 14.67 -18.76 1.86
N ARG C 641 15.11 -18.54 0.62
CA ARG C 641 16.09 -19.43 0.00
C ARG C 641 17.48 -19.40 0.65
N LYS C 642 17.74 -18.49 1.59
CA LYS C 642 19.00 -18.45 2.32
C LYS C 642 19.05 -19.43 3.48
N HIS C 643 18.00 -20.20 3.71
CA HIS C 643 17.90 -21.11 4.84
C HIS C 643 18.11 -22.56 4.43
N THR C 644 19.02 -22.84 3.51
CA THR C 644 19.21 -24.19 3.03
C THR C 644 19.93 -25.07 4.04
N THR C 645 20.70 -24.45 4.94
CA THR C 645 21.50 -25.23 5.88
C THR C 645 20.83 -25.33 7.25
N CYS C 646 20.20 -24.24 7.70
CA CYS C 646 19.68 -24.17 9.05
C CYS C 646 18.26 -24.70 9.18
N CYS C 647 17.54 -24.89 8.08
CA CYS C 647 16.14 -25.28 8.12
C CYS C 647 15.89 -26.48 7.23
N SER C 648 14.92 -27.31 7.63
CA SER C 648 14.41 -28.32 6.73
C SER C 648 13.34 -27.71 5.82
N LEU C 649 12.64 -28.58 5.09
CA LEU C 649 11.66 -28.06 4.15
C LEU C 649 10.32 -27.77 4.83
N SER C 650 9.97 -28.55 5.85
CA SER C 650 8.72 -28.30 6.57
C SER C 650 8.87 -27.14 7.54
N HIS C 651 10.07 -26.92 8.07
CA HIS C 651 10.34 -25.71 8.85
C HIS C 651 10.18 -24.46 8.00
N ARG C 652 10.72 -24.48 6.79
CA ARG C 652 10.56 -23.37 5.88
C ARG C 652 9.13 -23.20 5.42
N PHE C 653 8.39 -24.30 5.27
CA PHE C 653 6.98 -24.18 4.90
C PHE C 653 6.18 -23.54 6.03
N TYR C 654 6.45 -23.92 7.28
CA TYR C 654 5.69 -23.33 8.37
C TYR C 654 6.09 -21.88 8.61
N ARG C 655 7.32 -21.51 8.27
CA ARG C 655 7.68 -20.09 8.33
C ARG C 655 6.99 -19.30 7.22
N LEU C 656 6.84 -19.90 6.04
CA LEU C 656 6.08 -19.27 4.96
C LEU C 656 4.60 -19.15 5.33
N ALA C 657 4.04 -20.17 5.96
CA ALA C 657 2.64 -20.12 6.37
C ALA C 657 2.42 -19.10 7.48
N ASN C 658 3.38 -18.95 8.38
CA ASN C 658 3.29 -17.93 9.41
C ASN C 658 3.39 -16.54 8.80
N GLU C 659 4.25 -16.37 7.80
CA GLU C 659 4.34 -15.09 7.10
C GLU C 659 3.04 -14.76 6.36
N CYS C 660 2.42 -15.76 5.75
CA CYS C 660 1.14 -15.54 5.07
C CYS C 660 0.04 -15.19 6.06
N ALA C 661 -0.06 -15.92 7.16
CA ALA C 661 -1.13 -15.70 8.13
C ALA C 661 -0.87 -14.46 8.98
N GLN C 662 0.34 -13.91 8.93
CA GLN C 662 0.63 -12.77 9.79
C GLN C 662 0.66 -11.45 9.01
N VAL C 663 1.15 -11.44 7.77
CA VAL C 663 1.23 -10.19 7.02
C VAL C 663 0.57 -10.25 5.66
N LEU C 664 -0.05 -11.36 5.28
CA LEU C 664 -0.73 -11.37 3.99
C LEU C 664 -2.24 -11.42 4.13
N SER C 665 -2.76 -12.39 4.87
CA SER C 665 -4.20 -12.56 5.00
C SER C 665 -4.62 -12.53 6.46
N GLU C 666 -4.08 -11.60 7.22
CA GLU C 666 -4.29 -11.57 8.65
C GLU C 666 -5.58 -10.83 8.99
N MET C 667 -6.04 -11.01 10.23
CA MET C 667 -7.16 -10.23 10.74
C MET C 667 -6.69 -8.82 11.05
N VAL C 668 -7.39 -7.84 10.48
CA VAL C 668 -7.01 -6.44 10.61
C VAL C 668 -8.01 -5.76 11.52
N MET C 669 -7.52 -5.20 12.62
CA MET C 669 -8.35 -4.42 13.52
C MET C 669 -8.33 -2.97 13.09
N CYS C 670 -9.48 -2.43 12.70
CA CYS C 670 -9.60 -1.07 12.20
C CYS C 670 -10.73 -0.37 12.93
N GLY C 671 -10.41 0.19 14.10
CA GLY C 671 -11.42 0.91 14.86
C GLY C 671 -12.24 0.02 15.76
N GLY C 672 -11.60 -0.93 16.42
CA GLY C 672 -12.32 -1.85 17.27
C GLY C 672 -13.14 -2.89 16.53
N SER C 673 -12.78 -3.18 15.29
CA SER C 673 -13.54 -4.10 14.45
C SER C 673 -12.56 -4.95 13.64
N LEU C 674 -12.77 -6.26 13.66
CA LEU C 674 -11.87 -7.18 12.95
C LEU C 674 -12.36 -7.40 11.52
N TYR C 675 -11.44 -7.27 10.57
CA TYR C 675 -11.75 -7.49 9.16
C TYR C 675 -10.79 -8.53 8.60
N VAL C 676 -11.17 -9.12 7.48
CA VAL C 676 -10.30 -10.01 6.73
C VAL C 676 -9.58 -9.18 5.68
N LYS C 677 -8.25 -9.26 5.68
CA LYS C 677 -7.45 -8.57 4.69
C LYS C 677 -7.31 -9.46 3.46
N PRO C 678 -7.63 -8.98 2.26
CA PRO C 678 -7.51 -9.83 1.07
C PRO C 678 -6.08 -10.15 0.71
N GLY C 679 -5.17 -9.22 0.94
CA GLY C 679 -3.78 -9.42 0.62
C GLY C 679 -3.11 -8.09 0.41
N GLY C 680 -1.88 -8.13 -0.12
CA GLY C 680 -1.10 -6.88 -0.29
C GLY C 680 0.04 -6.84 0.71
N THR C 681 0.74 -5.70 0.81
CA THR C 681 1.91 -5.58 1.71
C THR C 681 1.55 -4.75 2.94
N SER C 682 1.96 -5.22 4.13
CA SER C 682 1.74 -4.49 5.39
C SER C 682 3.00 -3.67 5.70
N SER C 683 2.86 -2.35 5.89
CA SER C 683 4.03 -1.49 6.16
C SER C 683 4.70 -1.91 7.47
N GLY C 684 3.90 -2.22 8.50
CA GLY C 684 4.43 -2.65 9.82
C GLY C 684 5.33 -3.87 9.76
N ASP C 685 5.19 -4.72 8.74
CA ASP C 685 6.00 -5.96 8.61
C ASP C 685 7.49 -5.60 8.54
N ALA C 686 8.33 -6.39 9.20
CA ALA C 686 9.80 -6.16 9.28
C ALA C 686 10.48 -6.22 7.91
N THR C 687 10.05 -7.15 7.05
CA THR C 687 10.69 -7.40 5.73
C THR C 687 9.97 -6.68 4.58
N THR C 688 9.10 -5.71 4.85
CA THR C 688 8.31 -5.07 3.76
C THR C 688 9.20 -4.37 2.72
N ALA C 689 10.24 -3.63 3.13
CA ALA C 689 11.08 -2.89 2.16
C ALA C 689 11.82 -3.85 1.22
N TYR C 690 12.37 -4.93 1.76
CA TYR C 690 13.12 -5.94 0.97
C TYR C 690 12.21 -6.70 0.01
N ALA C 691 11.00 -7.06 0.46
CA ALA C 691 10.04 -7.78 -0.37
C ALA C 691 9.53 -6.91 -1.51
N ASN C 692 9.42 -5.61 -1.29
CA ASN C 692 9.05 -4.71 -2.38
C ASN C 692 10.17 -4.59 -3.41
N SER C 693 11.43 -4.70 -2.96
CA SER C 693 12.55 -4.74 -3.88
C SER C 693 12.55 -6.02 -4.72
N VAL C 694 12.25 -7.16 -4.08
CA VAL C 694 12.14 -8.44 -4.81
C VAL C 694 11.01 -8.37 -5.82
N PHE C 695 9.88 -7.76 -5.44
CA PHE C 695 8.74 -7.61 -6.34
C PHE C 695 9.08 -6.72 -7.51
N ASN C 696 9.82 -5.63 -7.27
CA ASN C 696 10.22 -4.71 -8.33
C ASN C 696 11.16 -5.38 -9.33
N ILE C 697 12.13 -6.14 -8.82
CA ILE C 697 13.07 -6.86 -9.70
C ILE C 697 12.34 -7.93 -10.49
N CYS C 698 11.37 -8.60 -9.85
CA CYS C 698 10.56 -9.60 -10.54
C CYS C 698 9.74 -9.01 -11.68
N GLN C 699 9.12 -7.86 -11.46
CA GLN C 699 8.31 -7.24 -12.50
C GLN C 699 9.18 -6.74 -13.65
N ALA C 700 10.38 -6.25 -13.35
CA ALA C 700 11.28 -5.80 -14.41
C ALA C 700 11.82 -6.98 -15.23
N VAL C 701 12.10 -8.11 -14.57
CA VAL C 701 12.62 -9.26 -15.29
C VAL C 701 11.53 -9.88 -16.17
N THR C 702 10.29 -9.95 -15.68
CA THR C 702 9.24 -10.50 -16.54
C THR C 702 8.84 -9.51 -17.64
N ALA C 703 9.08 -8.21 -17.44
CA ALA C 703 8.89 -7.27 -18.53
C ALA C 703 9.92 -7.47 -19.63
N ASN C 704 11.16 -7.78 -19.24
CA ASN C 704 12.18 -8.11 -20.25
C ASN C 704 11.88 -9.43 -20.96
N VAL C 705 11.37 -10.42 -20.22
CA VAL C 705 11.03 -11.71 -20.81
C VAL C 705 9.87 -11.57 -21.80
N ASN C 706 8.89 -10.73 -21.46
CA ASN C 706 7.77 -10.51 -22.37
C ASN C 706 8.17 -9.63 -23.54
N ALA C 707 9.18 -8.78 -23.37
CA ALA C 707 9.64 -7.95 -24.47
C ALA C 707 10.44 -8.76 -25.47
N LEU C 708 11.19 -9.75 -24.97
CA LEU C 708 12.08 -10.50 -25.87
C LEU C 708 11.32 -11.59 -26.62
N LEU C 709 10.20 -12.04 -26.06
CA LEU C 709 9.45 -13.11 -26.72
C LEU C 709 8.40 -12.57 -27.66
N SER C 710 8.00 -11.31 -27.50
CA SER C 710 6.94 -10.76 -28.35
C SER C 710 7.50 -10.18 -29.63
N THR C 711 8.81 -10.22 -29.82
CA THR C 711 9.40 -9.70 -31.05
C THR C 711 9.48 -10.78 -32.11
N ASP C 712 9.42 -10.35 -33.37
CA ASP C 712 9.59 -11.24 -34.50
C ASP C 712 11.02 -11.75 -34.56
N GLY C 713 11.17 -13.08 -34.48
CA GLY C 713 12.51 -13.66 -34.44
C GLY C 713 13.21 -13.63 -35.77
N ASN C 714 12.46 -13.35 -36.85
CA ASN C 714 13.09 -13.14 -38.14
C ASN C 714 13.71 -11.76 -38.24
N LYS C 715 13.09 -10.78 -37.58
CA LYS C 715 13.56 -9.39 -37.69
C LYS C 715 14.76 -9.10 -36.79
N ILE C 716 15.15 -10.04 -35.93
CA ILE C 716 16.30 -9.84 -35.06
C ILE C 716 17.56 -10.12 -35.86
N ALA C 717 18.34 -9.07 -36.13
CA ALA C 717 19.53 -9.23 -36.98
C ALA C 717 20.66 -9.91 -36.22
N ASP C 718 20.79 -9.63 -34.92
CA ASP C 718 21.86 -10.22 -34.13
C ASP C 718 21.61 -11.70 -33.89
N LYS C 719 22.61 -12.53 -34.16
CA LYS C 719 22.44 -13.97 -34.03
C LYS C 719 22.42 -14.40 -32.57
N TYR C 720 23.16 -13.68 -31.72
CA TYR C 720 23.20 -14.00 -30.30
C TYR C 720 21.85 -13.76 -29.64
N VAL C 721 21.18 -12.66 -30.00
CA VAL C 721 19.88 -12.34 -29.41
C VAL C 721 18.80 -13.28 -29.93
N ARG C 722 18.94 -13.73 -31.19
CA ARG C 722 17.97 -14.68 -31.74
C ARG C 722 18.11 -16.05 -31.09
N ASN C 723 19.34 -16.50 -30.88
CA ASN C 723 19.55 -17.77 -30.19
C ASN C 723 19.15 -17.65 -28.71
N LEU C 724 19.32 -16.46 -28.14
CA LEU C 724 18.88 -16.23 -26.76
C LEU C 724 17.36 -16.27 -26.65
N GLN C 725 16.66 -15.74 -27.65
CA GLN C 725 15.20 -15.80 -27.67
C GLN C 725 14.71 -17.23 -27.82
N HIS C 726 15.37 -18.01 -28.68
CA HIS C 726 15.02 -19.42 -28.83
C HIS C 726 15.20 -20.21 -27.54
N ARG C 727 16.35 -20.05 -26.88
CA ARG C 727 16.58 -20.76 -25.63
C ARG C 727 15.73 -20.19 -24.50
N LEU C 728 15.29 -18.94 -24.63
CA LEU C 728 14.37 -18.37 -23.64
C LEU C 728 13.01 -19.03 -23.72
N TYR C 729 12.47 -19.19 -24.93
CA TYR C 729 11.21 -19.92 -25.08
C TYR C 729 11.35 -21.38 -24.65
N GLU C 730 12.51 -21.98 -24.93
CA GLU C 730 12.75 -23.36 -24.51
C GLU C 730 12.74 -23.51 -23.00
N CYS C 731 13.51 -22.66 -22.29
CA CYS C 731 13.59 -22.74 -20.85
C CYS C 731 12.32 -22.28 -20.14
N LEU C 732 11.49 -21.46 -20.79
CA LEU C 732 10.18 -21.17 -20.23
C LEU C 732 9.23 -22.35 -20.38
N TYR C 733 8.92 -22.74 -21.61
CA TYR C 733 7.77 -23.61 -21.83
C TYR C 733 8.12 -25.06 -22.13
N ARG C 734 9.29 -25.36 -22.70
CA ARG C 734 9.60 -26.73 -23.09
C ARG C 734 10.31 -27.47 -21.96
N ASN C 735 11.41 -26.90 -21.46
CA ASN C 735 12.21 -27.50 -20.35
C ASN C 735 11.46 -27.36 -19.02
N ARG C 736 11.48 -28.40 -18.18
CA ARG C 736 10.75 -28.34 -16.88
C ARG C 736 11.71 -28.20 -15.70
N ASP C 737 13.01 -28.38 -15.93
CA ASP C 737 13.99 -28.26 -14.86
C ASP C 737 14.83 -27.01 -15.07
N VAL C 738 15.49 -26.58 -14.00
CA VAL C 738 16.27 -25.35 -14.02
C VAL C 738 17.54 -25.57 -14.85
N ASP C 739 17.72 -24.73 -15.87
CA ASP C 739 18.95 -24.70 -16.66
C ASP C 739 19.77 -23.53 -16.14
N THR C 740 20.72 -23.82 -15.26
CA THR C 740 21.43 -22.76 -14.54
C THR C 740 22.39 -22.01 -15.45
N ASP C 741 22.86 -22.66 -16.52
CA ASP C 741 23.74 -21.97 -17.46
C ASP C 741 23.00 -20.91 -18.25
N PHE C 742 21.77 -21.21 -18.68
CA PHE C 742 21.01 -20.19 -19.39
C PHE C 742 20.49 -19.12 -18.44
N VAL C 743 20.24 -19.48 -17.17
CA VAL C 743 19.85 -18.47 -16.19
C VAL C 743 21.00 -17.50 -15.94
N ASN C 744 22.23 -18.02 -15.91
CA ASN C 744 23.41 -17.17 -15.79
C ASN C 744 23.61 -16.32 -17.04
N GLU C 745 23.34 -16.89 -18.22
CA GLU C 745 23.52 -16.14 -19.46
C GLU C 745 22.49 -15.04 -19.62
N PHE C 746 21.23 -15.32 -19.26
CA PHE C 746 20.19 -14.29 -19.32
C PHE C 746 20.42 -13.22 -18.26
N TYR C 747 20.94 -13.61 -17.10
CA TYR C 747 21.29 -12.63 -16.07
C TYR C 747 22.43 -11.74 -16.52
N ALA C 748 23.41 -12.30 -17.24
CA ALA C 748 24.49 -11.50 -17.78
C ALA C 748 24.00 -10.56 -18.88
N TYR C 749 23.05 -11.02 -19.69
CA TYR C 749 22.42 -10.18 -20.71
C TYR C 749 21.66 -9.02 -20.08
N LEU C 750 20.96 -9.29 -18.99
CA LEU C 750 20.22 -8.24 -18.29
C LEU C 750 21.16 -7.26 -17.60
N ARG C 751 22.24 -7.76 -16.97
CA ARG C 751 23.20 -6.86 -16.33
C ARG C 751 23.94 -6.01 -17.36
N LYS C 752 24.10 -6.53 -18.58
CA LYS C 752 24.79 -5.76 -19.61
C LYS C 752 23.87 -4.71 -20.23
N HIS C 753 22.59 -5.04 -20.45
CA HIS C 753 21.74 -4.13 -21.22
C HIS C 753 20.61 -3.48 -20.44
N PHE C 754 20.27 -3.97 -19.25
CA PHE C 754 19.18 -3.42 -18.44
C PHE C 754 19.68 -3.25 -17.00
N SER C 755 20.49 -2.20 -16.80
CA SER C 755 21.09 -1.97 -15.45
C SER C 755 20.08 -1.26 -14.55
N MET C 756 19.75 -1.86 -13.40
CA MET C 756 18.71 -1.29 -12.51
C MET C 756 19.26 -0.92 -11.12
N MET C 757 18.68 0.11 -10.53
CA MET C 757 18.96 0.56 -9.15
C MET C 757 17.62 0.38 -8.41
N ILE C 758 17.57 -0.40 -7.34
CA ILE C 758 16.26 -0.69 -6.67
C ILE C 758 16.29 -0.30 -5.20
N LEU C 759 15.23 0.39 -4.75
CA LEU C 759 15.06 0.77 -3.33
C LEU C 759 13.56 0.65 -3.02
N SER C 760 13.15 -0.43 -2.34
CA SER C 760 11.72 -0.70 -2.06
C SER C 760 10.94 -0.75 -3.39
N ASP C 761 9.86 0.01 -3.50
CA ASP C 761 9.01 0.00 -4.73
C ASP C 761 9.49 1.06 -5.73
N ASP C 762 10.55 1.80 -5.40
CA ASP C 762 11.06 2.86 -6.32
C ASP C 762 12.32 2.35 -7.02
N ALA C 763 12.37 2.41 -8.35
CA ALA C 763 13.57 1.94 -9.08
C ALA C 763 13.86 2.83 -10.29
N VAL C 764 15.13 2.93 -10.67
CA VAL C 764 15.59 3.68 -11.87
C VAL C 764 16.43 2.70 -12.70
N VAL C 765 16.17 2.61 -14.00
CA VAL C 765 16.92 1.62 -14.84
C VAL C 765 17.68 2.33 -15.97
N CYS C 766 18.97 2.01 -16.11
CA CYS C 766 19.81 2.52 -17.22
C CYS C 766 19.83 1.40 -18.26
N PHE C 767 19.37 1.67 -19.49
CA PHE C 767 19.25 0.58 -20.49
C PHE C 767 19.73 1.01 -21.87
N ASN C 768 20.06 0.01 -22.69
CA ASN C 768 20.46 0.20 -24.07
C ASN C 768 19.23 0.64 -24.86
N SER C 769 19.25 1.87 -25.38
CA SER C 769 18.07 2.39 -26.05
C SER C 769 17.94 1.80 -27.45
N THR C 770 19.05 1.36 -28.04
CA THR C 770 19.00 0.74 -29.36
C THR C 770 18.33 -0.62 -29.29
N TYR C 771 18.61 -1.38 -28.23
CA TYR C 771 17.96 -2.67 -28.05
C TYR C 771 16.49 -2.50 -27.67
N ALA C 772 16.14 -1.36 -27.08
CA ALA C 772 14.75 -1.10 -26.74
C ALA C 772 13.96 -0.65 -27.96
N SER C 773 14.60 0.07 -28.88
CA SER C 773 13.89 0.51 -30.08
C SER C 773 13.72 -0.63 -31.07
N GLN C 774 14.41 -1.75 -30.86
CA GLN C 774 14.19 -2.97 -31.62
C GLN C 774 13.43 -4.03 -30.84
N GLY C 775 13.16 -3.79 -29.55
CA GLY C 775 12.39 -4.71 -28.75
C GLY C 775 13.17 -5.76 -28.01
N LEU C 776 14.50 -5.59 -27.89
CA LEU C 776 15.31 -6.66 -27.33
C LEU C 776 15.40 -6.55 -25.81
N VAL C 777 15.12 -5.37 -25.26
CA VAL C 777 14.96 -5.18 -23.83
C VAL C 777 13.60 -4.53 -23.59
N ALA C 778 13.22 -4.44 -22.32
CA ALA C 778 11.92 -3.92 -21.96
C ALA C 778 11.87 -2.40 -22.12
N SER C 779 10.66 -1.89 -22.25
CA SER C 779 10.40 -0.46 -22.36
C SER C 779 9.20 -0.10 -21.49
N ILE C 780 8.68 1.11 -21.69
CA ILE C 780 7.54 1.58 -20.92
C ILE C 780 6.28 0.80 -21.27
N LYS C 781 6.10 0.49 -22.56
CA LYS C 781 4.91 -0.24 -23.00
C LYS C 781 4.91 -1.66 -22.50
N ASN C 782 6.09 -2.29 -22.42
CA ASN C 782 6.18 -3.64 -21.87
C ASN C 782 5.86 -3.65 -20.39
N PHE C 783 6.29 -2.61 -19.66
CA PHE C 783 5.97 -2.50 -18.25
C PHE C 783 4.49 -2.28 -18.02
N LYS C 784 3.86 -1.48 -18.88
CA LYS C 784 2.43 -1.23 -18.77
C LYS C 784 1.63 -2.50 -19.05
N SER C 785 2.07 -3.29 -20.04
CA SER C 785 1.39 -4.55 -20.33
C SER C 785 1.54 -5.55 -19.20
N VAL C 786 2.75 -5.66 -18.64
CA VAL C 786 3.02 -6.59 -17.55
C VAL C 786 2.26 -6.20 -16.29
N LEU C 787 2.19 -4.91 -15.98
CA LEU C 787 1.42 -4.47 -14.82
C LEU C 787 -0.07 -4.59 -15.08
N TYR C 788 -0.49 -4.62 -16.35
CA TYR C 788 -1.89 -4.85 -16.64
C TYR C 788 -2.30 -6.29 -16.36
N TYR C 789 -1.58 -7.27 -16.91
CA TYR C 789 -2.07 -8.63 -16.74
C TYR C 789 -1.59 -9.32 -15.47
N GLN C 790 -0.60 -8.75 -14.76
CA GLN C 790 -0.05 -9.42 -13.55
C GLN C 790 -0.30 -8.64 -12.24
N ASN C 791 -0.49 -7.32 -12.30
CA ASN C 791 -0.72 -6.49 -11.13
C ASN C 791 -2.14 -5.95 -11.04
N ASN C 792 -2.93 -6.07 -12.12
CA ASN C 792 -4.31 -5.59 -12.22
C ASN C 792 -4.41 -4.08 -12.01
N VAL C 793 -3.45 -3.34 -12.56
CA VAL C 793 -3.45 -1.88 -12.49
C VAL C 793 -3.10 -1.34 -13.86
N PHE C 794 -3.57 -0.14 -14.13
CA PHE C 794 -3.19 0.57 -15.35
C PHE C 794 -2.14 1.61 -14.99
N MET C 795 -0.90 1.36 -15.40
CA MET C 795 0.20 2.30 -15.20
C MET C 795 0.16 3.32 -16.33
N SER C 796 -0.24 4.54 -16.02
CA SER C 796 -0.30 5.59 -17.03
C SER C 796 1.11 6.10 -17.33
N GLU C 797 1.25 6.77 -18.46
CA GLU C 797 2.56 7.26 -18.87
C GLU C 797 2.82 8.68 -18.34
N ALA C 798 1.90 9.21 -17.54
CA ALA C 798 2.13 10.51 -16.92
C ALA C 798 2.96 10.39 -15.65
N LYS C 799 3.11 9.16 -15.16
CA LYS C 799 3.86 8.96 -13.92
C LYS C 799 5.21 8.32 -14.20
N CYS C 800 5.42 7.84 -15.43
CA CYS C 800 6.72 7.36 -15.85
C CYS C 800 7.52 8.50 -16.46
N TRP C 801 8.82 8.30 -16.56
CA TRP C 801 9.69 9.29 -17.17
C TRP C 801 10.80 8.60 -17.96
N THR C 802 11.44 9.35 -18.84
CA THR C 802 12.62 8.89 -19.55
C THR C 802 13.63 10.03 -19.60
N GLU C 803 14.89 9.69 -19.84
CA GLU C 803 15.97 10.67 -19.86
C GLU C 803 17.03 10.23 -20.85
N THR C 804 17.12 10.93 -21.97
CA THR C 804 18.08 10.60 -23.03
C THR C 804 19.45 11.20 -22.81
N ASP C 805 19.60 12.13 -21.87
CA ASP C 805 20.86 12.81 -21.62
C ASP C 805 21.33 12.44 -20.22
N LEU C 806 22.46 11.73 -20.14
CA LEU C 806 22.95 11.29 -18.84
C LEU C 806 23.77 12.33 -18.11
N THR C 807 24.01 13.50 -18.73
CA THR C 807 24.63 14.59 -17.98
C THR C 807 23.67 15.15 -16.95
N LYS C 808 22.38 15.13 -17.26
CA LYS C 808 21.35 15.21 -16.23
C LYS C 808 21.11 13.82 -15.68
N GLY C 809 20.82 13.73 -14.39
CA GLY C 809 20.65 12.43 -13.78
C GLY C 809 19.30 11.83 -14.08
N PRO C 810 18.88 10.93 -13.19
CA PRO C 810 17.49 10.49 -13.22
C PRO C 810 16.56 11.65 -12.90
N HIS C 811 15.34 11.58 -13.44
CA HIS C 811 14.41 12.69 -13.26
C HIS C 811 13.93 12.77 -11.82
N GLU C 812 13.64 11.62 -11.21
CA GLU C 812 13.31 11.57 -9.80
C GLU C 812 13.65 10.19 -9.28
N PHE C 813 14.24 10.16 -8.09
CA PHE C 813 14.59 8.91 -7.37
C PHE C 813 14.45 9.22 -5.88
N CYS C 814 13.64 8.41 -5.18
CA CYS C 814 13.35 8.64 -3.76
C CYS C 814 12.93 10.09 -3.50
N SER C 815 12.17 10.65 -4.45
CA SER C 815 11.66 12.03 -4.45
C SER C 815 12.80 13.05 -4.39
N GLN C 816 13.93 12.73 -5.00
CA GLN C 816 15.05 13.64 -5.12
C GLN C 816 15.38 13.83 -6.59
N HIS C 817 15.71 15.05 -6.98
CA HIS C 817 16.24 15.30 -8.30
C HIS C 817 17.76 15.26 -8.26
N THR C 818 18.39 15.38 -9.42
CA THR C 818 19.84 15.24 -9.55
C THR C 818 20.39 16.35 -10.42
N MET C 819 21.49 16.95 -10.00
CA MET C 819 22.20 17.95 -10.77
C MET C 819 23.67 17.55 -10.87
N LEU C 820 24.30 17.89 -11.99
CA LEU C 820 25.73 17.70 -12.16
C LEU C 820 26.45 18.99 -11.80
N VAL C 821 27.14 18.99 -10.66
CA VAL C 821 27.80 20.24 -10.18
C VAL C 821 29.30 19.98 -10.05
N LYS C 822 30.09 21.06 -10.10
CA LYS C 822 31.56 20.94 -9.98
C LYS C 822 31.96 21.11 -8.52
N GLN C 823 32.46 20.03 -7.91
CA GLN C 823 32.94 20.05 -6.49
C GLN C 823 34.45 19.83 -6.56
N GLY C 824 35.24 20.75 -6.03
CA GLY C 824 36.71 20.60 -6.17
C GLY C 824 37.08 20.65 -7.65
N ASP C 825 37.86 19.68 -8.13
CA ASP C 825 38.31 19.67 -9.55
C ASP C 825 37.52 18.67 -10.40
N ASP C 826 36.45 18.07 -9.88
CA ASP C 826 35.70 17.04 -10.66
C ASP C 826 34.19 17.31 -10.62
N TYR C 827 33.45 16.68 -11.54
CA TYR C 827 31.97 16.83 -11.61
C TYR C 827 31.30 15.62 -10.95
N VAL C 828 30.40 15.89 -10.00
CA VAL C 828 29.70 14.87 -9.23
C VAL C 828 28.19 15.12 -9.36
N TYR C 829 27.42 14.11 -9.02
CA TYR C 829 25.96 14.19 -8.98
C TYR C 829 25.50 14.39 -7.55
N LEU C 830 24.72 15.45 -7.32
CA LEU C 830 24.21 15.75 -6.01
C LEU C 830 22.69 15.61 -6.00
N PRO C 831 22.10 15.06 -4.94
CA PRO C 831 20.63 15.04 -4.85
C PRO C 831 20.07 16.33 -4.28
N TYR C 832 18.99 16.85 -4.84
CA TYR C 832 18.35 17.98 -4.23
C TYR C 832 16.84 17.74 -4.15
N PRO C 833 16.18 18.21 -3.10
CA PRO C 833 14.75 17.94 -2.95
C PRO C 833 13.92 19.07 -3.53
N ASP C 834 12.61 18.84 -3.54
CA ASP C 834 11.67 19.87 -3.94
C ASP C 834 11.69 21.01 -2.90
N PRO C 835 11.85 22.26 -3.32
CA PRO C 835 11.95 23.35 -2.34
C PRO C 835 10.65 23.62 -1.60
N SER C 836 9.53 23.23 -2.19
CA SER C 836 8.25 23.31 -1.49
C SER C 836 8.21 22.37 -0.30
N ARG C 837 8.83 21.19 -0.47
CA ARG C 837 8.88 20.17 0.61
C ARG C 837 9.70 20.70 1.80
N ILE C 838 10.86 21.30 1.53
CA ILE C 838 11.73 21.86 2.60
C ILE C 838 11.03 23.05 3.27
N LEU C 839 10.42 23.93 2.46
CA LEU C 839 9.70 25.11 2.99
C LEU C 839 8.49 24.66 3.81
N GLY C 840 7.79 23.63 3.32
CA GLY C 840 6.59 23.10 4.00
C GLY C 840 6.92 22.57 5.38
N ALA C 841 8.04 21.85 5.51
CA ALA C 841 8.44 21.27 6.82
C ALA C 841 8.68 22.42 7.82
N GLY C 842 9.32 23.50 7.35
CA GLY C 842 9.60 24.70 8.15
C GLY C 842 8.37 25.48 8.56
N CYS C 843 7.39 25.64 7.66
CA CYS C 843 6.25 26.49 7.93
C CYS C 843 5.16 25.75 8.72
N PHE C 844 5.14 24.43 8.66
CA PHE C 844 4.13 23.64 9.36
C PHE C 844 4.80 22.53 10.14
N VAL C 845 4.23 22.20 11.33
CA VAL C 845 4.79 21.15 12.18
C VAL C 845 3.63 20.39 12.81
N ASP C 846 3.94 19.21 13.34
CA ASP C 846 2.95 18.35 13.97
C ASP C 846 2.90 18.49 15.48
N ASP C 847 3.51 19.52 16.04
CA ASP C 847 3.54 19.71 17.47
C ASP C 847 3.68 21.20 17.76
N ILE C 848 3.08 21.64 18.87
CA ILE C 848 3.15 23.06 19.23
C ILE C 848 4.51 23.39 19.82
N VAL C 849 5.27 22.37 20.21
CA VAL C 849 6.60 22.57 20.76
C VAL C 849 7.58 22.92 19.65
N LYS C 850 7.29 22.49 18.43
CA LYS C 850 8.18 22.79 17.32
C LYS C 850 7.91 24.17 16.73
N THR C 851 6.94 24.92 17.28
CA THR C 851 6.57 26.21 16.71
C THR C 851 7.50 27.32 17.18
N ASP C 852 8.20 27.13 18.31
CA ASP C 852 9.27 28.06 18.66
C ASP C 852 10.58 27.51 18.13
N GLY C 853 11.50 28.39 17.81
CA GLY C 853 12.73 27.94 17.18
C GLY C 853 13.88 27.79 18.14
N THR C 854 13.79 28.46 19.30
CA THR C 854 14.91 28.45 20.24
C THR C 854 15.04 27.11 20.94
N LEU C 855 13.97 26.30 20.93
CA LEU C 855 14.11 24.94 21.42
C LEU C 855 14.47 23.98 20.29
N MET C 856 14.27 24.42 19.04
CA MET C 856 14.31 23.53 17.87
C MET C 856 15.31 24.07 16.84
N ILE C 857 16.50 24.46 17.30
CA ILE C 857 17.56 24.79 16.35
C ILE C 857 18.10 23.54 15.69
N GLU C 858 18.00 22.40 16.38
CA GLU C 858 18.48 21.13 15.84
C GLU C 858 17.62 20.67 14.67
N ARG C 859 16.36 21.11 14.63
CA ARG C 859 15.46 20.75 13.56
C ARG C 859 15.81 21.48 12.27
N PHE C 860 16.16 22.76 12.37
CA PHE C 860 16.43 23.55 11.17
C PHE C 860 17.81 23.26 10.60
N VAL C 861 18.63 22.68 11.48
CA VAL C 861 19.98 22.28 10.96
C VAL C 861 19.80 21.09 10.00
N SER C 862 18.95 20.13 10.36
CA SER C 862 18.68 18.95 9.50
C SER C 862 18.03 19.40 8.19
N LEU C 863 17.09 20.34 8.27
CA LEU C 863 16.38 20.85 7.06
C LEU C 863 17.41 21.55 6.16
N ALA C 864 18.33 22.30 6.75
CA ALA C 864 19.39 23.00 5.99
C ALA C 864 20.30 21.95 5.33
N ILE C 865 20.64 20.90 6.07
CA ILE C 865 21.53 19.82 5.55
C ILE C 865 20.83 19.17 4.34
N ASP C 866 19.51 18.95 4.46
CA ASP C 866 18.77 18.32 3.37
C ASP C 866 18.58 19.29 2.20
N ALA C 867 18.66 20.59 2.45
CA ALA C 867 18.46 21.59 1.40
C ALA C 867 19.73 22.28 0.94
N TYR C 868 20.91 21.83 1.36
CA TYR C 868 22.16 22.41 0.85
C TYR C 868 22.34 22.36 -0.67
N PRO C 869 22.10 21.25 -1.40
CA PRO C 869 22.44 21.26 -2.84
C PRO C 869 21.50 22.10 -3.70
N LEU C 870 20.54 22.81 -3.12
CA LEU C 870 19.75 23.76 -3.88
C LEU C 870 20.55 25.00 -4.25
N THR C 871 21.70 25.22 -3.61
CA THR C 871 22.51 26.40 -3.91
C THR C 871 23.17 26.31 -5.28
N LYS C 872 23.35 25.09 -5.79
CA LYS C 872 23.96 24.96 -7.10
C LYS C 872 22.92 24.99 -8.23
N HIS C 873 21.71 25.43 -7.94
CA HIS C 873 20.66 25.41 -8.94
C HIS C 873 20.71 26.67 -9.79
N PRO C 874 20.39 26.60 -11.09
CA PRO C 874 20.31 27.82 -11.90
C PRO C 874 19.20 28.77 -11.47
N ASN C 875 18.12 28.22 -10.88
CA ASN C 875 17.02 29.08 -10.42
C ASN C 875 17.49 29.80 -9.15
N GLN C 876 17.42 31.14 -9.16
CA GLN C 876 17.85 31.95 -7.97
C GLN C 876 16.94 31.63 -6.78
N GLU C 877 15.64 31.47 -7.05
CA GLU C 877 14.65 31.19 -5.98
C GLU C 877 15.00 29.87 -5.29
N TYR C 878 15.39 28.84 -6.05
CA TYR C 878 15.78 27.54 -5.45
C TYR C 878 17.02 27.74 -4.58
N ALA C 879 17.99 28.51 -5.08
CA ALA C 879 19.27 28.77 -4.37
C ALA C 879 19.00 29.54 -3.07
N ASP C 880 18.05 30.48 -3.11
CA ASP C 880 17.69 31.35 -1.96
C ASP C 880 17.13 30.54 -0.78
N VAL C 881 16.49 29.40 -1.04
CA VAL C 881 15.87 28.58 0.04
C VAL C 881 16.95 28.17 1.05
N PHE C 882 18.13 27.75 0.59
CA PHE C 882 19.19 27.32 1.54
C PHE C 882 19.66 28.50 2.41
N HIS C 883 19.86 29.68 1.81
CA HIS C 883 20.36 30.86 2.57
C HIS C 883 19.33 31.27 3.64
N LEU C 884 18.05 31.26 3.28
CA LEU C 884 16.97 31.57 4.23
C LEU C 884 17.06 30.70 5.47
N TYR C 885 17.33 29.41 5.30
CA TYR C 885 17.46 28.52 6.46
C TYR C 885 18.69 28.87 7.29
N LEU C 886 19.76 29.31 6.63
CA LEU C 886 20.97 29.74 7.35
C LEU C 886 20.72 30.98 8.19
N GLN C 887 20.10 32.01 7.58
CA GLN C 887 19.83 33.25 8.29
C GLN C 887 18.82 33.04 9.40
N TYR C 888 17.89 32.10 9.22
CA TYR C 888 16.95 31.80 10.29
C TYR C 888 17.62 31.08 11.44
N ILE C 889 18.59 30.20 11.15
CA ILE C 889 19.34 29.53 12.22
C ILE C 889 20.14 30.55 13.03
N ARG C 890 20.73 31.54 12.35
CA ARG C 890 21.45 32.59 13.06
C ARG C 890 20.52 33.46 13.90
N LYS C 891 19.32 33.75 13.38
CA LYS C 891 18.34 34.51 14.15
C LYS C 891 17.87 33.73 15.38
N LEU C 892 17.73 32.41 15.26
CA LEU C 892 17.38 31.58 16.41
C LEU C 892 18.49 31.57 17.45
N HIS C 893 19.74 31.57 17.00
CA HIS C 893 20.88 31.69 17.91
C HIS C 893 20.87 33.00 18.68
N ASP C 894 20.60 34.12 17.99
CA ASP C 894 20.58 35.41 18.67
C ASP C 894 19.41 35.53 19.63
N GLU C 895 18.24 34.97 19.27
CA GLU C 895 17.09 35.03 20.17
C GLU C 895 17.28 34.12 21.38
N LEU C 896 17.96 32.97 21.19
CA LEU C 896 18.28 32.11 22.33
C LEU C 896 19.24 32.79 23.28
N THR C 897 20.26 33.46 22.73
CA THR C 897 21.20 34.24 23.54
C THR C 897 20.49 35.34 24.32
N GLY C 898 19.60 36.08 23.65
CA GLY C 898 18.90 37.19 24.30
C GLY C 898 17.96 36.74 25.40
N HIS C 899 17.18 35.69 25.14
CA HIS C 899 16.21 35.24 26.14
C HIS C 899 16.90 34.56 27.32
N MET C 900 17.92 33.75 27.06
CA MET C 900 18.60 33.06 28.15
C MET C 900 19.46 34.03 28.95
N LEU C 901 19.85 35.16 28.35
CA LEU C 901 20.51 36.20 29.11
C LEU C 901 19.53 37.00 29.96
N ASP C 902 18.39 37.37 29.38
CA ASP C 902 17.47 38.26 30.09
C ASP C 902 16.68 37.54 31.17
N MET C 903 16.62 36.20 31.11
CA MET C 903 15.99 35.47 32.21
C MET C 903 17.01 35.03 33.26
N TYR C 904 18.17 34.55 32.84
CA TYR C 904 19.21 34.13 33.76
C TYR C 904 20.44 35.00 33.52
N SER C 905 20.88 35.70 34.56
CA SER C 905 21.78 36.85 34.38
C SER C 905 23.17 36.44 33.94
N VAL C 906 23.56 35.19 34.20
CA VAL C 906 24.85 34.72 33.73
C VAL C 906 24.71 34.24 32.29
N MET C 907 25.64 34.66 31.43
CA MET C 907 25.50 34.40 30.00
C MET C 907 26.02 33.01 29.65
N LEU C 908 25.24 32.32 28.82
CA LEU C 908 25.68 31.06 28.23
C LEU C 908 26.81 31.31 27.23
N THR C 909 27.88 30.51 27.34
CA THR C 909 29.02 30.70 26.44
C THR C 909 28.71 30.22 25.04
N ASN C 910 27.84 29.21 24.91
CA ASN C 910 27.23 28.75 23.65
C ASN C 910 28.29 28.31 22.63
N ASP C 911 28.99 27.22 22.97
CA ASP C 911 30.20 26.87 22.25
C ASP C 911 29.91 26.04 21.01
N ASN C 912 30.69 26.32 19.95
CA ASN C 912 30.64 25.63 18.65
C ASN C 912 29.25 25.71 18.02
N THR C 913 28.73 26.93 17.89
CA THR C 913 27.42 27.15 17.31
C THR C 913 27.47 28.02 16.06
N SER C 914 28.58 28.72 15.83
CA SER C 914 28.71 29.56 14.64
C SER C 914 28.97 28.72 13.38
N ARG C 915 29.18 27.41 13.54
CA ARG C 915 29.33 26.54 12.38
C ARG C 915 27.99 26.30 11.70
N TYR C 916 26.88 26.54 12.41
CA TYR C 916 25.58 26.16 11.90
C TYR C 916 25.08 27.14 10.85
N TRP C 917 25.63 28.35 10.80
CA TRP C 917 25.21 29.28 9.77
C TRP C 917 26.33 29.65 8.81
N GLU C 918 27.36 28.83 8.71
CA GLU C 918 28.31 28.96 7.62
C GLU C 918 28.22 27.72 6.74
N PRO C 919 28.28 27.86 5.41
CA PRO C 919 27.95 26.71 4.54
C PRO C 919 29.01 25.64 4.44
N GLU C 920 30.12 25.72 5.17
CA GLU C 920 31.14 24.69 5.07
C GLU C 920 30.73 23.41 5.80
N PHE C 921 29.97 23.56 6.90
CA PHE C 921 29.44 22.42 7.63
C PHE C 921 28.44 21.63 6.77
N TYR C 922 27.78 22.31 5.84
CA TYR C 922 26.84 21.65 4.95
C TYR C 922 27.52 21.20 3.67
N GLU C 923 28.60 21.88 3.29
CA GLU C 923 29.37 21.44 2.13
C GLU C 923 30.16 20.17 2.43
N ALA C 924 30.48 19.92 3.70
CA ALA C 924 31.22 18.72 4.05
C ALA C 924 30.33 17.48 4.01
N MET C 925 29.01 17.65 3.98
CA MET C 925 28.11 16.51 3.98
C MET C 925 28.00 15.88 2.60
N TYR C 926 28.48 16.55 1.57
CA TYR C 926 28.35 16.03 0.22
C TYR C 926 29.69 15.80 -0.46
N THR C 927 30.81 16.08 0.23
CA THR C 927 32.11 15.70 -0.28
C THR C 927 32.44 14.27 0.16
N PRO C 928 33.18 13.51 -0.67
CA PRO C 928 33.29 12.06 -0.42
C PRO C 928 34.04 11.65 0.83
N HIS C 929 34.91 12.49 1.38
CA HIS C 929 35.62 12.12 2.59
C HIS C 929 34.70 12.20 3.79
N THR C 930 34.45 11.06 4.43
CA THR C 930 33.49 10.97 5.52
C THR C 930 34.06 11.57 6.81
N LYS D 38 65.44 4.92 57.43
CA LYS D 38 64.75 4.55 56.20
C LYS D 38 63.23 4.64 56.38
N LEU D 39 62.70 5.85 56.38
CA LEU D 39 61.27 6.06 56.50
C LEU D 39 60.63 6.57 55.21
N LYS D 40 61.42 7.17 54.31
CA LYS D 40 60.93 7.57 53.01
C LYS D 40 60.48 6.36 52.19
N LYS D 41 61.29 5.30 52.17
CA LYS D 41 60.86 4.07 51.50
C LYS D 41 59.77 3.35 52.29
N SER D 42 59.65 3.64 53.58
CA SER D 42 58.53 3.09 54.35
C SER D 42 57.21 3.69 53.92
N LEU D 43 57.13 5.03 53.77
CA LEU D 43 55.88 5.57 53.24
C LEU D 43 55.75 5.34 51.74
N ASN D 44 56.85 5.01 51.06
CA ASN D 44 56.73 4.54 49.67
C ASN D 44 56.00 3.21 49.59
N VAL D 45 56.39 2.25 50.43
CA VAL D 45 55.70 0.96 50.52
C VAL D 45 54.25 1.15 50.97
N ALA D 46 54.04 2.06 51.94
CA ALA D 46 52.69 2.33 52.42
C ALA D 46 51.82 2.98 51.34
N LYS D 47 52.37 3.90 50.55
CA LYS D 47 51.61 4.54 49.49
C LYS D 47 51.33 3.59 48.35
N SER D 48 52.26 2.67 48.04
CA SER D 48 51.98 1.63 47.06
C SER D 48 50.85 0.71 47.54
N GLU D 49 50.84 0.41 48.85
CA GLU D 49 49.76 -0.41 49.43
C GLU D 49 48.42 0.32 49.38
N PHE D 50 48.41 1.62 49.68
CA PHE D 50 47.17 2.39 49.59
C PHE D 50 46.71 2.56 48.15
N ASP D 51 47.65 2.61 47.19
CA ASP D 51 47.28 2.66 45.78
C ASP D 51 46.62 1.36 45.34
N ARG D 52 47.18 0.21 45.75
CA ARG D 52 46.55 -1.08 45.49
C ARG D 52 45.16 -1.17 46.10
N ASP D 53 45.02 -0.85 47.39
CA ASP D 53 43.72 -0.97 48.05
C ASP D 53 42.75 0.10 47.58
N ALA D 54 43.25 1.23 47.07
CA ALA D 54 42.38 2.27 46.53
C ALA D 54 41.84 1.89 45.15
N ALA D 55 42.69 1.28 44.32
CA ALA D 55 42.22 0.76 43.04
C ALA D 55 41.20 -0.35 43.24
N MET D 56 41.46 -1.25 44.20
CA MET D 56 40.48 -2.27 44.55
C MET D 56 39.23 -1.66 45.16
N GLN D 57 39.38 -0.56 45.90
CA GLN D 57 38.25 0.14 46.51
C GLN D 57 37.35 0.73 45.44
N ARG D 58 37.94 1.37 44.45
CA ARG D 58 37.18 1.95 43.34
C ARG D 58 36.47 0.88 42.52
N LYS D 59 37.18 -0.20 42.16
CA LYS D 59 36.57 -1.21 41.31
C LYS D 59 35.51 -2.02 42.06
N LEU D 60 35.70 -2.24 43.37
CA LEU D 60 34.67 -2.94 44.13
C LEU D 60 33.47 -2.07 44.48
N GLU D 61 33.65 -0.75 44.65
CA GLU D 61 32.48 0.12 44.83
C GLU D 61 31.68 0.25 43.56
N LYS D 62 32.39 0.33 42.42
CA LYS D 62 31.74 0.36 41.09
C LYS D 62 31.02 -0.98 40.90
N MET D 63 31.66 -2.08 41.35
CA MET D 63 31.10 -3.41 41.22
C MET D 63 29.80 -3.55 42.01
N ALA D 64 29.78 -3.03 43.24
CA ALA D 64 28.54 -3.01 44.00
C ALA D 64 27.50 -2.11 43.36
N ASP D 65 27.95 -1.02 42.70
CA ASP D 65 27.05 -0.13 41.99
C ASP D 65 26.37 -0.84 40.81
N GLN D 66 27.17 -1.48 39.95
CA GLN D 66 26.59 -2.17 38.81
C GLN D 66 25.78 -3.39 39.23
N ALA D 67 26.17 -4.05 40.32
CA ALA D 67 25.41 -5.19 40.82
C ALA D 67 24.06 -4.75 41.37
N MET D 68 24.03 -3.65 42.13
CA MET D 68 22.77 -3.20 42.71
C MET D 68 21.85 -2.59 41.64
N THR D 69 22.42 -1.95 40.61
CA THR D 69 21.52 -1.42 39.59
C THR D 69 21.07 -2.51 38.62
N GLN D 70 21.88 -3.56 38.42
CA GLN D 70 21.42 -4.66 37.58
C GLN D 70 20.40 -5.52 38.32
N MET D 71 20.50 -5.62 39.65
CA MET D 71 19.45 -6.33 40.37
C MET D 71 18.20 -5.46 40.51
N TYR D 72 18.34 -4.12 40.47
CA TYR D 72 17.18 -3.25 40.29
C TYR D 72 16.46 -3.54 38.98
N LYS D 73 17.22 -3.60 37.88
CA LYS D 73 16.68 -3.95 36.57
C LYS D 73 16.02 -5.32 36.57
N GLN D 74 16.68 -6.33 37.17
CA GLN D 74 16.16 -7.69 37.09
C GLN D 74 14.93 -7.87 37.98
N ALA D 75 14.93 -7.26 39.18
CA ALA D 75 13.78 -7.38 40.07
C ALA D 75 12.57 -6.65 39.49
N ARG D 76 12.78 -5.45 38.94
CA ARG D 76 11.65 -4.75 38.34
C ARG D 76 11.19 -5.43 37.06
N SER D 77 12.09 -6.11 36.35
CA SER D 77 11.71 -6.81 35.13
C SER D 77 10.88 -8.05 35.43
N GLU D 78 11.21 -8.76 36.51
CA GLU D 78 10.40 -9.92 36.88
C GLU D 78 9.08 -9.49 37.48
N ASP D 79 9.04 -8.30 38.11
CA ASP D 79 7.75 -7.73 38.52
C ASP D 79 6.90 -7.37 37.30
N LYS D 80 7.53 -6.84 36.25
CA LYS D 80 6.85 -6.62 34.97
C LYS D 80 6.30 -7.91 34.39
N ARG D 81 7.08 -8.99 34.46
CA ARG D 81 6.66 -10.27 33.92
C ARG D 81 5.46 -10.83 34.69
N ALA D 82 5.47 -10.69 36.02
CA ALA D 82 4.33 -11.12 36.82
C ALA D 82 3.08 -10.29 36.52
N LYS D 83 3.26 -8.98 36.29
CA LYS D 83 2.13 -8.12 35.98
C LYS D 83 1.53 -8.45 34.61
N VAL D 84 2.37 -8.73 33.62
CA VAL D 84 1.88 -9.06 32.28
C VAL D 84 1.24 -10.44 32.27
N THR D 85 1.79 -11.38 33.05
CA THR D 85 1.17 -12.69 33.18
C THR D 85 -0.23 -12.60 33.80
N SER D 86 -0.36 -11.81 34.87
CA SER D 86 -1.67 -11.62 35.49
C SER D 86 -2.64 -10.90 34.56
N ALA D 87 -2.16 -9.92 33.79
CA ALA D 87 -3.04 -9.13 32.94
C ALA D 87 -3.54 -9.94 31.76
N MET D 88 -2.64 -10.68 31.08
CA MET D 88 -3.05 -11.55 29.99
C MET D 88 -3.93 -12.69 30.47
N GLN D 89 -3.67 -13.19 31.69
CA GLN D 89 -4.47 -14.27 32.24
C GLN D 89 -5.89 -13.82 32.56
N THR D 90 -6.05 -12.64 33.17
CA THR D 90 -7.40 -12.16 33.46
C THR D 90 -8.12 -11.72 32.18
N MET D 91 -7.37 -11.28 31.16
CA MET D 91 -7.99 -10.96 29.88
C MET D 91 -8.58 -12.21 29.22
N LEU D 92 -7.79 -13.30 29.18
CA LEU D 92 -8.29 -14.55 28.62
C LEU D 92 -9.42 -15.14 29.48
N PHE D 93 -9.37 -14.90 30.79
CA PHE D 93 -10.35 -15.53 31.66
C PHE D 93 -11.70 -14.80 31.61
N THR D 94 -11.68 -13.47 31.40
CA THR D 94 -12.95 -12.79 31.15
C THR D 94 -13.44 -13.08 29.74
N MET D 95 -12.52 -13.27 28.80
CA MET D 95 -12.91 -13.49 27.41
C MET D 95 -13.55 -14.86 27.22
N LEU D 96 -13.17 -15.85 28.04
CA LEU D 96 -13.87 -17.12 27.96
C LEU D 96 -15.28 -17.02 28.52
N ARG D 97 -15.46 -16.18 29.54
CA ARG D 97 -16.77 -16.06 30.18
C ARG D 97 -17.70 -15.21 29.33
N LYS D 98 -17.15 -14.39 28.45
CA LYS D 98 -18.00 -13.58 27.58
C LYS D 98 -18.69 -14.41 26.51
N LEU D 99 -18.07 -15.49 26.05
CA LEU D 99 -18.66 -16.26 24.96
C LEU D 99 -19.70 -17.25 25.47
N ASP D 100 -20.87 -17.24 24.83
CA ASP D 100 -21.96 -18.15 25.16
C ASP D 100 -21.60 -19.54 24.63
N ASN D 101 -21.50 -20.51 25.53
CA ASN D 101 -20.86 -21.77 25.16
C ASN D 101 -21.84 -22.75 24.51
N ASP D 102 -23.11 -22.74 24.94
CA ASP D 102 -24.01 -23.82 24.53
C ASP D 102 -24.42 -23.68 23.07
N ALA D 103 -24.45 -22.46 22.55
CA ALA D 103 -24.60 -22.27 21.11
C ALA D 103 -23.31 -22.61 20.38
N LEU D 104 -22.18 -22.54 21.08
CA LEU D 104 -20.89 -22.81 20.46
C LEU D 104 -20.56 -24.29 20.47
N ASN D 105 -20.85 -24.98 21.58
CA ASN D 105 -20.57 -26.41 21.68
C ASN D 105 -21.43 -27.22 20.72
N ASN D 106 -22.61 -26.70 20.36
CA ASN D 106 -23.44 -27.37 19.36
C ASN D 106 -22.78 -27.37 17.99
N ILE D 107 -22.30 -26.21 17.52
CA ILE D 107 -21.72 -26.16 16.19
C ILE D 107 -20.32 -26.77 16.20
N ILE D 108 -19.70 -26.89 17.38
CA ILE D 108 -18.40 -27.54 17.42
C ILE D 108 -18.57 -29.06 17.43
N ASN D 109 -19.60 -29.56 18.12
CA ASN D 109 -19.81 -31.00 18.16
C ASN D 109 -20.46 -31.51 16.88
N ASN D 110 -21.15 -30.64 16.14
CA ASN D 110 -21.67 -31.07 14.84
C ASN D 110 -20.59 -31.12 13.78
N ALA D 111 -19.43 -30.52 14.06
CA ALA D 111 -18.30 -30.62 13.14
C ALA D 111 -17.75 -32.04 13.13
N ARG D 112 -17.07 -32.40 12.04
CA ARG D 112 -16.66 -33.79 11.86
C ARG D 112 -15.46 -34.14 12.73
N ASP D 113 -14.66 -33.15 13.11
CA ASP D 113 -13.47 -33.35 13.93
C ASP D 113 -13.41 -32.40 15.12
N GLY D 114 -14.44 -31.58 15.33
CA GLY D 114 -14.37 -30.55 16.34
C GLY D 114 -13.56 -29.34 15.94
N CYS D 115 -13.36 -29.14 14.63
CA CYS D 115 -12.58 -28.03 14.11
C CYS D 115 -13.42 -27.26 13.10
N VAL D 116 -13.60 -25.97 13.33
CA VAL D 116 -14.45 -25.14 12.48
C VAL D 116 -13.65 -23.92 12.07
N PRO D 117 -14.06 -23.23 11.01
CA PRO D 117 -13.46 -21.93 10.70
C PRO D 117 -13.81 -20.89 11.75
N LEU D 118 -12.97 -19.86 11.85
CA LEU D 118 -13.21 -18.79 12.80
C LEU D 118 -14.24 -17.80 12.27
N ASN D 119 -14.38 -17.72 10.95
CA ASN D 119 -15.26 -16.72 10.34
C ASN D 119 -16.73 -17.05 10.54
N ILE D 120 -17.05 -18.26 10.99
CA ILE D 120 -18.43 -18.63 11.19
C ILE D 120 -18.83 -18.61 12.66
N ILE D 121 -17.87 -18.44 13.57
CA ILE D 121 -18.21 -18.41 15.00
C ILE D 121 -19.06 -17.19 15.38
N PRO D 122 -18.72 -15.94 15.00
CA PRO D 122 -19.70 -14.88 15.25
C PRO D 122 -20.84 -14.88 14.26
N LEU D 123 -20.68 -15.57 13.12
CA LEU D 123 -21.77 -15.66 12.16
C LEU D 123 -22.90 -16.55 12.65
N THR D 124 -22.59 -17.48 13.57
CA THR D 124 -23.58 -18.43 14.03
C THR D 124 -23.87 -18.40 15.53
N THR D 125 -22.95 -17.89 16.36
CA THR D 125 -23.12 -17.98 17.81
C THR D 125 -23.11 -16.62 18.52
N ALA D 126 -23.14 -15.51 17.79
CA ALA D 126 -23.12 -14.19 18.41
C ALA D 126 -24.55 -13.78 18.73
N ALA D 127 -24.77 -13.31 19.95
CA ALA D 127 -26.10 -12.85 20.34
C ALA D 127 -26.39 -11.47 19.78
N LYS D 128 -25.40 -10.59 19.75
CA LYS D 128 -25.56 -9.23 19.27
C LYS D 128 -25.04 -9.11 17.85
N LEU D 129 -25.63 -8.20 17.08
CA LEU D 129 -25.16 -7.85 15.76
C LEU D 129 -25.15 -6.33 15.65
N MET D 130 -24.03 -5.78 15.19
CA MET D 130 -23.91 -4.36 14.93
C MET D 130 -23.80 -4.14 13.44
N VAL D 131 -24.62 -3.23 12.91
CA VAL D 131 -24.64 -2.91 11.49
C VAL D 131 -24.27 -1.44 11.32
N VAL D 132 -23.23 -1.18 10.55
CA VAL D 132 -22.79 0.18 10.26
C VAL D 132 -23.28 0.53 8.86
N ILE D 133 -24.10 1.56 8.77
CA ILE D 133 -24.88 1.87 7.57
C ILE D 133 -24.50 3.26 7.08
N PRO D 134 -23.97 3.40 5.87
CA PRO D 134 -23.43 4.71 5.46
C PRO D 134 -24.46 5.75 5.07
N ASP D 135 -25.60 5.36 4.49
CA ASP D 135 -26.61 6.32 4.06
C ASP D 135 -27.99 5.69 4.16
N TYR D 136 -29.00 6.40 3.65
CA TYR D 136 -30.38 5.93 3.80
C TYR D 136 -30.73 4.87 2.78
N ASN D 137 -30.11 4.92 1.59
CA ASN D 137 -30.35 3.92 0.55
C ASN D 137 -29.89 2.54 0.99
N THR D 138 -28.82 2.50 1.78
CA THR D 138 -28.38 1.23 2.37
C THR D 138 -29.28 0.84 3.54
N TYR D 139 -29.81 1.83 4.25
CA TYR D 139 -30.61 1.55 5.44
C TYR D 139 -31.95 0.93 5.09
N LYS D 140 -32.61 1.43 4.05
CA LYS D 140 -33.95 0.93 3.72
C LYS D 140 -33.89 -0.46 3.12
N ASN D 141 -32.73 -0.87 2.61
CA ASN D 141 -32.56 -2.23 2.13
C ASN D 141 -32.13 -3.16 3.26
N THR D 142 -31.20 -2.71 4.11
CA THR D 142 -30.56 -3.62 5.05
C THR D 142 -31.42 -3.84 6.29
N CYS D 143 -31.77 -2.75 6.99
CA CYS D 143 -32.55 -2.86 8.22
C CYS D 143 -33.72 -1.90 8.15
N ASP D 144 -34.83 -2.31 7.56
CA ASP D 144 -36.03 -1.48 7.56
C ASP D 144 -37.08 -2.15 8.41
N GLY D 145 -37.53 -1.45 9.45
CA GLY D 145 -38.45 -2.02 10.41
C GLY D 145 -37.78 -2.29 11.74
N THR D 146 -38.54 -2.92 12.63
CA THR D 146 -38.02 -3.28 13.94
C THR D 146 -37.24 -4.59 13.87
N THR D 147 -37.53 -5.41 12.87
CA THR D 147 -36.90 -6.71 12.72
C THR D 147 -36.42 -6.89 11.28
N PHE D 148 -35.18 -7.32 11.12
CA PHE D 148 -34.63 -7.64 9.81
C PHE D 148 -33.96 -9.01 9.87
N THR D 149 -33.58 -9.50 8.70
CA THR D 149 -32.99 -10.83 8.54
C THR D 149 -31.60 -10.69 7.95
N TYR D 150 -30.60 -11.24 8.64
CA TYR D 150 -29.24 -11.30 8.13
C TYR D 150 -28.59 -12.58 8.64
N ALA D 151 -27.83 -13.23 7.74
CA ALA D 151 -27.03 -14.42 8.04
C ALA D 151 -27.88 -15.56 8.57
N SER D 152 -29.00 -15.81 7.88
CA SER D 152 -29.96 -16.90 8.19
C SER D 152 -30.46 -16.82 9.64
N ALA D 153 -30.73 -15.60 10.12
CA ALA D 153 -31.22 -15.43 11.51
C ALA D 153 -32.19 -14.25 11.58
N LEU D 154 -33.00 -14.20 12.64
CA LEU D 154 -33.94 -13.06 12.84
C LEU D 154 -33.33 -12.12 13.88
N TRP D 155 -33.14 -10.86 13.51
CA TRP D 155 -32.51 -9.88 14.43
C TRP D 155 -33.52 -8.83 14.87
N GLU D 156 -33.66 -8.65 16.18
CA GLU D 156 -34.60 -7.64 16.75
C GLU D 156 -33.78 -6.39 17.08
N ILE D 157 -34.08 -5.27 16.42
CA ILE D 157 -33.33 -4.03 16.62
C ILE D 157 -33.57 -3.50 18.03
N GLN D 158 -32.47 -3.28 18.76
CA GLN D 158 -32.52 -2.80 20.13
C GLN D 158 -32.27 -1.30 20.23
N GLN D 159 -31.27 -0.78 19.53
CA GLN D 159 -30.88 0.61 19.66
C GLN D 159 -30.16 1.05 18.39
N VAL D 160 -30.31 2.32 18.05
CA VAL D 160 -29.61 2.92 16.92
C VAL D 160 -28.91 4.19 17.41
N VAL D 161 -27.60 4.27 17.21
CA VAL D 161 -26.83 5.46 17.52
C VAL D 161 -26.23 6.00 16.21
N ASP D 162 -25.89 7.29 16.23
CA ASP D 162 -25.25 7.91 15.08
C ASP D 162 -23.74 7.96 15.30
N ALA D 163 -23.03 8.70 14.43
CA ALA D 163 -21.58 8.77 14.52
C ALA D 163 -21.12 9.61 15.71
N ASP D 164 -21.99 10.47 16.23
CA ASP D 164 -21.74 11.17 17.48
C ASP D 164 -22.12 10.34 18.69
N SER D 165 -22.62 9.11 18.47
CA SER D 165 -23.12 8.19 19.50
C SER D 165 -24.24 8.81 20.33
N LYS D 166 -25.23 9.38 19.65
CA LYS D 166 -26.47 9.84 20.26
C LYS D 166 -27.58 8.91 19.81
N ILE D 167 -28.54 8.64 20.71
CA ILE D 167 -29.60 7.69 20.42
C ILE D 167 -30.55 8.26 19.38
N VAL D 168 -30.67 7.56 18.25
CA VAL D 168 -31.53 7.95 17.15
C VAL D 168 -32.76 7.05 17.18
N GLN D 169 -33.95 7.66 17.19
CA GLN D 169 -35.18 6.88 17.14
C GLN D 169 -35.38 6.31 15.75
N LEU D 170 -36.12 5.20 15.69
CA LEU D 170 -36.41 4.57 14.39
C LEU D 170 -37.37 5.41 13.58
N SER D 171 -38.16 6.25 14.24
CA SER D 171 -39.05 7.17 13.53
C SER D 171 -38.26 8.32 12.92
N GLU D 172 -37.07 8.60 13.44
CA GLU D 172 -36.27 9.72 12.95
C GLU D 172 -35.58 9.37 11.65
N ILE D 173 -35.30 8.09 11.42
CA ILE D 173 -34.59 7.69 10.21
C ILE D 173 -35.58 7.64 9.04
N SER D 174 -35.54 8.66 8.20
CA SER D 174 -36.46 8.76 7.09
C SER D 174 -35.73 9.37 5.91
N MET D 175 -36.37 9.34 4.75
CA MET D 175 -35.74 9.85 3.54
C MET D 175 -35.68 11.38 3.57
N ASP D 176 -36.64 12.03 4.22
CA ASP D 176 -36.64 13.48 4.26
C ASP D 176 -35.84 14.01 5.46
N ASN D 177 -35.61 13.17 6.47
CA ASN D 177 -34.80 13.54 7.62
C ASN D 177 -33.38 13.02 7.52
N SER D 178 -33.01 12.46 6.38
CA SER D 178 -31.65 11.94 6.20
C SER D 178 -30.54 12.99 6.19
N PRO D 179 -30.71 14.22 5.66
CA PRO D 179 -29.60 15.19 5.81
C PRO D 179 -29.43 15.76 7.23
N ASN D 180 -30.32 15.43 8.16
CA ASN D 180 -30.14 15.91 9.52
C ASN D 180 -29.42 14.89 10.39
N LEU D 181 -29.32 13.65 9.92
CA LEU D 181 -28.65 12.61 10.69
C LEU D 181 -27.15 12.67 10.46
N ALA D 182 -26.39 12.31 11.50
CA ALA D 182 -24.94 12.22 11.41
C ALA D 182 -24.60 10.80 10.97
N TRP D 183 -24.44 10.63 9.66
CA TRP D 183 -24.13 9.31 9.11
C TRP D 183 -22.65 8.99 9.34
N PRO D 184 -22.30 7.72 9.56
CA PRO D 184 -23.12 6.48 9.58
C PRO D 184 -23.92 6.26 10.86
N LEU D 185 -24.95 5.42 10.75
CA LEU D 185 -25.73 4.97 11.90
C LEU D 185 -25.26 3.57 12.28
N ILE D 186 -25.26 3.28 13.58
CA ILE D 186 -24.85 1.98 14.08
C ILE D 186 -26.05 1.33 14.76
N VAL D 187 -26.51 0.22 14.20
CA VAL D 187 -27.71 -0.46 14.65
C VAL D 187 -27.30 -1.72 15.38
N THR D 188 -27.51 -1.75 16.69
CA THR D 188 -27.26 -2.96 17.47
C THR D 188 -28.56 -3.74 17.63
N ALA D 189 -28.50 -5.02 17.30
CA ALA D 189 -29.66 -5.89 17.30
C ALA D 189 -29.40 -7.09 18.19
N LEU D 190 -30.45 -7.86 18.44
CA LEU D 190 -30.36 -9.08 19.22
C LEU D 190 -30.93 -10.23 18.41
N ARG D 191 -30.49 -11.43 18.70
CA ARG D 191 -30.92 -12.60 17.93
C ARG D 191 -32.30 -13.04 18.39
N ALA D 192 -33.23 -13.09 17.46
CA ALA D 192 -34.60 -13.54 17.75
C ALA D 192 -34.73 -15.02 17.48
N LYS E 3 -0.11 36.14 -1.61
CA LYS E 3 -1.54 36.39 -1.43
C LYS E 3 -2.29 35.08 -1.20
N MET E 4 -1.93 34.07 -1.99
CA MET E 4 -2.54 32.75 -1.83
C MET E 4 -2.03 32.06 -0.57
N SER E 5 -0.74 32.24 -0.26
CA SER E 5 -0.13 31.55 0.86
C SER E 5 -0.68 32.04 2.19
N ASP E 6 -1.03 33.33 2.28
CA ASP E 6 -1.64 33.86 3.49
C ASP E 6 -3.00 33.23 3.72
N VAL E 7 -3.73 32.95 2.64
CA VAL E 7 -5.03 32.29 2.73
C VAL E 7 -4.87 30.86 3.23
N LYS E 8 -3.87 30.15 2.71
CA LYS E 8 -3.68 28.75 3.12
C LYS E 8 -3.21 28.64 4.58
N CYS E 9 -2.33 29.54 5.01
CA CYS E 9 -1.87 29.50 6.39
C CYS E 9 -2.95 29.96 7.36
N THR E 10 -3.80 30.91 6.94
CA THR E 10 -4.92 31.30 7.77
C THR E 10 -5.96 30.19 7.85
N SER E 11 -6.07 29.39 6.79
CA SER E 11 -6.94 28.22 6.81
C SER E 11 -6.47 27.18 7.82
N VAL E 12 -5.17 26.91 7.88
CA VAL E 12 -4.71 25.89 8.83
C VAL E 12 -4.79 26.42 10.27
N VAL E 13 -4.62 27.74 10.45
CA VAL E 13 -4.75 28.34 11.78
C VAL E 13 -6.21 28.30 12.23
N LEU E 14 -7.14 28.56 11.31
CA LEU E 14 -8.56 28.52 11.62
C LEU E 14 -9.03 27.11 11.94
N LEU E 15 -8.53 26.11 11.21
CA LEU E 15 -8.98 24.75 11.47
C LEU E 15 -8.39 24.21 12.77
N SER E 16 -7.17 24.65 13.13
CA SER E 16 -6.64 24.23 14.42
C SER E 16 -7.34 24.95 15.58
N VAL E 17 -7.82 26.18 15.35
CA VAL E 17 -8.65 26.85 16.36
C VAL E 17 -9.98 26.10 16.53
N LEU E 18 -10.61 25.70 15.42
CA LEU E 18 -11.85 24.95 15.49
C LEU E 18 -11.66 23.58 16.13
N GLN E 19 -10.50 22.97 15.93
CA GLN E 19 -10.20 21.72 16.62
C GLN E 19 -10.02 21.93 18.11
N GLN E 20 -9.45 23.09 18.49
CA GLN E 20 -9.34 23.42 19.91
C GLN E 20 -10.71 23.68 20.55
N LEU E 21 -11.69 24.15 19.77
CA LEU E 21 -13.01 24.44 20.31
C LEU E 21 -13.96 23.25 20.29
N ARG E 22 -13.44 22.03 20.08
CA ARG E 22 -14.21 20.77 20.08
C ARG E 22 -15.32 20.76 19.04
N VAL E 23 -14.97 21.04 17.78
CA VAL E 23 -15.95 20.91 16.71
C VAL E 23 -16.12 19.45 16.32
N GLU E 24 -15.09 18.62 16.50
CA GLU E 24 -15.16 17.22 16.10
C GLU E 24 -16.01 16.35 17.02
N SER E 25 -16.61 16.93 18.07
CA SER E 25 -17.61 16.19 18.84
C SER E 25 -18.92 16.07 18.06
N SER E 26 -19.10 16.93 17.07
CA SER E 26 -20.15 16.78 16.07
C SER E 26 -19.50 16.40 14.74
N SER E 27 -19.82 15.21 14.24
CA SER E 27 -19.07 14.64 13.12
C SER E 27 -19.40 15.33 11.80
N LYS E 28 -20.64 15.80 11.64
CA LYS E 28 -21.05 16.38 10.36
C LYS E 28 -20.42 17.74 10.15
N LEU E 29 -20.38 18.57 11.20
CA LEU E 29 -19.73 19.87 11.13
C LEU E 29 -18.23 19.71 10.94
N TRP E 30 -17.63 18.71 11.57
CA TRP E 30 -16.20 18.47 11.40
C TRP E 30 -15.87 17.98 10.01
N ALA E 31 -16.78 17.19 9.40
CA ALA E 31 -16.58 16.76 8.03
C ALA E 31 -16.64 17.94 7.06
N GLN E 32 -17.59 18.84 7.29
CA GLN E 32 -17.72 20.05 6.44
C GLN E 32 -16.46 20.92 6.60
N CYS E 33 -15.97 21.07 7.83
CA CYS E 33 -14.77 21.90 8.11
C CYS E 33 -13.53 21.31 7.43
N VAL E 34 -13.34 19.99 7.54
CA VAL E 34 -12.15 19.33 6.93
C VAL E 34 -12.24 19.44 5.40
N GLN E 35 -13.44 19.30 4.84
CA GLN E 35 -13.63 19.39 3.38
C GLN E 35 -13.24 20.79 2.89
N LEU E 36 -13.68 21.83 3.62
CA LEU E 36 -13.35 23.23 3.25
C LEU E 36 -11.85 23.48 3.40
N HIS E 37 -11.26 22.97 4.48
CA HIS E 37 -9.81 23.17 4.78
C HIS E 37 -8.94 22.51 3.70
N ASN E 38 -9.29 21.29 3.29
CA ASN E 38 -8.51 20.55 2.25
C ASN E 38 -8.60 21.27 0.91
N ASP E 39 -9.79 21.76 0.53
CA ASP E 39 -9.99 22.44 -0.77
C ASP E 39 -9.17 23.74 -0.86
N ILE E 40 -9.08 24.50 0.23
CA ILE E 40 -8.32 25.79 0.21
C ILE E 40 -6.85 25.50 -0.06
N LEU E 41 -6.31 24.44 0.57
CA LEU E 41 -4.88 24.06 0.42
C LEU E 41 -4.58 23.64 -1.02
N LEU E 42 -5.49 22.90 -1.66
CA LEU E 42 -5.29 22.38 -3.04
C LEU E 42 -5.78 23.36 -4.10
N ALA E 43 -6.33 24.52 -3.70
CA ALA E 43 -6.87 25.44 -4.69
C ALA E 43 -5.75 26.08 -5.49
N LYS E 44 -5.98 26.25 -6.79
CA LYS E 44 -4.99 26.78 -7.70
C LYS E 44 -5.19 28.26 -8.02
N ASP E 45 -6.17 28.90 -7.38
CA ASP E 45 -6.50 30.29 -7.62
C ASP E 45 -7.09 30.89 -6.35
N THR E 46 -6.86 32.18 -6.13
CA THR E 46 -7.26 32.80 -4.86
C THR E 46 -8.63 33.45 -4.99
N THR E 47 -9.27 33.34 -6.15
CA THR E 47 -10.62 33.88 -6.28
C THR E 47 -11.63 33.01 -5.56
N GLU E 48 -11.45 31.69 -5.61
CA GLU E 48 -12.41 30.79 -4.98
C GLU E 48 -11.85 30.20 -3.70
N ALA E 49 -10.64 30.59 -3.30
CA ALA E 49 -10.13 30.17 -2.00
C ALA E 49 -10.63 31.09 -0.90
N PHE E 50 -10.93 32.35 -1.23
CA PHE E 50 -11.57 33.24 -0.26
C PHE E 50 -13.02 32.86 -0.05
N GLU E 51 -13.63 32.25 -1.07
CA GLU E 51 -15.06 31.83 -1.02
C GLU E 51 -15.26 30.76 0.05
N LYS E 52 -14.37 29.77 0.11
CA LYS E 52 -14.45 28.71 1.11
C LYS E 52 -14.03 29.23 2.48
N MET E 53 -13.21 30.28 2.49
CA MET E 53 -12.74 30.86 3.75
C MET E 53 -13.88 31.53 4.52
N VAL E 54 -14.85 32.09 3.79
CA VAL E 54 -16.04 32.67 4.43
C VAL E 54 -16.85 31.59 5.13
N SER E 55 -17.00 30.43 4.48
CA SER E 55 -17.73 29.33 5.09
C SER E 55 -17.01 28.79 6.32
N LEU E 56 -15.68 28.60 6.21
CA LEU E 56 -14.92 28.05 7.33
C LEU E 56 -14.83 29.04 8.49
N LEU E 57 -14.80 30.34 8.19
CA LEU E 57 -14.80 31.33 9.26
C LEU E 57 -16.18 31.45 9.90
N SER E 58 -17.23 31.22 9.11
CA SER E 58 -18.58 31.28 9.65
C SER E 58 -18.89 30.12 10.56
N VAL E 59 -18.20 28.98 10.36
CA VAL E 59 -18.32 27.89 11.33
C VAL E 59 -17.83 28.35 12.71
N LEU E 60 -16.74 29.11 12.74
CA LEU E 60 -16.26 29.67 14.01
C LEU E 60 -17.18 30.76 14.53
N LEU E 61 -17.66 31.62 13.64
CA LEU E 61 -18.48 32.76 14.06
C LEU E 61 -19.86 32.32 14.53
N SER E 62 -20.32 31.15 14.11
CA SER E 62 -21.61 30.64 14.57
C SER E 62 -21.50 30.09 16.00
N MET E 63 -20.28 29.80 16.44
CA MET E 63 -20.08 29.41 17.83
C MET E 63 -19.75 30.63 18.68
N GLN E 64 -20.15 30.58 19.95
CA GLN E 64 -19.84 31.64 20.90
C GLN E 64 -18.78 31.24 21.92
N GLY E 65 -17.97 30.22 21.62
CA GLY E 65 -16.87 29.89 22.50
C GLY E 65 -15.77 30.95 22.48
N ALA E 66 -15.61 31.62 21.35
CA ALA E 66 -14.69 32.74 21.28
C ALA E 66 -15.45 34.06 21.38
N VAL E 67 -14.77 35.09 21.88
CA VAL E 67 -15.29 36.45 21.84
C VAL E 67 -14.46 37.33 20.91
N ASP E 68 -15.08 37.78 19.81
CA ASP E 68 -14.37 38.62 18.87
C ASP E 68 -14.63 40.10 19.14
N ILE E 69 -15.44 40.40 20.17
CA ILE E 69 -15.63 41.77 20.61
C ILE E 69 -14.35 42.27 21.27
N ASN E 70 -13.57 41.34 21.83
CA ASN E 70 -12.27 41.68 22.39
C ASN E 70 -11.29 42.11 21.31
N LYS E 71 -11.26 41.40 20.19
CA LYS E 71 -10.34 41.71 19.11
C LYS E 71 -10.77 42.96 18.37
N PHE F 7 42.32 30.31 32.72
CA PHE F 7 41.82 31.68 32.89
C PHE F 7 42.28 32.29 34.21
N SER F 8 42.02 33.58 34.39
CA SER F 8 42.63 34.38 35.44
C SER F 8 41.97 34.23 36.80
N SER F 9 40.87 33.49 36.92
CA SER F 9 40.17 33.42 38.20
C SER F 9 40.68 32.30 39.10
N LEU F 10 41.91 31.80 38.90
CA LEU F 10 42.41 30.75 39.78
C LEU F 10 43.52 31.30 40.66
N PRO F 11 43.67 30.79 41.90
CA PRO F 11 44.96 30.91 42.58
C PRO F 11 45.97 29.88 42.11
N SER F 12 45.50 28.76 41.55
CA SER F 12 46.41 27.76 41.02
C SER F 12 47.08 28.26 39.74
N TYR F 13 46.38 29.09 38.97
CA TYR F 13 46.99 29.76 37.83
C TYR F 13 48.08 30.73 38.26
N ALA F 14 47.85 31.47 39.36
CA ALA F 14 48.87 32.38 39.87
C ALA F 14 50.07 31.60 40.39
N ALA F 15 49.83 30.43 41.01
CA ALA F 15 50.93 29.60 41.49
C ALA F 15 51.73 29.00 40.34
N PHE F 16 51.04 28.52 39.29
CA PHE F 16 51.73 27.97 38.12
C PHE F 16 52.46 29.06 37.34
N ALA F 17 51.89 30.26 37.28
CA ALA F 17 52.56 31.38 36.62
C ALA F 17 53.78 31.85 37.40
N THR F 18 53.72 31.81 38.74
CA THR F 18 54.89 32.10 39.56
C THR F 18 55.97 31.04 39.38
N ALA F 19 55.57 29.76 39.32
CA ALA F 19 56.52 28.68 39.10
C ALA F 19 57.14 28.73 37.71
N GLN F 20 56.42 29.28 36.73
CA GLN F 20 56.96 29.41 35.39
C GLN F 20 57.77 30.68 35.20
N GLU F 21 57.44 31.77 35.90
CA GLU F 21 58.27 32.96 35.80
C GLU F 21 59.55 32.82 36.62
N ALA F 22 59.57 31.92 37.60
CA ALA F 22 60.81 31.56 38.28
C ALA F 22 61.77 30.82 37.36
N TYR F 23 61.27 30.17 36.32
CA TYR F 23 62.09 29.45 35.34
C TYR F 23 62.92 30.40 34.49
N LEU F 36 67.65 25.49 37.58
CA LEU F 36 66.70 25.39 36.50
C LEU F 36 65.81 24.16 36.66
N LYS F 37 66.44 23.02 36.94
CA LYS F 37 65.77 21.73 36.94
C LYS F 37 65.08 21.41 38.25
N LYS F 38 65.38 22.15 39.33
CA LYS F 38 64.80 21.82 40.63
C LYS F 38 63.43 22.43 40.85
N LEU F 39 63.18 23.65 40.36
CA LEU F 39 61.83 24.18 40.32
C LEU F 39 61.11 23.85 39.02
N LYS F 40 61.79 23.19 38.08
CA LYS F 40 61.09 22.57 36.96
C LYS F 40 60.16 21.47 37.46
N LYS F 41 60.61 20.70 38.45
CA LYS F 41 59.77 19.70 39.10
C LYS F 41 58.57 20.36 39.78
N SER F 42 58.80 21.51 40.42
CA SER F 42 57.73 22.26 41.07
C SER F 42 56.71 22.77 40.05
N LEU F 43 57.18 23.30 38.92
CA LEU F 43 56.23 23.80 37.92
C LEU F 43 55.54 22.63 37.22
N ASN F 44 56.15 21.45 37.20
CA ASN F 44 55.48 20.29 36.61
C ASN F 44 54.32 19.81 37.49
N VAL F 45 54.56 19.69 38.81
CA VAL F 45 53.48 19.24 39.68
C VAL F 45 52.41 20.33 39.84
N ALA F 46 52.84 21.60 39.81
CA ALA F 46 51.86 22.69 39.85
C ALA F 46 51.11 22.81 38.53
N LYS F 47 51.74 22.36 37.43
CA LYS F 47 51.05 22.34 36.15
C LYS F 47 50.00 21.24 36.12
N SER F 48 50.31 20.08 36.71
CA SER F 48 49.29 19.04 36.86
C SER F 48 48.16 19.50 37.77
N GLU F 49 48.51 20.25 38.84
CA GLU F 49 47.52 20.87 39.73
C GLU F 49 46.59 21.81 38.97
N PHE F 50 47.16 22.77 38.23
CA PHE F 50 46.36 23.74 37.49
C PHE F 50 45.59 23.07 36.35
N ASP F 51 46.12 21.97 35.79
CA ASP F 51 45.44 21.25 34.73
C ASP F 51 44.19 20.55 35.26
N ARG F 52 44.30 19.85 36.39
CA ARG F 52 43.11 19.19 36.94
C ARG F 52 42.13 20.21 37.50
N ASP F 53 42.63 21.34 37.99
CA ASP F 53 41.74 22.40 38.48
C ASP F 53 40.94 23.03 37.35
N ALA F 54 41.60 23.33 36.22
CA ALA F 54 40.90 23.90 35.09
C ALA F 54 39.97 22.88 34.43
N ALA F 55 40.33 21.59 34.50
CA ALA F 55 39.45 20.56 33.98
C ALA F 55 38.19 20.42 34.82
N MET F 56 38.33 20.55 36.14
CA MET F 56 37.15 20.51 37.00
C MET F 56 36.28 21.75 36.82
N GLN F 57 36.91 22.91 36.57
CA GLN F 57 36.12 24.11 36.28
C GLN F 57 35.40 23.98 34.94
N ARG F 58 36.03 23.33 33.96
CA ARG F 58 35.36 23.08 32.69
C ARG F 58 34.21 22.09 32.85
N LYS F 59 34.37 21.11 33.74
CA LYS F 59 33.29 20.15 34.02
C LYS F 59 32.11 20.83 34.72
N LEU F 60 32.40 21.77 35.62
CA LEU F 60 31.33 22.51 36.29
C LEU F 60 30.60 23.42 35.32
N GLU F 61 31.34 24.13 34.45
CA GLU F 61 30.71 24.97 33.43
C GLU F 61 29.91 24.13 32.44
N LYS F 62 30.42 22.93 32.13
CA LYS F 62 29.75 21.95 31.28
C LYS F 62 28.37 21.58 31.82
N MET F 63 28.33 21.07 33.06
CA MET F 63 27.05 20.58 33.58
C MET F 63 26.14 21.75 33.99
N ALA F 64 26.73 22.92 34.27
CA ALA F 64 25.89 24.09 34.55
C ALA F 64 25.18 24.59 33.29
N ASP F 65 25.88 24.59 32.15
CA ASP F 65 25.23 24.91 30.88
C ASP F 65 24.18 23.87 30.53
N GLN F 66 24.47 22.59 30.83
CA GLN F 66 23.51 21.51 30.61
C GLN F 66 22.22 21.71 31.39
N ALA F 67 22.33 21.99 32.69
CA ALA F 67 21.14 22.17 33.53
C ALA F 67 20.39 23.45 33.18
N MET F 68 21.11 24.51 32.82
CA MET F 68 20.46 25.77 32.47
C MET F 68 19.68 25.64 31.18
N THR F 69 20.25 25.00 30.16
CA THR F 69 19.52 24.84 28.91
C THR F 69 18.40 23.81 29.06
N GLN F 70 18.52 22.85 29.98
CA GLN F 70 17.45 21.88 30.17
C GLN F 70 16.24 22.52 30.86
N MET F 71 16.49 23.36 31.86
CA MET F 71 15.38 24.03 32.51
C MET F 71 14.76 25.08 31.60
N TYR F 72 15.57 25.67 30.69
CA TYR F 72 15.02 26.57 29.69
C TYR F 72 14.10 25.84 28.72
N LYS F 73 14.52 24.65 28.24
CA LYS F 73 13.70 23.84 27.35
C LYS F 73 12.36 23.48 28.00
N GLN F 74 12.40 22.98 29.24
CA GLN F 74 11.15 22.53 29.86
C GLN F 74 10.23 23.71 30.21
N ALA F 75 10.81 24.86 30.57
CA ALA F 75 10.01 26.03 30.90
C ALA F 75 9.30 26.59 29.66
N ARG F 76 10.04 26.75 28.56
CA ARG F 76 9.43 27.27 27.34
C ARG F 76 8.43 26.29 26.74
N SER F 77 8.69 24.98 26.88
CA SER F 77 7.76 23.99 26.36
C SER F 77 6.46 23.98 27.17
N GLU F 78 6.55 24.10 28.49
CA GLU F 78 5.33 24.12 29.29
C GLU F 78 4.57 25.43 29.14
N ASP F 79 5.29 26.53 28.84
CA ASP F 79 4.62 27.79 28.53
C ASP F 79 3.84 27.68 27.23
N LYS F 80 4.43 27.02 26.23
CA LYS F 80 3.74 26.78 24.95
C LYS F 80 2.49 25.93 25.14
N ARG F 81 2.62 24.82 25.86
CA ARG F 81 1.49 23.92 26.09
C ARG F 81 0.42 24.57 26.97
N ALA F 82 0.82 25.52 27.83
CA ALA F 82 -0.15 26.21 28.66
C ALA F 82 -0.95 27.22 27.86
N LYS F 83 -0.27 28.04 27.04
CA LYS F 83 -0.94 29.17 26.40
C LYS F 83 -1.24 28.92 24.92
N VAL F 84 -1.28 27.65 24.50
CA VAL F 84 -1.56 27.30 23.11
C VAL F 84 -2.91 27.85 22.62
N THR F 85 -3.97 27.74 23.43
CA THR F 85 -5.30 28.06 22.91
C THR F 85 -5.51 29.57 22.80
N SER F 86 -5.04 30.33 23.78
CA SER F 86 -5.15 31.78 23.71
C SER F 86 -4.23 32.35 22.64
N ALA F 87 -3.03 31.77 22.49
CA ALA F 87 -2.11 32.25 21.45
C ALA F 87 -2.62 31.90 20.06
N MET F 88 -3.36 30.79 19.93
CA MET F 88 -3.91 30.43 18.63
C MET F 88 -5.09 31.31 18.27
N GLN F 89 -5.93 31.65 19.27
CA GLN F 89 -7.04 32.55 18.99
C GLN F 89 -6.55 33.96 18.70
N THR F 90 -5.43 34.36 19.30
CA THR F 90 -4.89 35.69 19.02
C THR F 90 -4.20 35.74 17.66
N MET F 91 -3.55 34.65 17.27
CA MET F 91 -2.83 34.61 15.99
C MET F 91 -3.79 34.65 14.81
N LEU F 92 -4.99 34.08 14.99
CA LEU F 92 -5.94 33.94 13.90
C LEU F 92 -6.47 35.28 13.43
N PHE F 93 -6.86 36.15 14.36
CA PHE F 93 -7.41 37.44 13.97
C PHE F 93 -6.32 38.44 13.66
N THR F 94 -5.01 38.04 13.90
CA THR F 94 -3.89 38.85 13.45
C THR F 94 -3.72 38.74 11.94
N MET F 95 -3.80 37.52 11.40
CA MET F 95 -3.64 37.32 9.97
C MET F 95 -4.95 37.40 9.21
N LEU F 96 -6.10 37.32 9.89
CA LEU F 96 -7.37 37.64 9.25
C LEU F 96 -7.46 39.13 8.99
N ARG F 97 -6.93 39.93 9.92
CA ARG F 97 -6.84 41.37 9.71
C ARG F 97 -5.84 41.71 8.62
N LYS F 98 -4.76 40.92 8.52
CA LYS F 98 -3.74 41.15 7.51
C LYS F 98 -4.24 40.79 6.11
N LEU F 99 -5.22 39.88 6.01
CA LEU F 99 -5.69 39.37 4.74
C LEU F 99 -6.35 40.44 3.87
N ASP F 100 -6.98 41.46 4.49
CA ASP F 100 -7.56 42.62 3.82
C ASP F 100 -8.63 42.19 2.80
N ASN F 101 -9.68 41.56 3.31
CA ASN F 101 -10.76 41.06 2.48
C ASN F 101 -12.08 41.62 2.98
N ASP F 102 -12.80 42.32 2.11
CA ASP F 102 -14.06 42.94 2.51
C ASP F 102 -15.15 41.89 2.70
N ALA F 103 -15.02 40.75 2.02
CA ALA F 103 -15.95 39.64 2.27
C ALA F 103 -15.73 39.06 3.67
N LEU F 104 -14.47 38.94 4.10
CA LEU F 104 -14.20 38.49 5.45
C LEU F 104 -14.43 39.61 6.46
N ASN F 105 -14.19 40.86 6.07
CA ASN F 105 -14.38 41.96 7.01
C ASN F 105 -15.86 42.24 7.25
N ASN F 106 -16.73 41.90 6.31
CA ASN F 106 -18.16 42.10 6.49
C ASN F 106 -18.69 41.19 7.60
N ILE F 107 -18.27 39.94 7.62
CA ILE F 107 -18.81 38.99 8.60
C ILE F 107 -18.09 39.12 9.94
N ILE F 108 -16.91 39.74 9.97
CA ILE F 108 -16.26 40.01 11.25
C ILE F 108 -16.86 41.24 11.91
N ASN F 109 -17.09 42.31 11.21
CA ASN F 109 -17.67 43.51 11.80
C ASN F 109 -19.14 43.28 12.16
N ASN F 110 -19.84 42.45 11.39
CA ASN F 110 -21.21 42.10 11.75
C ASN F 110 -21.25 41.23 13.00
N ALA F 111 -20.31 40.31 13.14
CA ALA F 111 -20.24 39.53 14.38
C ALA F 111 -19.76 40.39 15.54
N ARG F 112 -19.07 41.48 15.25
CA ARG F 112 -18.71 42.45 16.29
C ARG F 112 -19.96 43.16 16.81
N ASP F 113 -20.78 43.72 15.92
CA ASP F 113 -21.93 44.48 16.38
C ASP F 113 -23.10 43.57 16.77
N GLY F 114 -22.95 42.25 16.58
CA GLY F 114 -23.89 41.28 17.10
C GLY F 114 -24.58 40.42 16.07
N CYS F 115 -24.31 40.60 14.78
CA CYS F 115 -25.03 39.94 13.70
C CYS F 115 -24.29 38.67 13.29
N VAL F 116 -24.65 37.54 13.90
CA VAL F 116 -23.94 36.29 13.68
C VAL F 116 -24.84 35.31 12.92
N PRO F 117 -24.28 34.52 12.00
CA PRO F 117 -25.09 33.50 11.33
C PRO F 117 -25.29 32.28 12.21
N LEU F 118 -26.29 31.46 11.86
CA LEU F 118 -26.58 30.27 12.64
C LEU F 118 -25.98 29.03 11.99
N ASN F 119 -25.75 29.07 10.69
CA ASN F 119 -25.18 27.95 9.96
C ASN F 119 -24.05 28.44 9.06
N ILE F 120 -23.61 27.55 8.18
CA ILE F 120 -22.51 27.85 7.27
C ILE F 120 -23.01 28.76 6.16
N ILE F 121 -22.21 29.76 5.79
CA ILE F 121 -22.53 30.51 4.56
C ILE F 121 -22.36 29.59 3.37
N PRO F 122 -23.39 29.33 2.58
CA PRO F 122 -23.23 28.44 1.43
C PRO F 122 -22.56 29.14 0.25
N LEU F 123 -21.68 28.42 -0.45
CA LEU F 123 -21.06 28.98 -1.65
C LEU F 123 -22.03 28.90 -2.83
N THR F 124 -22.95 27.95 -2.79
CA THR F 124 -23.87 27.75 -3.90
C THR F 124 -25.00 28.77 -3.86
N THR F 125 -25.61 28.98 -5.02
CA THR F 125 -26.76 29.87 -5.10
C THR F 125 -28.05 29.09 -4.83
N ALA F 126 -29.10 29.85 -4.45
CA ALA F 126 -30.39 29.31 -3.99
C ALA F 126 -30.21 28.30 -2.86
N ALA F 127 -29.66 28.75 -1.74
CA ALA F 127 -29.42 27.90 -0.58
C ALA F 127 -29.74 28.67 0.69
N LYS F 128 -30.21 27.97 1.71
CA LYS F 128 -30.75 28.62 2.89
C LYS F 128 -29.64 29.17 3.78
N LEU F 129 -29.88 30.36 4.32
CA LEU F 129 -28.91 31.05 5.17
C LEU F 129 -29.65 31.66 6.35
N MET F 130 -29.14 31.42 7.56
CA MET F 130 -29.83 31.76 8.79
C MET F 130 -29.01 32.79 9.55
N VAL F 131 -29.34 34.06 9.37
CA VAL F 131 -28.62 35.16 10.01
C VAL F 131 -29.48 35.66 11.16
N VAL F 132 -28.85 36.23 12.18
CA VAL F 132 -29.53 36.81 13.33
C VAL F 132 -29.20 38.30 13.39
N ILE F 133 -30.22 39.14 13.43
CA ILE F 133 -30.05 40.59 13.55
C ILE F 133 -30.65 41.03 14.89
N PRO F 134 -29.86 41.57 15.81
CA PRO F 134 -30.37 41.87 17.16
C PRO F 134 -30.88 43.29 17.40
N ASP F 135 -30.67 44.22 16.48
CA ASP F 135 -31.15 45.59 16.68
C ASP F 135 -31.43 46.25 15.34
N TYR F 136 -32.08 47.42 15.40
CA TYR F 136 -32.68 48.00 14.21
C TYR F 136 -31.64 48.64 13.30
N ASN F 137 -30.58 49.22 13.88
CA ASN F 137 -29.54 49.83 13.06
C ASN F 137 -28.77 48.78 12.28
N THR F 138 -28.56 47.61 12.88
CA THR F 138 -27.96 46.48 12.17
C THR F 138 -28.86 46.02 11.03
N TYR F 139 -30.18 46.11 11.22
CA TYR F 139 -31.10 45.76 10.15
C TYR F 139 -31.02 46.77 9.00
N LYS F 140 -31.08 48.06 9.33
CA LYS F 140 -31.15 49.06 8.27
C LYS F 140 -29.81 49.27 7.58
N ASN F 141 -28.71 48.98 8.27
CA ASN F 141 -27.40 49.03 7.63
C ASN F 141 -27.06 47.75 6.89
N THR F 142 -27.95 46.77 6.90
CA THR F 142 -27.79 45.56 6.11
C THR F 142 -28.88 45.40 5.07
N CYS F 143 -30.14 45.63 5.45
CA CYS F 143 -31.29 45.38 4.58
C CYS F 143 -31.88 46.69 4.08
N ASP F 144 -32.28 46.68 2.81
CA ASP F 144 -33.03 47.78 2.21
C ASP F 144 -33.82 47.18 1.06
N GLY F 145 -35.13 47.04 1.24
CA GLY F 145 -35.95 46.33 0.28
C GLY F 145 -36.11 44.87 0.63
N THR F 146 -36.30 44.04 -0.39
CA THR F 146 -36.50 42.61 -0.20
C THR F 146 -35.18 41.85 -0.26
N THR F 147 -34.09 42.50 -0.66
CA THR F 147 -32.76 41.90 -0.65
C THR F 147 -31.90 42.59 0.39
N PHE F 148 -31.04 41.85 0.91
CA PHE F 148 -30.09 42.34 1.90
C PHE F 148 -28.70 41.81 1.60
N THR F 149 -27.69 42.58 1.97
CA THR F 149 -26.30 42.31 1.61
C THR F 149 -25.57 41.73 2.82
N TYR F 150 -24.92 40.59 2.62
CA TYR F 150 -24.14 39.92 3.64
C TYR F 150 -23.05 39.08 2.98
N ALA F 151 -21.84 39.16 3.54
CA ALA F 151 -20.65 38.46 3.06
C ALA F 151 -20.33 38.80 1.60
N SER F 152 -20.51 40.08 1.26
CA SER F 152 -20.31 40.63 -0.09
C SER F 152 -21.15 39.91 -1.15
N ALA F 153 -22.42 39.69 -0.84
CA ALA F 153 -23.33 39.09 -1.81
C ALA F 153 -24.74 39.63 -1.56
N LEU F 154 -25.57 39.53 -2.59
CA LEU F 154 -26.99 39.86 -2.48
C LEU F 154 -27.76 38.58 -2.15
N TRP F 155 -28.65 38.65 -1.18
CA TRP F 155 -29.41 37.50 -0.74
C TRP F 155 -30.90 37.80 -0.76
N GLU F 156 -31.71 36.78 -1.02
CA GLU F 156 -33.16 36.92 -1.11
C GLU F 156 -33.78 36.56 0.22
N ILE F 157 -34.50 37.50 0.83
CA ILE F 157 -35.23 37.23 2.07
C ILE F 157 -36.40 36.32 1.73
N GLN F 158 -36.49 35.19 2.43
CA GLN F 158 -37.67 34.34 2.32
C GLN F 158 -38.66 34.63 3.42
N GLN F 159 -38.17 34.82 4.65
CA GLN F 159 -39.00 35.22 5.78
C GLN F 159 -38.11 35.86 6.83
N VAL F 160 -38.71 36.20 7.96
CA VAL F 160 -38.00 36.49 9.19
C VAL F 160 -38.91 36.14 10.37
N VAL F 161 -38.40 35.31 11.27
CA VAL F 161 -39.18 34.73 12.35
C VAL F 161 -38.66 35.32 13.67
N ASP F 162 -39.42 35.14 14.74
CA ASP F 162 -39.13 35.80 16.00
C ASP F 162 -38.49 34.84 17.00
N ALA F 163 -37.94 35.42 18.07
CA ALA F 163 -37.55 34.64 19.24
C ALA F 163 -38.76 34.03 19.94
N ASP F 164 -39.91 34.69 19.87
CA ASP F 164 -41.17 34.15 20.35
C ASP F 164 -41.88 33.29 19.30
N SER F 165 -41.18 32.95 18.22
CA SER F 165 -41.61 31.96 17.20
C SER F 165 -42.93 32.35 16.54
N LYS F 166 -42.93 33.46 15.81
CA LYS F 166 -44.04 33.81 14.92
C LYS F 166 -43.50 34.53 13.69
N ILE F 167 -44.08 34.22 12.53
CA ILE F 167 -43.53 34.68 11.26
C ILE F 167 -43.92 36.13 11.02
N VAL F 168 -42.92 36.97 10.76
CA VAL F 168 -43.07 38.40 10.56
C VAL F 168 -42.73 38.69 9.10
N GLN F 169 -43.59 39.43 8.41
CA GLN F 169 -43.23 39.90 7.08
C GLN F 169 -42.57 41.27 7.15
N LEU F 170 -42.01 41.69 6.02
CA LEU F 170 -41.05 42.80 6.00
C LEU F 170 -41.73 44.14 6.27
N SER F 171 -43.04 44.22 6.03
CA SER F 171 -43.76 45.48 6.26
C SER F 171 -43.99 45.71 7.75
N GLU F 172 -43.95 44.64 8.56
CA GLU F 172 -44.29 44.77 9.97
C GLU F 172 -43.19 45.48 10.75
N ILE F 173 -41.93 45.19 10.43
CA ILE F 173 -40.85 45.83 11.17
C ILE F 173 -40.52 47.17 10.52
N SER F 174 -40.32 48.19 11.35
CA SER F 174 -40.17 49.56 10.88
C SER F 174 -39.44 50.37 11.93
N MET F 175 -39.53 51.68 11.80
CA MET F 175 -38.80 52.58 12.69
C MET F 175 -39.41 52.60 14.10
N ASP F 176 -40.73 52.76 14.19
CA ASP F 176 -41.35 53.03 15.48
C ASP F 176 -41.66 51.76 16.25
N ASN F 177 -42.13 50.72 15.56
CA ASN F 177 -42.50 49.47 16.21
C ASN F 177 -41.34 48.47 16.29
N SER F 178 -40.10 48.93 16.17
CA SER F 178 -38.97 48.05 16.47
C SER F 178 -38.74 47.80 17.96
N PRO F 179 -39.06 48.72 18.91
CA PRO F 179 -39.12 48.26 20.32
C PRO F 179 -40.31 47.37 20.61
N ASN F 180 -41.34 47.39 19.75
CA ASN F 180 -42.55 46.62 20.00
C ASN F 180 -42.30 45.12 19.84
N LEU F 181 -41.51 44.73 18.86
CA LEU F 181 -41.24 43.33 18.58
C LEU F 181 -40.02 42.85 19.35
N ALA F 182 -39.90 41.53 19.45
CA ALA F 182 -38.76 40.93 20.13
C ALA F 182 -37.51 41.05 19.27
N TRP F 183 -36.39 41.39 19.88
CA TRP F 183 -35.20 41.83 19.16
C TRP F 183 -34.39 40.78 18.40
N PRO F 184 -34.27 39.51 18.83
CA PRO F 184 -33.65 38.53 17.93
C PRO F 184 -34.52 38.24 16.73
N LEU F 185 -34.08 38.73 15.56
CA LEU F 185 -34.78 38.46 14.32
C LEU F 185 -33.91 37.54 13.48
N ILE F 186 -34.49 36.39 13.12
CA ILE F 186 -33.77 35.34 12.40
C ILE F 186 -34.24 35.36 10.95
N VAL F 187 -33.37 35.80 10.06
CA VAL F 187 -33.69 35.94 8.64
C VAL F 187 -33.28 34.67 7.92
N THR F 188 -34.24 34.05 7.23
CA THR F 188 -33.97 32.96 6.31
C THR F 188 -33.72 33.58 4.94
N ALA F 189 -32.62 33.18 4.30
CA ALA F 189 -32.14 33.89 3.13
C ALA F 189 -31.64 32.91 2.07
N LEU F 190 -31.98 33.20 0.82
CA LEU F 190 -31.49 32.43 -0.32
C LEU F 190 -30.59 33.31 -1.16
N ARG F 191 -29.59 32.68 -1.80
CA ARG F 191 -28.57 33.43 -2.51
C ARG F 191 -29.04 33.82 -3.90
N ALA F 192 -28.63 34.99 -4.35
CA ALA F 192 -28.97 35.46 -5.69
C ALA F 192 -28.13 34.73 -6.75
#